data_7TSN
#
_entry.id   7TSN
#
_cell.length_a   58.784
_cell.length_b   151.035
_cell.length_c   107.412
_cell.angle_alpha   90.000
_cell.angle_beta   90.660
_cell.angle_gamma   90.000
#
_symmetry.space_group_name_H-M   'P 1 21 1'
#
loop_
_entity.id
_entity.type
_entity.pdbx_description
1 polymer 'Nitric oxide synthase, endothelial'
2 non-polymer 'PROTOPORPHYRIN IX CONTAINING FE'
3 non-polymer 5,6,7,8-TETRAHYDROBIOPTERIN
4 non-polymer 6-[3-(3,3-difluoroazetidin-1-yl)prop-1-yn-1-yl]-4-methylpyridin-2-amine
5 non-polymer 2-[BIS-(2-HYDROXY-ETHYL)-AMINO]-2-HYDROXYMETHYL-PROPANE-1,3-DIOL
6 non-polymer GLYCEROL
7 non-polymer 'CHLORIDE ION'
8 non-polymer 'GADOLINIUM ATOM'
9 non-polymer 'ZINC ION'
10 water water
#
_entity_poly.entity_id   1
_entity_poly.type   'polypeptide(L)'
_entity_poly.pdbx_seq_one_letter_code
;APASLLPPAPEHSPPSSPLTQPPEGPKFPRVKNWEVGSITYDTLSAQAQQDGPCTPRRCLGSLVFPRKLQGRPSPGPPAP
EQLLSQARDFINQYYSSIKRSGSQAHEQRLQEVEAEVAATGTYQLRESELVFGAKQAWRNAPRCVGRIQWGKLQVFDARD
CRSAQEMFTYICNHIKYATNRGNLRSAITVFPQRCPGRGDFRIWNSQLVRYAGYRQQDGSVRGDPANVEITELCIQHGWT
PGNGRFDVLPLLLQAPDEPPELFLLPPELVLEVPLEHPTLEWFAALGLRWYALPAVSNMLLEIGGLEFPAAPFSGWYMST
EIGTRNLCDPHRYNILEDVAVCMDLDTRTTSSLWKDKAAVEINVAVLHSYQLAKVTIVDHHAATASFMKHLENEQKARGG
CPADWAWIVPPISGSLTPVFHQEMVNYFLSPAFRYQPDPW
;
_entity_poly.pdbx_strand_id   A,B,C,D
#
loop_
_chem_comp.id
_chem_comp.type
_chem_comp.name
_chem_comp.formula
BTB non-polymer 2-[BIS-(2-HYDROXY-ETHYL)-AMINO]-2-HYDROXYMETHYL-PROPANE-1,3-DIOL 'C8 H19 N O5'
CL non-polymer 'CHLORIDE ION' 'Cl -1'
GD non-polymer 'GADOLINIUM ATOM' Gd
GOL non-polymer GLYCEROL 'C3 H8 O3'
H4B non-polymer 5,6,7,8-TETRAHYDROBIOPTERIN 'C9 H15 N5 O3'
HEM non-polymer 'PROTOPORPHYRIN IX CONTAINING FE' 'C34 H32 Fe N4 O4'
K7U non-polymer 6-[3-(3,3-difluoroazetidin-1-yl)prop-1-yn-1-yl]-4-methylpyridin-2-amine 'C12 H13 F2 N3'
ZN non-polymer 'ZINC ION' 'Zn 2'
#
# COMPACT_ATOMS: atom_id res chain seq x y z
N LYS A 27 21.22 -39.38 25.72
CA LYS A 27 22.57 -38.85 25.51
C LYS A 27 22.78 -38.46 24.04
N PHE A 28 21.73 -38.59 23.24
CA PHE A 28 21.72 -38.03 21.89
C PHE A 28 20.65 -36.96 21.82
N PRO A 29 21.04 -35.68 21.79
CA PRO A 29 20.06 -34.60 21.97
C PRO A 29 18.94 -34.69 20.95
N ARG A 30 17.72 -34.82 21.46
CA ARG A 30 16.53 -34.66 20.65
C ARG A 30 16.49 -33.22 20.14
N VAL A 31 16.45 -33.06 18.82
CA VAL A 31 16.38 -31.77 18.14
C VAL A 31 15.04 -31.73 17.42
N LYS A 32 14.33 -30.63 17.60
CA LYS A 32 12.97 -30.52 17.09
C LYS A 32 12.89 -29.31 16.18
N ASN A 33 12.10 -29.42 15.13
CA ASN A 33 11.69 -28.25 14.37
C ASN A 33 10.25 -27.95 14.71
N TRP A 34 10.01 -26.75 15.25
CA TRP A 34 8.69 -26.36 15.73
C TRP A 34 7.77 -25.88 14.63
N GLU A 35 8.30 -25.60 13.44
CA GLU A 35 7.43 -25.25 12.32
C GLU A 35 6.73 -26.50 11.77
N VAL A 36 7.45 -27.61 11.71
CA VAL A 36 6.96 -28.82 11.06
C VAL A 36 6.59 -29.89 12.07
N GLY A 37 7.21 -29.90 13.24
CA GLY A 37 7.03 -30.97 14.20
C GLY A 37 8.01 -32.10 14.05
N SER A 38 8.92 -32.01 13.08
CA SER A 38 9.86 -33.08 12.83
C SER A 38 10.93 -33.14 13.91
N ILE A 39 11.39 -34.35 14.19
CA ILE A 39 12.33 -34.65 15.25
C ILE A 39 13.55 -35.34 14.65
N THR A 40 14.73 -34.94 15.11
CA THR A 40 15.95 -35.66 14.81
C THR A 40 16.78 -35.78 16.08
N TYR A 41 17.83 -36.58 16.00
CA TYR A 41 18.80 -36.73 17.07
C TYR A 41 20.19 -36.39 16.54
N ASP A 42 20.94 -35.61 17.32
CA ASP A 42 22.29 -35.22 16.92
C ASP A 42 23.24 -36.22 17.55
N THR A 43 23.55 -37.28 16.80
CA THR A 43 24.60 -38.22 17.18
C THR A 43 25.97 -37.66 16.91
N LEU A 44 26.08 -36.71 15.97
CA LEU A 44 27.38 -36.11 15.67
C LEU A 44 27.93 -35.33 16.86
N SER A 45 27.05 -34.76 17.70
CA SER A 45 27.49 -34.03 18.88
C SER A 45 28.42 -34.86 19.74
N ALA A 46 28.28 -36.19 19.69
CA ALA A 46 29.10 -37.10 20.47
C ALA A 46 30.60 -36.97 20.20
N GLN A 47 31.01 -36.23 19.17
CA GLN A 47 32.43 -36.13 18.86
C GLN A 47 33.11 -34.95 19.56
N ALA A 48 32.41 -33.84 19.73
CA ALA A 48 32.92 -32.55 20.22
C ALA A 48 34.37 -32.59 20.73
N GLN A 49 35.32 -32.22 19.87
CA GLN A 49 36.73 -32.35 20.22
C GLN A 49 37.15 -31.29 21.25
N GLN A 50 36.87 -30.02 20.98
CA GLN A 50 37.12 -29.00 21.97
C GLN A 50 35.90 -28.85 22.88
N ASP A 51 36.05 -28.05 23.92
CA ASP A 51 34.96 -27.83 24.87
C ASP A 51 34.43 -26.41 24.73
N GLY A 52 33.12 -26.31 24.58
CA GLY A 52 32.48 -25.03 24.54
C GLY A 52 32.40 -24.39 25.92
N PRO A 53 31.78 -23.21 25.96
CA PRO A 53 31.79 -22.39 27.18
C PRO A 53 30.65 -22.63 28.15
N CYS A 54 29.77 -23.60 27.88
CA CYS A 54 28.59 -23.82 28.70
C CYS A 54 28.80 -24.97 29.67
N THR A 55 28.23 -24.84 30.86
CA THR A 55 28.16 -25.88 31.86
C THR A 55 26.70 -26.14 32.21
N PRO A 56 26.39 -27.28 32.85
CA PRO A 56 25.02 -27.50 33.33
C PRO A 56 24.46 -26.37 34.18
N ARG A 57 25.35 -25.49 34.65
CA ARG A 57 24.99 -24.45 35.60
C ARG A 57 24.64 -23.13 34.93
N ARG A 58 25.19 -22.87 33.74
CA ARG A 58 24.95 -21.61 33.07
C ARG A 58 25.22 -21.78 31.58
N CYS A 59 24.36 -21.21 30.74
CA CYS A 59 24.57 -21.24 29.30
C CYS A 59 25.27 -19.96 28.86
N LEU A 60 26.40 -20.12 28.18
CA LEU A 60 27.16 -18.99 27.67
C LEU A 60 27.13 -18.95 26.14
N GLY A 61 26.10 -19.55 25.53
CA GLY A 61 26.02 -19.68 24.09
C GLY A 61 25.86 -18.37 23.34
N SER A 62 25.49 -17.30 24.04
CA SER A 62 25.32 -16.00 23.40
C SER A 62 26.58 -15.15 23.43
N LEU A 63 27.67 -15.67 23.97
CA LEU A 63 28.91 -14.90 24.05
C LEU A 63 29.64 -14.99 22.71
N VAL A 64 30.13 -13.85 22.22
CA VAL A 64 30.78 -13.84 20.90
C VAL A 64 32.06 -14.67 20.94
N PHE A 65 33.03 -14.26 21.76
CA PHE A 65 34.27 -15.00 21.97
C PHE A 65 34.19 -15.71 23.32
N PRO A 66 33.70 -16.95 23.39
CA PRO A 66 33.36 -17.74 24.58
C PRO A 66 34.16 -17.42 25.85
N PRO A 80 54.12 -31.75 23.88
CA PRO A 80 54.28 -31.52 22.44
C PRO A 80 53.46 -32.47 21.55
N GLU A 81 53.67 -33.78 21.71
CA GLU A 81 53.06 -34.78 20.84
C GLU A 81 51.60 -35.05 21.16
N GLN A 82 50.90 -34.02 21.64
CA GLN A 82 49.45 -33.99 21.49
C GLN A 82 49.06 -33.81 20.03
N LEU A 83 50.00 -33.30 19.21
CA LEU A 83 49.75 -33.06 17.79
C LEU A 83 49.40 -34.34 17.05
N LEU A 84 49.87 -35.49 17.54
CA LEU A 84 49.63 -36.76 16.85
C LEU A 84 48.18 -37.21 17.00
N SER A 85 47.54 -36.90 18.14
CA SER A 85 46.14 -37.28 18.33
C SER A 85 45.24 -36.57 17.33
N GLN A 86 45.44 -35.25 17.16
CA GLN A 86 44.66 -34.50 16.20
C GLN A 86 45.03 -34.89 14.77
N ALA A 87 46.29 -35.26 14.53
CA ALA A 87 46.71 -35.66 13.19
C ALA A 87 46.15 -37.04 12.83
N ARG A 88 46.29 -38.01 13.74
CA ARG A 88 45.68 -39.32 13.53
C ARG A 88 44.21 -39.17 13.21
N ASP A 89 43.48 -38.42 14.05
CA ASP A 89 42.04 -38.27 13.89
C ASP A 89 41.70 -37.66 12.54
N PHE A 90 42.39 -36.58 12.16
CA PHE A 90 42.08 -35.92 10.90
C PHE A 90 42.31 -36.87 9.73
N ILE A 91 43.47 -37.55 9.70
CA ILE A 91 43.75 -38.47 8.60
C ILE A 91 42.70 -39.56 8.55
N ASN A 92 42.22 -40.00 9.73
CA ASN A 92 41.20 -41.04 9.79
C ASN A 92 39.88 -40.56 9.20
N GLN A 93 39.52 -39.30 9.45
CA GLN A 93 38.39 -38.70 8.76
C GLN A 93 38.57 -38.75 7.25
N TYR A 94 39.68 -38.15 6.78
CA TYR A 94 39.97 -38.06 5.35
C TYR A 94 39.71 -39.38 4.63
N TYR A 95 40.23 -40.48 5.17
CA TYR A 95 40.15 -41.74 4.45
C TYR A 95 38.77 -42.37 4.54
N SER A 96 38.05 -42.13 5.63
CA SER A 96 36.66 -42.57 5.69
C SER A 96 35.82 -41.84 4.65
N SER A 97 36.10 -40.55 4.43
CA SER A 97 35.31 -39.73 3.50
C SER A 97 35.56 -40.08 2.05
N ILE A 98 36.66 -40.74 1.73
CA ILE A 98 36.86 -41.20 0.36
C ILE A 98 36.67 -42.72 0.34
N LYS A 99 35.89 -43.22 1.30
CA LYS A 99 35.55 -44.65 1.40
C LYS A 99 36.81 -45.50 1.43
N ARG A 100 37.81 -45.03 2.15
CA ARG A 100 39.10 -45.70 2.25
C ARG A 100 39.47 -45.95 3.70
N SER A 101 38.47 -46.32 4.51
CA SER A 101 38.73 -46.73 5.88
C SER A 101 39.56 -48.01 5.88
N GLY A 102 40.62 -48.01 6.69
CA GLY A 102 41.46 -49.17 6.89
C GLY A 102 41.91 -49.89 5.63
N SER A 103 42.67 -49.20 4.78
CA SER A 103 43.16 -49.80 3.54
C SER A 103 44.26 -48.97 2.89
N GLN A 104 45.35 -49.65 2.53
CA GLN A 104 46.35 -49.14 1.58
C GLN A 104 46.98 -47.87 2.13
N ALA A 105 46.84 -46.71 1.48
CA ALA A 105 47.52 -45.50 1.89
C ALA A 105 47.02 -44.96 3.22
N HIS A 106 45.90 -45.47 3.73
CA HIS A 106 45.47 -45.12 5.07
C HIS A 106 46.55 -45.50 6.07
N GLU A 107 46.82 -46.80 6.20
CA GLU A 107 47.92 -47.25 7.03
C GLU A 107 49.20 -46.49 6.70
N GLN A 108 49.51 -46.40 5.40
CA GLN A 108 50.74 -45.75 4.97
C GLN A 108 50.80 -44.31 5.47
N ARG A 109 49.82 -43.48 5.09
CA ARG A 109 49.83 -42.09 5.48
C ARG A 109 49.84 -41.93 7.00
N LEU A 110 49.28 -42.90 7.73
CA LEU A 110 49.40 -42.89 9.18
C LEU A 110 50.85 -43.02 9.62
N GLN A 111 51.66 -43.74 8.85
CA GLN A 111 53.07 -43.90 9.22
C GLN A 111 53.85 -42.62 8.93
N GLU A 112 53.62 -42.00 7.78
CA GLU A 112 54.44 -40.86 7.40
C GLU A 112 54.18 -39.66 8.31
N VAL A 113 52.96 -39.49 8.82
CA VAL A 113 52.75 -38.47 9.84
C VAL A 113 53.44 -38.87 11.14
N GLU A 114 53.29 -40.14 11.55
CA GLU A 114 54.08 -40.67 12.66
C GLU A 114 55.54 -40.29 12.51
N ALA A 115 56.13 -40.66 11.35
CA ALA A 115 57.56 -40.43 11.15
C ALA A 115 57.89 -38.95 11.04
N GLU A 116 57.03 -38.18 10.36
CA GLU A 116 57.28 -36.74 10.22
C GLU A 116 57.34 -36.05 11.58
N VAL A 117 56.34 -36.30 12.43
CA VAL A 117 56.35 -35.73 13.78
C VAL A 117 57.52 -36.29 14.57
N ALA A 118 57.72 -37.62 14.51
CA ALA A 118 58.86 -38.23 15.18
C ALA A 118 60.17 -37.52 14.82
N ALA A 119 60.40 -37.30 13.53
CA ALA A 119 61.65 -36.68 13.11
C ALA A 119 61.68 -35.19 13.38
N THR A 120 60.65 -34.46 12.91
CA THR A 120 60.69 -33.00 12.86
C THR A 120 59.82 -32.31 13.90
N GLY A 121 58.91 -33.03 14.56
CA GLY A 121 58.05 -32.43 15.56
C GLY A 121 56.81 -31.77 15.02
N THR A 122 56.36 -32.17 13.84
CA THR A 122 55.23 -31.57 13.13
C THR A 122 54.98 -32.38 11.88
N TYR A 123 54.23 -31.86 10.93
CA TYR A 123 54.07 -32.55 9.66
C TYR A 123 53.48 -31.60 8.64
N GLN A 124 53.66 -31.95 7.36
CA GLN A 124 53.03 -31.26 6.26
C GLN A 124 51.86 -32.08 5.75
N LEU A 125 50.74 -31.42 5.47
CA LEU A 125 49.57 -32.10 4.95
C LEU A 125 49.72 -32.42 3.46
N ARG A 126 49.41 -33.67 3.08
CA ARG A 126 49.15 -33.99 1.69
C ARG A 126 48.15 -32.99 1.11
N GLU A 127 48.45 -32.51 -0.09
CA GLU A 127 47.67 -31.44 -0.73
C GLU A 127 46.17 -31.67 -0.66
N SER A 128 45.72 -32.90 -0.90
CA SER A 128 44.30 -33.18 -0.86
C SER A 128 43.76 -33.07 0.56
N GLU A 129 44.57 -33.44 1.54
CA GLU A 129 44.17 -33.26 2.94
C GLU A 129 43.99 -31.79 3.27
N LEU A 130 44.93 -30.94 2.88
CA LEU A 130 44.79 -29.51 3.08
C LEU A 130 43.48 -29.02 2.49
N VAL A 131 43.07 -29.63 1.38
CA VAL A 131 41.82 -29.28 0.70
C VAL A 131 40.62 -29.86 1.45
N PHE A 132 40.71 -31.11 1.88
CA PHE A 132 39.59 -31.75 2.56
C PHE A 132 39.40 -31.19 3.97
N GLY A 133 40.49 -30.79 4.63
CA GLY A 133 40.37 -30.15 5.92
C GLY A 133 39.82 -28.74 5.81
N ALA A 134 40.25 -28.00 4.78
CA ALA A 134 39.70 -26.67 4.55
C ALA A 134 38.19 -26.73 4.42
N LYS A 135 37.69 -27.71 3.67
CA LYS A 135 36.25 -27.82 3.46
C LYS A 135 35.53 -28.23 4.74
N GLN A 136 36.09 -29.20 5.47
CA GLN A 136 35.47 -29.64 6.72
C GLN A 136 35.44 -28.52 7.75
N ALA A 137 36.51 -27.73 7.84
CA ALA A 137 36.50 -26.60 8.76
C ALA A 137 35.34 -25.68 8.45
N TRP A 138 35.13 -25.38 7.16
CA TRP A 138 33.94 -24.61 6.78
C TRP A 138 32.67 -25.38 7.10
N ARG A 139 32.64 -26.67 6.78
CA ARG A 139 31.49 -27.51 7.08
C ARG A 139 31.17 -27.49 8.57
N ASN A 140 32.19 -27.29 9.40
CA ASN A 140 32.09 -27.38 10.85
C ASN A 140 31.80 -26.04 11.53
N ALA A 141 31.92 -24.92 10.81
CA ALA A 141 31.75 -23.60 11.39
C ALA A 141 30.32 -23.39 11.87
N PRO A 142 30.04 -23.43 13.18
CA PRO A 142 28.65 -23.39 13.64
C PRO A 142 27.94 -22.09 13.29
N ARG A 143 28.68 -21.01 13.15
CA ARG A 143 28.08 -19.69 12.93
C ARG A 143 27.86 -19.38 11.46
N CYS A 144 28.31 -20.23 10.54
CA CYS A 144 28.16 -19.97 9.12
C CYS A 144 26.83 -20.53 8.63
N VAL A 145 25.95 -19.63 8.17
CA VAL A 145 24.68 -20.01 7.57
C VAL A 145 24.80 -20.49 6.13
N GLY A 146 25.96 -20.26 5.49
CA GLY A 146 26.11 -20.56 4.07
C GLY A 146 26.79 -21.87 3.75
N ARG A 147 26.74 -22.82 4.68
CA ARG A 147 27.51 -24.06 4.57
C ARG A 147 26.90 -25.05 3.59
N ILE A 148 25.70 -24.82 3.06
CA ILE A 148 25.23 -25.65 1.97
C ILE A 148 26.24 -25.63 0.82
N GLN A 149 27.08 -24.60 0.76
CA GLN A 149 28.15 -24.46 -0.21
C GLN A 149 29.45 -25.10 0.24
N TRP A 150 29.47 -25.81 1.38
CA TRP A 150 30.74 -26.22 1.95
C TRP A 150 31.56 -27.08 0.99
N GLY A 151 30.94 -27.73 0.02
CA GLY A 151 31.67 -28.65 -0.85
C GLY A 151 32.34 -28.01 -2.04
N LYS A 152 31.91 -26.82 -2.42
CA LYS A 152 32.50 -26.04 -3.51
C LYS A 152 33.37 -24.97 -2.88
N LEU A 153 34.65 -25.27 -2.73
CA LEU A 153 35.63 -24.32 -2.20
C LEU A 153 36.94 -24.44 -2.96
N GLN A 154 37.52 -23.30 -3.30
CA GLN A 154 38.79 -23.21 -3.99
C GLN A 154 39.90 -22.96 -2.98
N VAL A 155 40.79 -23.93 -2.81
CA VAL A 155 41.88 -23.84 -1.84
C VAL A 155 43.17 -23.47 -2.57
N PHE A 156 43.61 -22.22 -2.40
CA PHE A 156 44.91 -21.79 -2.92
C PHE A 156 45.99 -22.12 -1.88
N ASP A 157 46.89 -23.01 -2.24
CA ASP A 157 47.95 -23.45 -1.34
C ASP A 157 49.10 -22.44 -1.40
N ALA A 158 49.22 -21.63 -0.36
CA ALA A 158 50.31 -20.66 -0.21
C ALA A 158 51.32 -21.11 0.83
N ARG A 159 51.40 -22.41 1.11
CA ARG A 159 52.26 -22.89 2.20
C ARG A 159 53.73 -22.62 1.94
N ASP A 160 54.15 -22.48 0.69
CA ASP A 160 55.54 -22.10 0.41
C ASP A 160 55.71 -20.59 0.35
N CYS A 161 55.02 -19.85 1.22
CA CYS A 161 55.10 -18.40 1.23
C CYS A 161 56.24 -17.93 2.12
N ARG A 162 56.81 -16.78 1.76
CA ARG A 162 57.84 -16.15 2.58
C ARG A 162 57.88 -14.67 2.18
N SER A 163 57.55 -13.80 3.13
CA SER A 163 57.56 -12.34 3.07
C SER A 163 56.17 -11.77 2.79
N ALA A 164 55.93 -10.54 3.27
CA ALA A 164 54.67 -9.86 3.06
C ALA A 164 54.45 -9.49 1.59
N GLN A 165 55.52 -9.36 0.81
CA GLN A 165 55.34 -9.17 -0.62
C GLN A 165 54.83 -10.45 -1.28
N GLU A 166 55.19 -11.61 -0.73
CA GLU A 166 54.64 -12.87 -1.24
C GLU A 166 53.18 -13.01 -0.86
N MET A 167 52.84 -12.72 0.39
CA MET A 167 51.44 -12.75 0.81
C MET A 167 50.59 -11.86 -0.09
N PHE A 168 51.01 -10.62 -0.28
CA PHE A 168 50.19 -9.64 -0.98
C PHE A 168 49.72 -10.16 -2.33
N THR A 169 50.61 -10.82 -3.08
CA THR A 169 50.19 -11.36 -4.38
C THR A 169 49.38 -12.63 -4.23
N TYR A 170 49.67 -13.45 -3.23
CA TYR A 170 48.78 -14.57 -2.91
C TYR A 170 47.38 -14.05 -2.57
N ILE A 171 47.32 -12.98 -1.78
CA ILE A 171 46.06 -12.39 -1.39
C ILE A 171 45.41 -11.73 -2.60
N CYS A 172 46.21 -11.03 -3.41
CA CYS A 172 45.68 -10.38 -4.60
C CYS A 172 45.18 -11.39 -5.60
N ASN A 173 45.79 -12.58 -5.65
CA ASN A 173 45.29 -13.62 -6.54
C ASN A 173 43.94 -14.12 -6.07
N HIS A 174 43.86 -14.52 -4.80
CA HIS A 174 42.62 -14.81 -4.12
C HIS A 174 41.54 -13.80 -4.46
N ILE A 175 41.71 -12.57 -3.97
CA ILE A 175 40.78 -11.47 -4.15
C ILE A 175 40.27 -11.42 -5.59
N LYS A 176 41.18 -11.32 -6.55
CA LYS A 176 40.71 -11.20 -7.92
C LYS A 176 40.05 -12.49 -8.40
N TYR A 177 40.59 -13.66 -8.03
CA TYR A 177 39.92 -14.91 -8.37
C TYR A 177 38.54 -14.95 -7.73
N ALA A 178 38.47 -14.65 -6.44
CA ALA A 178 37.20 -14.73 -5.73
C ALA A 178 36.20 -13.71 -6.24
N THR A 179 36.65 -12.46 -6.41
CA THR A 179 35.77 -11.42 -6.94
C THR A 179 35.23 -11.81 -8.31
N ASN A 180 36.12 -12.20 -9.24
CA ASN A 180 35.73 -12.80 -10.50
C ASN A 180 34.67 -11.97 -11.21
N ARG A 181 34.91 -10.66 -11.29
CA ARG A 181 34.02 -9.71 -11.94
C ARG A 181 32.64 -9.65 -11.31
N GLY A 182 32.51 -10.03 -10.03
CA GLY A 182 31.25 -10.02 -9.33
C GLY A 182 30.59 -11.37 -9.22
N ASN A 183 30.97 -12.33 -10.07
CA ASN A 183 30.48 -13.70 -9.98
C ASN A 183 31.30 -14.41 -8.91
N LEU A 184 30.95 -14.15 -7.65
CA LEU A 184 31.84 -14.50 -6.55
C LEU A 184 32.04 -16.01 -6.43
N ARG A 185 33.24 -16.39 -6.03
CA ARG A 185 33.62 -17.79 -5.91
C ARG A 185 34.30 -17.98 -4.57
N SER A 186 33.78 -18.91 -3.77
CA SER A 186 34.36 -19.24 -2.48
C SER A 186 35.81 -19.68 -2.64
N ALA A 187 36.69 -19.08 -1.84
CA ALA A 187 38.10 -19.37 -1.93
C ALA A 187 38.72 -19.25 -0.54
N ILE A 188 39.81 -20.00 -0.33
CA ILE A 188 40.64 -19.85 0.86
C ILE A 188 42.09 -19.99 0.43
N THR A 189 42.92 -19.03 0.81
CA THR A 189 44.36 -19.09 0.62
C THR A 189 44.98 -19.51 1.94
N VAL A 190 45.71 -20.62 1.93
CA VAL A 190 46.28 -21.18 3.15
C VAL A 190 47.77 -20.83 3.16
N PHE A 191 48.15 -19.96 4.08
CA PHE A 191 49.54 -19.54 4.23
C PHE A 191 50.26 -20.55 5.12
N PRO A 192 51.59 -20.41 5.28
CA PRO A 192 52.35 -21.47 5.94
C PRO A 192 51.88 -21.71 7.37
N GLN A 193 51.87 -22.99 7.75
CA GLN A 193 51.47 -23.38 9.10
C GLN A 193 52.43 -22.82 10.14
N ARG A 194 52.13 -23.05 11.41
CA ARG A 194 52.88 -22.48 12.52
C ARG A 194 53.88 -23.51 13.04
N CYS A 195 55.08 -23.03 13.34
CA CYS A 195 56.12 -23.84 13.96
C CYS A 195 56.79 -23.03 15.06
N PRO A 196 57.40 -23.70 16.04
CA PRO A 196 58.10 -22.96 17.10
C PRO A 196 59.38 -22.34 16.57
N GLY A 197 59.94 -21.45 17.38
CA GLY A 197 61.21 -20.81 17.07
C GLY A 197 61.12 -19.72 16.02
N ARG A 198 60.11 -19.83 15.16
CA ARG A 198 59.84 -18.89 14.09
C ARG A 198 58.66 -18.01 14.49
N GLY A 199 58.54 -16.86 13.82
CA GLY A 199 57.40 -15.98 14.01
C GLY A 199 56.09 -16.57 13.54
N ASP A 200 55.31 -15.79 12.79
CA ASP A 200 53.97 -16.21 12.40
C ASP A 200 53.49 -15.37 11.23
N PHE A 201 52.85 -16.03 10.27
CA PHE A 201 52.11 -15.30 9.24
C PHE A 201 50.78 -14.85 9.82
N ARG A 202 50.50 -13.55 9.70
CA ARG A 202 49.26 -12.97 10.21
C ARG A 202 48.83 -11.83 9.30
N ILE A 203 47.55 -11.80 8.93
CA ILE A 203 46.97 -10.61 8.33
C ILE A 203 46.38 -9.78 9.46
N TRP A 204 46.85 -8.54 9.59
CA TRP A 204 46.46 -7.72 10.74
C TRP A 204 45.02 -7.24 10.63
N ASN A 205 44.49 -7.14 9.41
CA ASN A 205 43.11 -6.74 9.22
C ASN A 205 42.18 -7.93 9.44
N SER A 206 40.99 -7.62 9.95
CA SER A 206 39.97 -8.66 10.15
C SER A 206 39.45 -9.19 8.82
N GLN A 207 39.34 -8.31 7.83
CA GLN A 207 38.97 -8.69 6.49
C GLN A 207 40.00 -8.15 5.51
N LEU A 208 39.99 -8.71 4.29
CA LEU A 208 40.85 -8.18 3.25
C LEU A 208 40.34 -6.82 2.78
N VAL A 209 39.04 -6.63 2.74
CA VAL A 209 38.45 -5.34 2.41
C VAL A 209 37.76 -4.82 3.66
N ARG A 210 38.29 -3.73 4.21
CA ARG A 210 37.70 -3.02 5.33
C ARG A 210 37.73 -1.53 5.02
N TYR A 211 36.69 -0.84 5.46
CA TYR A 211 36.63 0.61 5.27
C TYR A 211 37.29 1.32 6.45
N ALA A 212 37.74 2.53 6.19
CA ALA A 212 38.43 3.31 7.21
C ALA A 212 37.45 3.83 8.25
N GLY A 213 37.99 4.11 9.45
CA GLY A 213 37.25 4.79 10.49
C GLY A 213 38.13 5.78 11.22
N TYR A 214 37.87 7.07 11.06
CA TYR A 214 38.71 8.13 11.61
C TYR A 214 37.97 8.88 12.69
N ARG A 215 38.66 9.15 13.80
CA ARG A 215 38.08 9.96 14.88
C ARG A 215 38.17 11.44 14.53
N GLN A 216 37.77 12.31 15.44
CA GLN A 216 37.56 13.71 15.10
C GLN A 216 37.98 14.65 16.23
N GLN A 217 37.89 15.95 15.93
CA GLN A 217 37.93 16.99 16.95
C GLN A 217 36.78 16.88 17.93
N ASP A 218 35.81 15.99 17.67
CA ASP A 218 34.71 15.73 18.60
C ASP A 218 34.56 14.24 18.90
N GLY A 219 35.63 13.45 18.75
CA GLY A 219 35.60 12.07 19.18
C GLY A 219 34.89 11.10 18.26
N SER A 220 33.77 11.49 17.65
CA SER A 220 33.00 10.58 16.81
C SER A 220 33.83 10.16 15.59
N VAL A 221 33.31 9.16 14.88
CA VAL A 221 34.05 8.49 13.81
C VAL A 221 33.39 8.78 12.47
N ARG A 222 34.20 9.26 11.52
CA ARG A 222 33.86 9.22 10.10
C ARG A 222 34.37 7.91 9.53
N GLY A 223 33.52 7.26 8.73
CA GLY A 223 33.81 5.92 8.22
C GLY A 223 33.28 4.81 9.12
N ASP A 224 33.99 3.69 9.16
CA ASP A 224 33.53 2.49 9.83
C ASP A 224 34.14 2.40 11.21
N PRO A 225 33.33 2.45 12.28
CA PRO A 225 33.90 2.37 13.63
C PRO A 225 34.38 0.98 14.03
N ALA A 226 33.98 -0.08 13.32
CA ALA A 226 34.51 -1.40 13.66
C ALA A 226 36.01 -1.51 13.40
N ASN A 227 36.59 -0.58 12.67
CA ASN A 227 37.96 -0.71 12.17
C ASN A 227 38.91 0.30 12.77
N VAL A 228 38.43 1.51 13.09
CA VAL A 228 39.05 2.51 13.96
C VAL A 228 40.43 2.12 14.51
N GLU A 229 40.52 0.94 15.11
CA GLU A 229 41.80 0.43 15.61
C GLU A 229 42.76 0.14 14.46
N ILE A 230 42.40 -0.79 13.58
CA ILE A 230 43.28 -1.14 12.47
C ILE A 230 43.48 0.06 11.55
N THR A 231 42.50 0.96 11.50
CA THR A 231 42.67 2.21 10.76
C THR A 231 43.81 3.05 11.34
N GLU A 232 43.92 3.09 12.68
CA GLU A 232 44.98 3.89 13.28
C GLU A 232 46.34 3.21 13.13
N LEU A 233 46.39 1.88 13.14
CA LEU A 233 47.66 1.20 12.91
C LEU A 233 48.15 1.41 11.48
N CYS A 234 47.24 1.43 10.51
CA CYS A 234 47.63 1.72 9.13
C CYS A 234 48.25 3.11 9.02
N ILE A 235 47.60 4.10 9.64
CA ILE A 235 48.17 5.45 9.66
C ILE A 235 49.47 5.46 10.45
N GLN A 236 49.55 4.65 11.51
CA GLN A 236 50.77 4.55 12.30
C GLN A 236 51.94 4.11 11.43
N HIS A 237 51.74 3.08 10.59
CA HIS A 237 52.78 2.55 9.72
C HIS A 237 52.88 3.27 8.39
N GLY A 238 52.56 4.56 8.36
CA GLY A 238 52.80 5.38 7.19
C GLY A 238 51.81 5.22 6.05
N TRP A 239 50.54 5.48 6.32
CA TRP A 239 49.51 5.54 5.28
C TRP A 239 48.87 6.92 5.29
N THR A 240 48.75 7.51 4.10
CA THR A 240 48.06 8.77 3.95
C THR A 240 46.57 8.57 4.22
N PRO A 241 46.04 9.09 5.33
CA PRO A 241 44.60 8.86 5.62
C PRO A 241 43.73 9.64 4.65
N GLY A 242 42.84 8.94 3.97
CA GLY A 242 41.81 9.60 3.20
C GLY A 242 40.88 10.39 4.09
N ASN A 243 40.01 11.17 3.46
CA ASN A 243 39.02 11.91 4.24
C ASN A 243 37.71 11.15 4.39
N GLY A 244 37.41 10.21 3.49
CA GLY A 244 36.05 9.76 3.28
C GLY A 244 35.51 8.76 4.29
N ARG A 245 34.20 8.52 4.15
CA ARG A 245 33.46 7.57 4.97
C ARG A 245 33.52 6.14 4.42
N PHE A 246 34.20 5.93 3.29
CA PHE A 246 34.37 4.60 2.71
C PHE A 246 35.73 4.49 2.03
N ASP A 247 36.79 4.99 2.66
CA ASP A 247 38.13 4.74 2.16
C ASP A 247 38.50 3.29 2.45
N VAL A 248 38.88 2.55 1.42
CA VAL A 248 39.30 1.17 1.61
C VAL A 248 40.61 1.13 2.36
N LEU A 249 40.64 0.38 3.45
CA LEU A 249 41.85 0.32 4.25
C LEU A 249 42.92 -0.49 3.52
N PRO A 250 44.17 -0.08 3.60
CA PRO A 250 45.27 -0.93 3.13
C PRO A 250 45.39 -2.20 3.93
N LEU A 251 46.40 -3.00 3.62
CA LEU A 251 46.63 -4.28 4.25
C LEU A 251 47.91 -4.22 5.06
N LEU A 252 47.84 -4.59 6.33
CA LEU A 252 49.03 -4.78 7.14
C LEU A 252 49.38 -6.26 7.08
N LEU A 253 50.41 -6.59 6.31
CA LEU A 253 50.82 -7.98 6.12
C LEU A 253 52.11 -8.25 6.89
N GLN A 254 52.16 -9.40 7.55
CA GLN A 254 53.18 -9.69 8.56
C GLN A 254 53.82 -11.04 8.25
N ALA A 255 55.05 -11.00 7.74
CA ALA A 255 55.84 -12.21 7.62
C ALA A 255 56.51 -12.53 8.95
N PRO A 256 56.83 -13.80 9.21
CA PRO A 256 57.35 -14.19 10.53
C PRO A 256 58.52 -13.33 10.99
N ASP A 257 58.43 -12.85 12.24
CA ASP A 257 59.49 -12.13 12.93
C ASP A 257 59.86 -10.82 12.24
N GLU A 258 58.94 -10.28 11.45
CA GLU A 258 59.15 -8.99 10.82
C GLU A 258 57.98 -8.07 11.16
N PRO A 259 58.23 -6.77 11.31
CA PRO A 259 57.12 -5.84 11.47
C PRO A 259 56.22 -5.90 10.26
N PRO A 260 54.95 -5.54 10.41
CA PRO A 260 54.05 -5.58 9.25
C PRO A 260 54.49 -4.58 8.20
N GLU A 261 54.04 -4.81 6.97
CA GLU A 261 54.29 -3.90 5.87
C GLU A 261 52.94 -3.48 5.29
N LEU A 262 52.76 -2.18 5.09
CA LEU A 262 51.55 -1.69 4.47
C LEU A 262 51.52 -2.01 2.99
N PHE A 263 50.33 -2.32 2.48
CA PHE A 263 50.15 -2.63 1.07
C PHE A 263 48.88 -1.95 0.58
N LEU A 264 49.01 -1.16 -0.49
CA LEU A 264 47.86 -0.53 -1.12
C LEU A 264 47.20 -1.53 -2.05
N LEU A 265 45.96 -1.89 -1.74
CA LEU A 265 45.25 -2.83 -2.61
C LEU A 265 44.95 -2.15 -3.94
N PRO A 266 45.11 -2.85 -5.06
CA PRO A 266 44.80 -2.27 -6.36
C PRO A 266 43.34 -1.86 -6.43
N PRO A 267 43.06 -0.57 -6.69
CA PRO A 267 41.66 -0.11 -6.66
C PRO A 267 40.75 -0.84 -7.63
N GLU A 268 41.24 -1.21 -8.81
CA GLU A 268 40.43 -2.01 -9.73
C GLU A 268 40.23 -3.44 -9.23
N LEU A 269 41.01 -3.87 -8.23
CA LEU A 269 40.82 -5.18 -7.63
C LEU A 269 39.77 -5.19 -6.54
N VAL A 270 39.44 -4.03 -5.98
CA VAL A 270 38.49 -3.95 -4.87
C VAL A 270 37.13 -3.69 -5.48
N LEU A 271 36.37 -4.75 -5.71
CA LEU A 271 35.07 -4.58 -6.31
C LEU A 271 34.09 -4.05 -5.27
N GLU A 272 33.50 -2.90 -5.55
CA GLU A 272 32.56 -2.26 -4.67
C GLU A 272 31.26 -2.00 -5.41
N VAL A 273 30.20 -1.85 -4.64
CA VAL A 273 28.86 -1.65 -5.14
C VAL A 273 28.32 -0.36 -4.54
N PRO A 274 28.15 0.69 -5.32
CA PRO A 274 27.40 1.85 -4.81
C PRO A 274 25.98 1.42 -4.52
N LEU A 275 25.43 1.95 -3.44
CA LEU A 275 24.12 1.53 -2.99
C LEU A 275 23.07 2.51 -3.51
N GLU A 276 22.06 1.98 -4.17
CA GLU A 276 20.89 2.76 -4.54
C GLU A 276 19.66 1.91 -4.27
N HIS A 277 18.51 2.55 -4.28
CA HIS A 277 17.26 1.87 -3.96
C HIS A 277 16.38 1.83 -5.20
N PRO A 278 15.68 0.72 -5.46
CA PRO A 278 14.87 0.64 -6.70
C PRO A 278 13.88 1.77 -6.86
N THR A 279 13.26 2.24 -5.78
CA THR A 279 12.19 3.22 -5.90
C THR A 279 12.45 4.49 -5.10
N LEU A 280 13.43 4.49 -4.21
CA LEU A 280 13.75 5.63 -3.35
C LEU A 280 14.91 6.36 -4.02
N GLU A 281 14.56 7.32 -4.87
CA GLU A 281 15.53 7.96 -5.75
C GLU A 281 16.65 8.62 -4.96
N TRP A 282 16.36 9.19 -3.80
CA TRP A 282 17.37 9.87 -3.00
C TRP A 282 18.36 8.93 -2.31
N PHE A 283 18.10 7.62 -2.28
CA PHE A 283 18.98 6.73 -1.53
C PHE A 283 20.41 6.77 -2.06
N ALA A 284 20.55 6.69 -3.38
CA ALA A 284 21.87 6.85 -4.00
C ALA A 284 22.57 8.12 -3.52
N ALA A 285 21.82 9.20 -3.31
CA ALA A 285 22.40 10.46 -2.86
C ALA A 285 23.05 10.33 -1.48
N LEU A 286 22.65 9.35 -0.68
CA LEU A 286 23.31 9.10 0.60
C LEU A 286 24.74 8.60 0.41
N GLY A 287 25.20 8.39 -0.82
CA GLY A 287 26.59 8.03 -1.05
C GLY A 287 27.05 6.76 -0.36
N LEU A 288 26.16 5.79 -0.16
CA LEU A 288 26.53 4.57 0.53
C LEU A 288 27.09 3.56 -0.45
N ARG A 289 28.04 2.76 0.04
CA ARG A 289 28.69 1.73 -0.77
C ARG A 289 29.03 0.57 0.14
N TRP A 290 29.18 -0.61 -0.45
CA TRP A 290 29.85 -1.69 0.26
C TRP A 290 30.65 -2.53 -0.73
N TYR A 291 31.66 -3.21 -0.20
CA TYR A 291 32.49 -4.04 -1.06
C TYR A 291 31.80 -5.37 -1.35
N ALA A 292 32.24 -5.98 -2.45
CA ALA A 292 31.64 -7.21 -2.94
C ALA A 292 32.10 -8.42 -2.11
N LEU A 293 33.39 -8.47 -1.80
CA LEU A 293 34.03 -9.68 -1.30
C LEU A 293 34.10 -9.69 0.21
N PRO A 294 33.39 -10.62 0.90
CA PRO A 294 33.61 -10.79 2.33
C PRO A 294 34.70 -11.81 2.57
N ALA A 295 35.88 -11.35 3.03
CA ALA A 295 37.04 -12.23 3.14
C ALA A 295 37.61 -12.09 4.54
N VAL A 296 37.34 -13.08 5.40
CA VAL A 296 37.76 -13.04 6.80
C VAL A 296 39.24 -13.40 6.86
N SER A 297 40.07 -12.43 7.28
CA SER A 297 41.51 -12.55 7.21
C SER A 297 42.15 -12.50 8.60
N ASN A 298 41.42 -12.86 9.65
CA ASN A 298 42.00 -12.85 10.98
C ASN A 298 41.78 -14.15 11.75
N MET A 299 41.12 -15.15 11.15
CA MET A 299 40.87 -16.38 11.89
C MET A 299 41.96 -17.40 11.60
N LEU A 300 41.99 -18.42 12.46
CA LEU A 300 43.09 -19.37 12.51
C LEU A 300 42.55 -20.73 12.10
N LEU A 301 42.99 -21.21 10.94
CA LEU A 301 42.58 -22.51 10.43
C LEU A 301 43.36 -23.61 11.14
N GLU A 302 42.65 -24.64 11.56
CA GLU A 302 43.23 -25.73 12.34
C GLU A 302 42.83 -27.04 11.69
N ILE A 303 43.80 -27.73 11.09
CA ILE A 303 43.60 -29.01 10.42
C ILE A 303 44.57 -30.00 11.03
N GLY A 304 44.05 -31.19 11.39
CA GLY A 304 44.87 -32.24 11.96
C GLY A 304 45.87 -31.79 13.01
N GLY A 305 45.50 -30.79 13.80
CA GLY A 305 46.40 -30.27 14.79
C GLY A 305 47.33 -29.18 14.31
N LEU A 306 47.41 -28.95 12.99
CA LEU A 306 48.21 -27.87 12.49
C LEU A 306 47.45 -26.56 12.60
N GLU A 307 48.20 -25.46 12.68
CA GLU A 307 47.61 -24.16 12.96
C GLU A 307 48.10 -23.17 11.92
N PHE A 308 47.16 -22.62 11.15
CA PHE A 308 47.45 -21.68 10.08
C PHE A 308 46.89 -20.32 10.48
N PRO A 309 47.67 -19.47 11.17
CA PRO A 309 47.15 -18.17 11.60
C PRO A 309 46.88 -17.19 10.46
N ALA A 310 47.24 -17.53 9.23
CA ALA A 310 46.89 -16.76 8.05
C ALA A 310 46.29 -17.75 7.05
N ALA A 311 44.98 -17.74 6.92
CA ALA A 311 44.25 -18.57 5.98
C ALA A 311 42.97 -17.86 5.57
N PRO A 312 43.07 -16.72 4.91
CA PRO A 312 41.87 -15.94 4.60
C PRO A 312 40.91 -16.72 3.72
N PHE A 313 39.68 -16.83 4.17
CA PHE A 313 38.60 -17.45 3.41
C PHE A 313 37.59 -16.39 3.00
N SER A 314 36.92 -16.64 1.88
CA SER A 314 35.99 -15.68 1.34
C SER A 314 34.86 -16.44 0.68
N GLY A 315 33.72 -15.78 0.60
CA GLY A 315 32.59 -16.37 -0.05
C GLY A 315 31.83 -15.26 -0.72
N TRP A 316 30.56 -15.13 -0.39
CA TRP A 316 29.81 -13.95 -0.81
C TRP A 316 28.88 -13.56 0.32
N TYR A 317 28.39 -12.33 0.23
CA TYR A 317 27.61 -11.74 1.29
C TYR A 317 26.19 -12.26 1.30
N MET A 318 25.66 -12.45 2.50
CA MET A 318 24.24 -12.41 2.74
C MET A 318 23.86 -10.95 2.97
N SER A 319 22.76 -10.52 2.35
CA SER A 319 22.47 -9.09 2.32
C SER A 319 22.36 -8.47 3.72
N THR A 320 21.84 -9.22 4.70
CA THR A 320 21.64 -8.60 6.03
C THR A 320 22.95 -8.25 6.70
N GLU A 321 24.04 -8.97 6.41
CA GLU A 321 25.34 -8.58 6.91
C GLU A 321 25.64 -7.12 6.59
N ILE A 322 25.34 -6.70 5.36
CA ILE A 322 25.61 -5.33 4.92
C ILE A 322 24.48 -4.42 5.34
N GLY A 323 23.25 -4.76 4.94
CA GLY A 323 22.13 -3.86 5.14
C GLY A 323 21.70 -3.73 6.59
N THR A 324 21.87 -4.77 7.39
CA THR A 324 21.41 -4.69 8.77
C THR A 324 22.56 -4.44 9.73
N ARG A 325 23.57 -5.29 9.70
CA ARG A 325 24.63 -5.15 10.71
C ARG A 325 25.62 -4.05 10.34
N ASN A 326 26.15 -4.08 9.12
CA ASN A 326 27.22 -3.14 8.77
C ASN A 326 26.71 -1.71 8.68
N LEU A 327 25.53 -1.50 8.10
CA LEU A 327 25.01 -0.16 7.96
C LEU A 327 24.14 0.30 9.12
N CYS A 328 23.41 -0.59 9.79
CA CYS A 328 22.44 -0.13 10.78
C CYS A 328 22.83 -0.35 12.23
N ASP A 329 23.85 -1.15 12.52
CA ASP A 329 24.29 -1.27 13.90
C ASP A 329 24.67 0.10 14.45
N PRO A 330 24.23 0.45 15.65
CA PRO A 330 24.57 1.77 16.21
C PRO A 330 26.06 2.02 16.30
N HIS A 331 26.86 0.97 16.45
CA HIS A 331 28.30 1.09 16.57
C HIS A 331 29.01 0.82 15.25
N ARG A 332 28.27 0.63 14.17
CA ARG A 332 28.86 0.61 12.85
C ARG A 332 28.45 1.89 12.13
N TYR A 333 27.96 1.78 10.90
CA TYR A 333 27.69 3.00 10.15
C TYR A 333 26.49 3.76 10.70
N ASN A 334 25.58 3.08 11.43
CA ASN A 334 24.54 3.75 12.20
C ASN A 334 23.69 4.69 11.32
N ILE A 335 23.31 4.20 10.13
CA ILE A 335 22.61 5.02 9.16
C ILE A 335 21.10 4.99 9.34
N LEU A 336 20.59 4.21 10.29
CA LEU A 336 19.16 3.89 10.30
C LEU A 336 18.30 5.14 10.38
N GLU A 337 18.66 6.09 11.25
CA GLU A 337 17.84 7.29 11.42
C GLU A 337 17.92 8.18 10.19
N ASP A 338 19.10 8.30 9.60
CA ASP A 338 19.27 9.08 8.38
C ASP A 338 18.32 8.61 7.28
N VAL A 339 18.26 7.30 7.06
CA VAL A 339 17.35 6.76 6.05
C VAL A 339 15.90 7.00 6.45
N ALA A 340 15.60 6.95 7.75
CA ALA A 340 14.21 7.16 8.17
C ALA A 340 13.79 8.61 8.05
N VAL A 341 14.67 9.54 8.41
CA VAL A 341 14.45 10.94 8.06
C VAL A 341 14.11 11.06 6.56
N CYS A 342 14.94 10.44 5.73
CA CYS A 342 14.74 10.58 4.29
C CYS A 342 13.39 10.01 3.86
N MET A 343 12.96 8.91 4.48
CA MET A 343 11.68 8.33 4.17
C MET A 343 10.53 9.06 4.83
N ASP A 344 10.81 10.16 5.53
CA ASP A 344 9.78 10.96 6.19
C ASP A 344 9.00 10.15 7.22
N LEU A 345 9.69 9.23 7.90
CA LEU A 345 9.03 8.36 8.87
C LEU A 345 8.88 9.07 10.21
N ASP A 346 7.95 8.58 11.02
CA ASP A 346 7.75 9.16 12.35
C ASP A 346 8.78 8.57 13.30
N THR A 347 9.93 9.20 13.38
CA THR A 347 10.95 8.81 14.36
C THR A 347 10.69 9.35 15.74
N ARG A 348 9.54 9.97 15.98
CA ARG A 348 9.26 10.50 17.30
C ARG A 348 8.71 9.44 18.26
N THR A 349 8.19 8.33 17.73
CA THR A 349 7.75 7.21 18.56
C THR A 349 8.35 5.92 18.03
N THR A 350 8.72 5.01 18.95
CA THR A 350 9.23 3.71 18.52
C THR A 350 8.15 2.83 17.92
N SER A 351 6.89 3.05 18.34
CA SER A 351 5.78 2.22 17.89
C SER A 351 5.37 2.47 16.44
N SER A 352 5.94 3.49 15.80
CA SER A 352 5.76 3.63 14.35
C SER A 352 6.48 2.52 13.59
N LEU A 353 7.44 1.84 14.24
CA LEU A 353 8.34 0.85 13.65
C LEU A 353 9.16 1.45 12.52
N TRP A 354 9.46 2.74 12.65
CA TRP A 354 10.32 3.41 11.69
C TRP A 354 11.68 2.76 11.58
N LYS A 355 12.24 2.28 12.69
CA LYS A 355 13.51 1.56 12.57
C LYS A 355 13.34 0.33 11.70
N ASP A 356 12.26 -0.42 11.92
CA ASP A 356 12.01 -1.62 11.14
C ASP A 356 11.85 -1.30 9.66
N LYS A 357 11.05 -0.26 9.35
CA LYS A 357 10.77 0.08 7.96
C LYS A 357 12.04 0.52 7.23
N ALA A 358 12.76 1.48 7.82
CA ALA A 358 14.03 1.93 7.25
C ALA A 358 14.99 0.78 7.08
N ALA A 359 15.05 -0.13 8.05
CA ALA A 359 15.99 -1.24 7.93
C ALA A 359 15.66 -2.12 6.74
N VAL A 360 14.37 -2.39 6.53
CA VAL A 360 13.99 -3.26 5.41
C VAL A 360 14.40 -2.63 4.09
N GLU A 361 14.18 -1.31 3.96
CA GLU A 361 14.50 -0.64 2.72
C GLU A 361 16.01 -0.63 2.48
N ILE A 362 16.79 -0.39 3.52
CA ILE A 362 18.26 -0.48 3.38
C ILE A 362 18.65 -1.86 2.88
N ASN A 363 18.04 -2.92 3.42
CA ASN A 363 18.32 -4.24 2.88
C ASN A 363 17.84 -4.36 1.44
N VAL A 364 16.68 -3.80 1.13
CA VAL A 364 16.20 -3.85 -0.26
C VAL A 364 17.22 -3.17 -1.18
N ALA A 365 17.77 -2.04 -0.75
CA ALA A 365 18.75 -1.35 -1.57
C ALA A 365 20.01 -2.19 -1.75
N VAL A 366 20.46 -2.86 -0.67
CA VAL A 366 21.66 -3.68 -0.77
C VAL A 366 21.47 -4.79 -1.78
N LEU A 367 20.39 -5.56 -1.63
CA LEU A 367 20.06 -6.58 -2.61
C LEU A 367 19.94 -6.00 -4.01
N HIS A 368 19.20 -4.90 -4.15
CA HIS A 368 18.97 -4.33 -5.47
C HIS A 368 20.27 -3.88 -6.11
N SER A 369 21.12 -3.21 -5.33
CA SER A 369 22.39 -2.70 -5.84
C SER A 369 23.33 -3.83 -6.23
N TYR A 370 23.43 -4.87 -5.41
CA TYR A 370 24.31 -5.99 -5.74
C TYR A 370 23.84 -6.73 -6.99
N GLN A 371 22.52 -6.89 -7.16
CA GLN A 371 22.03 -7.58 -8.35
C GLN A 371 22.15 -6.71 -9.59
N LEU A 372 22.07 -5.39 -9.44
CA LEU A 372 22.27 -4.52 -10.59
C LEU A 372 23.74 -4.53 -11.01
N ALA A 373 24.65 -4.43 -10.04
CA ALA A 373 26.05 -4.62 -10.40
C ALA A 373 26.42 -6.06 -10.64
N LYS A 374 25.47 -7.00 -10.64
CA LYS A 374 25.78 -8.40 -10.91
C LYS A 374 26.90 -8.88 -9.99
N VAL A 375 26.69 -8.66 -8.70
CA VAL A 375 27.56 -9.18 -7.66
C VAL A 375 26.75 -10.20 -6.87
N THR A 376 27.33 -11.37 -6.67
CA THR A 376 26.64 -12.45 -5.99
C THR A 376 26.28 -12.03 -4.56
N ILE A 377 24.98 -12.01 -4.27
CA ILE A 377 24.48 -11.74 -2.92
C ILE A 377 23.34 -12.70 -2.66
N VAL A 378 23.09 -12.99 -1.40
CA VAL A 378 21.98 -13.87 -1.05
C VAL A 378 21.18 -13.22 0.07
N ASP A 379 19.87 -13.14 -0.12
CA ASP A 379 19.01 -12.57 0.88
C ASP A 379 18.87 -13.59 2.02
N HIS A 380 18.53 -13.08 3.20
CA HIS A 380 18.48 -13.94 4.39
C HIS A 380 17.40 -15.03 4.30
N HIS A 381 16.38 -14.88 3.45
CA HIS A 381 15.39 -15.94 3.28
C HIS A 381 15.97 -17.09 2.47
N ALA A 382 16.52 -16.79 1.29
CA ALA A 382 17.15 -17.83 0.49
C ALA A 382 18.26 -18.53 1.27
N ALA A 383 19.03 -17.77 2.05
CA ALA A 383 20.15 -18.34 2.77
C ALA A 383 19.68 -19.31 3.86
N THR A 384 18.69 -18.90 4.65
CA THR A 384 18.26 -19.80 5.73
C THR A 384 17.52 -20.99 5.17
N ALA A 385 16.73 -20.80 4.11
CA ALA A 385 16.12 -21.93 3.41
C ALA A 385 17.20 -22.93 2.98
N SER A 386 18.27 -22.46 2.35
CA SER A 386 19.34 -23.37 1.94
CA SER A 386 19.33 -23.37 1.95
C SER A 386 20.02 -23.98 3.15
N PHE A 387 20.06 -23.26 4.28
CA PHE A 387 20.68 -23.84 5.46
C PHE A 387 19.83 -24.96 6.02
N MET A 388 18.51 -24.78 6.02
CA MET A 388 17.62 -25.88 6.39
C MET A 388 17.84 -27.09 5.50
N LYS A 389 18.11 -26.86 4.22
CA LYS A 389 18.44 -27.97 3.34
C LYS A 389 19.79 -28.57 3.74
N HIS A 390 20.75 -27.71 4.08
CA HIS A 390 22.03 -28.19 4.55
C HIS A 390 21.88 -29.08 5.77
N LEU A 391 21.03 -28.68 6.73
CA LEU A 391 20.84 -29.47 7.94
C LEU A 391 20.32 -30.86 7.61
N GLU A 392 19.32 -30.93 6.72
CA GLU A 392 18.77 -32.21 6.31
C GLU A 392 19.85 -33.07 5.64
N ASN A 393 20.65 -32.46 4.76
CA ASN A 393 21.81 -33.13 4.18
C ASN A 393 22.73 -33.69 5.26
N GLU A 394 23.11 -32.84 6.21
CA GLU A 394 24.11 -33.22 7.19
C GLU A 394 23.57 -34.23 8.17
N GLN A 395 22.24 -34.26 8.35
CA GLN A 395 21.60 -35.29 9.16
C GLN A 395 21.84 -36.66 8.54
N LYS A 396 21.47 -36.82 7.26
CA LYS A 396 21.75 -38.08 6.57
C LYS A 396 23.24 -38.37 6.51
N ALA A 397 24.05 -37.35 6.22
CA ALA A 397 25.48 -37.59 6.00
C ALA A 397 26.21 -37.88 7.30
N ARG A 398 26.22 -36.93 8.23
CA ARG A 398 26.98 -37.04 9.47
C ARG A 398 26.12 -37.16 10.71
N GLY A 399 24.80 -37.28 10.57
CA GLY A 399 23.96 -37.43 11.75
C GLY A 399 23.90 -36.20 12.63
N GLY A 400 23.73 -35.03 12.02
CA GLY A 400 23.63 -33.80 12.75
C GLY A 400 24.58 -32.75 12.23
N CYS A 401 24.57 -31.61 12.90
CA CYS A 401 25.33 -30.49 12.38
C CYS A 401 25.46 -29.45 13.48
N PRO A 402 26.68 -28.99 13.76
CA PRO A 402 26.87 -27.94 14.77
C PRO A 402 26.41 -26.59 14.23
N ALA A 403 25.48 -25.96 14.93
CA ALA A 403 24.87 -24.74 14.45
C ALA A 403 24.68 -23.80 15.63
N ASP A 404 25.12 -22.57 15.47
CA ASP A 404 25.00 -21.55 16.50
C ASP A 404 23.74 -20.75 16.21
N TRP A 405 22.65 -21.14 16.86
CA TRP A 405 21.32 -20.57 16.58
C TRP A 405 21.38 -19.05 16.48
N ALA A 406 22.04 -18.41 17.45
CA ALA A 406 22.07 -16.95 17.53
C ALA A 406 22.74 -16.31 16.31
N TRP A 407 23.63 -17.05 15.65
CA TRP A 407 24.31 -16.56 14.46
C TRP A 407 23.67 -17.05 13.17
N ILE A 408 22.98 -18.19 13.21
CA ILE A 408 22.30 -18.69 12.03
C ILE A 408 21.04 -17.87 11.75
N VAL A 409 20.29 -17.54 12.80
CA VAL A 409 19.08 -16.73 12.63
C VAL A 409 19.47 -15.32 12.22
N PRO A 410 18.90 -14.78 11.14
CA PRO A 410 19.36 -13.47 10.62
C PRO A 410 19.00 -12.34 11.55
N PRO A 411 19.72 -11.21 11.47
CA PRO A 411 19.47 -10.09 12.40
C PRO A 411 18.21 -9.31 12.11
N ILE A 412 17.49 -9.57 11.01
CA ILE A 412 16.16 -9.04 10.81
C ILE A 412 15.24 -10.21 10.50
N SER A 413 13.96 -10.04 10.79
CA SER A 413 12.94 -10.99 10.37
C SER A 413 13.28 -12.42 10.78
N GLY A 414 13.90 -12.56 11.96
CA GLY A 414 14.40 -13.86 12.39
C GLY A 414 13.34 -14.95 12.31
N SER A 415 12.18 -14.73 12.92
CA SER A 415 11.16 -15.77 12.92
C SER A 415 10.45 -15.94 11.60
N LEU A 416 10.69 -15.06 10.62
CA LEU A 416 10.15 -15.24 9.27
C LEU A 416 10.94 -16.24 8.44
N THR A 417 12.14 -16.60 8.87
CA THR A 417 13.02 -17.58 8.28
C THR A 417 12.87 -18.90 9.01
N PRO A 418 13.11 -20.03 8.33
CA PRO A 418 12.81 -21.33 8.97
C PRO A 418 13.78 -21.72 10.07
N VAL A 419 15.04 -21.26 10.04
CA VAL A 419 16.01 -21.63 11.07
C VAL A 419 15.57 -21.16 12.45
N PHE A 420 14.76 -20.09 12.53
CA PHE A 420 14.31 -19.61 13.83
C PHE A 420 13.60 -20.71 14.60
N HIS A 421 12.72 -21.43 13.93
CA HIS A 421 11.91 -22.48 14.51
C HIS A 421 12.62 -23.82 14.52
N GLN A 422 13.92 -23.82 14.28
CA GLN A 422 14.73 -25.02 14.22
C GLN A 422 15.62 -25.02 15.45
N GLU A 423 15.39 -25.97 16.36
CA GLU A 423 16.34 -26.17 17.44
C GLU A 423 17.67 -26.65 16.86
N MET A 424 18.75 -26.30 17.56
CA MET A 424 20.09 -26.53 17.06
C MET A 424 21.01 -26.90 18.22
N VAL A 425 21.99 -27.73 17.89
CA VAL A 425 23.02 -28.14 18.84
C VAL A 425 24.33 -27.51 18.41
N ASN A 426 24.99 -26.84 19.33
CA ASN A 426 26.25 -26.19 19.07
C ASN A 426 27.37 -26.97 19.75
N TYR A 427 28.45 -27.20 19.02
CA TYR A 427 29.61 -27.92 19.54
C TYR A 427 30.76 -27.73 18.56
N PHE A 428 31.97 -27.96 19.07
CA PHE A 428 33.20 -27.74 18.32
C PHE A 428 33.62 -29.06 17.69
N LEU A 429 33.63 -29.12 16.36
CA LEU A 429 34.22 -30.23 15.62
C LEU A 429 35.53 -29.79 14.98
N SER A 430 36.42 -30.76 14.76
CA SER A 430 37.65 -30.49 14.03
C SER A 430 37.62 -31.20 12.68
N PRO A 431 38.26 -30.62 11.63
CA PRO A 431 38.98 -29.34 11.60
C PRO A 431 38.09 -28.11 11.77
N ALA A 432 38.70 -26.96 12.01
CA ALA A 432 37.91 -25.81 12.44
C ALA A 432 38.59 -24.51 12.05
N PHE A 433 37.76 -23.49 11.85
CA PHE A 433 38.20 -22.11 11.96
C PHE A 433 38.03 -21.66 13.41
N ARG A 434 39.10 -21.12 13.98
CA ARG A 434 39.13 -20.66 15.36
C ARG A 434 39.42 -19.17 15.40
N TYR A 435 38.90 -18.51 16.43
CA TYR A 435 39.33 -17.14 16.70
C TYR A 435 40.73 -17.15 17.28
N GLN A 436 41.45 -16.07 17.07
CA GLN A 436 42.80 -15.99 17.59
C GLN A 436 43.09 -14.56 18.02
N PRO A 437 44.01 -14.37 18.97
CA PRO A 437 44.28 -13.02 19.48
C PRO A 437 44.75 -12.09 18.37
N ASP A 438 44.38 -10.82 18.50
CA ASP A 438 44.97 -9.79 17.68
C ASP A 438 46.49 -9.87 17.78
N PRO A 439 47.23 -9.82 16.67
CA PRO A 439 48.69 -9.99 16.75
C PRO A 439 49.41 -8.83 17.43
N TRP A 440 48.85 -8.33 18.53
CA TRP A 440 49.48 -7.30 19.36
C TRP A 440 48.69 -7.08 20.65
N PHE B 28 33.55 -16.49 37.15
CA PHE B 28 32.39 -15.65 36.85
C PHE B 28 32.40 -15.19 35.40
N PRO B 29 31.36 -15.54 34.64
CA PRO B 29 31.32 -15.22 33.20
C PRO B 29 31.40 -13.72 32.95
N ARG B 30 32.38 -13.34 32.13
CA ARG B 30 32.43 -11.96 31.63
C ARG B 30 31.44 -11.77 30.49
N VAL B 31 30.69 -10.69 30.56
CA VAL B 31 29.56 -10.41 29.67
C VAL B 31 29.83 -9.06 29.04
N LYS B 32 29.73 -9.00 27.72
CA LYS B 32 30.03 -7.78 26.98
C LYS B 32 28.79 -7.27 26.29
N ASN B 33 28.59 -5.96 26.32
CA ASN B 33 27.65 -5.30 25.42
C ASN B 33 28.41 -4.84 24.19
N TRP B 34 28.04 -5.38 23.03
CA TRP B 34 28.81 -5.06 21.84
C TRP B 34 28.41 -3.75 21.20
N GLU B 35 27.22 -3.23 21.49
CA GLU B 35 26.85 -1.92 20.94
C GLU B 35 27.59 -0.79 21.65
N VAL B 36 27.95 -0.96 22.91
CA VAL B 36 28.47 0.13 23.73
C VAL B 36 29.89 -0.12 24.23
N GLY B 37 30.34 -1.38 24.32
CA GLY B 37 31.60 -1.70 24.93
C GLY B 37 31.51 -2.13 26.39
N SER B 38 30.34 -1.98 27.00
CA SER B 38 30.15 -2.34 28.40
C SER B 38 30.62 -3.75 28.70
N ILE B 39 31.17 -3.94 29.89
CA ILE B 39 31.58 -5.25 30.37
C ILE B 39 31.13 -5.43 31.80
N THR B 40 30.50 -6.57 32.10
CA THR B 40 30.11 -6.95 33.45
C THR B 40 30.40 -8.44 33.64
N TYR B 41 30.47 -8.86 34.89
CA TYR B 41 30.67 -10.26 35.23
C TYR B 41 29.42 -10.73 35.96
N ASP B 42 28.93 -11.91 35.59
CA ASP B 42 27.67 -12.40 36.16
C ASP B 42 28.00 -13.27 37.37
N THR B 43 28.23 -12.58 38.50
CA THR B 43 28.48 -13.28 39.75
C THR B 43 27.24 -14.04 40.20
N LEU B 44 26.05 -13.59 39.80
CA LEU B 44 24.81 -14.23 40.23
C LEU B 44 24.69 -15.65 39.67
N SER B 45 25.26 -15.92 38.50
CA SER B 45 25.17 -17.25 37.90
C SER B 45 25.76 -18.35 38.78
N ALA B 46 26.69 -18.01 39.67
CA ALA B 46 27.29 -19.04 40.52
C ALA B 46 26.27 -19.60 41.52
N GLN B 47 25.25 -18.82 41.86
CA GLN B 47 24.16 -19.29 42.71
C GLN B 47 23.10 -20.09 41.96
N ALA B 48 23.39 -20.49 40.72
CA ALA B 48 22.42 -21.26 39.94
C ALA B 48 22.22 -22.62 40.58
N GLN B 49 21.03 -22.84 41.15
CA GLN B 49 20.74 -24.10 41.83
C GLN B 49 20.50 -25.21 40.80
N GLN B 50 19.28 -25.31 40.29
CA GLN B 50 18.99 -26.37 39.33
C GLN B 50 19.79 -26.17 38.06
N ASP B 51 19.89 -27.23 37.26
CA ASP B 51 20.84 -27.29 36.17
C ASP B 51 20.13 -27.39 34.83
N GLY B 52 20.70 -26.73 33.82
CA GLY B 52 20.16 -26.70 32.48
C GLY B 52 20.71 -27.77 31.56
N PRO B 53 20.43 -27.64 30.26
CA PRO B 53 20.69 -28.73 29.31
C PRO B 53 22.08 -28.73 28.67
N CYS B 54 22.87 -27.68 28.85
CA CYS B 54 24.16 -27.54 28.17
C CYS B 54 25.26 -28.25 28.93
N THR B 55 26.26 -28.69 28.19
CA THR B 55 27.51 -29.21 28.74
C THR B 55 28.66 -28.52 28.02
N PRO B 56 29.89 -28.68 28.52
CA PRO B 56 31.03 -28.12 27.77
C PRO B 56 31.22 -28.77 26.41
N ARG B 57 30.69 -29.97 26.21
CA ARG B 57 30.74 -30.61 24.90
C ARG B 57 29.80 -29.92 23.92
N ARG B 58 28.58 -29.60 24.35
CA ARG B 58 27.54 -29.16 23.43
C ARG B 58 26.60 -28.17 24.12
N CYS B 59 26.26 -27.11 23.40
CA CYS B 59 25.29 -26.14 23.87
C CYS B 59 23.91 -26.50 23.33
N LEU B 60 22.91 -26.51 24.22
CA LEU B 60 21.52 -26.78 23.87
C LEU B 60 20.62 -25.60 24.25
N GLY B 61 21.21 -24.41 24.37
CA GLY B 61 20.43 -23.21 24.70
C GLY B 61 19.22 -22.98 23.82
N SER B 62 19.28 -23.37 22.55
CA SER B 62 18.16 -23.11 21.65
C SER B 62 16.99 -24.10 21.81
N LEU B 63 17.12 -25.11 22.64
CA LEU B 63 15.98 -26.00 22.82
C LEU B 63 14.87 -25.29 23.59
N VAL B 64 13.63 -25.45 23.11
CA VAL B 64 12.49 -24.82 23.77
C VAL B 64 12.28 -25.42 25.16
N PHE B 65 12.40 -26.75 25.27
CA PHE B 65 12.19 -27.45 26.54
C PHE B 65 13.51 -28.11 26.93
N PRO B 66 14.33 -27.43 27.75
CA PRO B 66 15.71 -27.74 28.14
C PRO B 66 15.82 -28.86 29.18
N ALA B 79 11.36 -37.15 50.10
CA ALA B 79 12.60 -36.41 49.97
C ALA B 79 12.59 -35.10 50.78
N PRO B 80 12.51 -35.19 52.10
CA PRO B 80 12.42 -33.96 52.91
C PRO B 80 13.72 -33.19 52.97
N GLU B 81 14.87 -33.86 52.83
CA GLU B 81 16.14 -33.16 53.01
C GLU B 81 16.35 -32.10 51.94
N GLN B 82 15.94 -32.40 50.71
CA GLN B 82 16.11 -31.46 49.61
C GLN B 82 15.01 -30.40 49.62
N LEU B 83 13.78 -30.80 49.99
CA LEU B 83 12.74 -29.82 50.29
C LEU B 83 13.21 -28.85 51.36
N LEU B 84 13.91 -29.36 52.38
CA LEU B 84 14.44 -28.51 53.44
C LEU B 84 15.38 -27.44 52.89
N SER B 85 16.36 -27.84 52.08
CA SER B 85 17.40 -26.88 51.69
C SER B 85 16.88 -25.89 50.67
N GLN B 86 15.92 -26.29 49.82
CA GLN B 86 15.24 -25.31 48.98
C GLN B 86 14.48 -24.32 49.84
N ALA B 87 13.69 -24.83 50.79
CA ALA B 87 12.98 -23.95 51.72
C ALA B 87 13.97 -23.08 52.48
N ARG B 88 15.05 -23.69 52.96
CA ARG B 88 16.06 -22.93 53.70
C ARG B 88 16.58 -21.78 52.86
N ASP B 89 16.89 -22.06 51.59
CA ASP B 89 17.41 -21.03 50.70
C ASP B 89 16.40 -19.92 50.46
N PHE B 90 15.16 -20.28 50.11
CA PHE B 90 14.15 -19.26 49.85
C PHE B 90 13.94 -18.36 51.06
N ILE B 91 13.80 -18.97 52.25
CA ILE B 91 13.59 -18.16 53.45
C ILE B 91 14.74 -17.19 53.65
N ASN B 92 15.97 -17.66 53.43
CA ASN B 92 17.11 -16.74 53.41
C ASN B 92 16.88 -15.60 52.45
N GLN B 93 16.47 -15.93 51.21
CA GLN B 93 16.16 -14.89 50.24
C GLN B 93 15.12 -13.93 50.81
N TYR B 94 14.00 -14.46 51.30
CA TYR B 94 12.95 -13.58 51.79
C TYR B 94 13.48 -12.66 52.88
N TYR B 95 14.27 -13.19 53.80
CA TYR B 95 14.73 -12.33 54.88
C TYR B 95 15.81 -11.35 54.42
N SER B 96 16.67 -11.73 53.47
CA SER B 96 17.53 -10.71 52.88
C SER B 96 16.70 -9.57 52.29
N SER B 97 15.59 -9.90 51.63
CA SER B 97 14.85 -8.89 50.88
C SER B 97 14.17 -7.87 51.78
N ILE B 98 13.87 -8.23 53.02
CA ILE B 98 13.25 -7.32 53.98
C ILE B 98 14.29 -6.72 54.93
N LYS B 99 15.58 -6.84 54.59
CA LYS B 99 16.66 -6.24 55.38
C LYS B 99 16.70 -6.75 56.81
N ARG B 100 16.32 -8.01 57.02
CA ARG B 100 16.35 -8.64 58.34
C ARG B 100 17.01 -10.01 58.27
N SER B 101 18.12 -10.11 57.54
CA SER B 101 18.83 -11.38 57.43
CA SER B 101 18.84 -11.37 57.43
C SER B 101 19.53 -11.71 58.75
N GLY B 102 19.42 -12.99 59.15
CA GLY B 102 20.04 -13.46 60.37
C GLY B 102 19.36 -13.01 61.65
N SER B 103 18.15 -12.45 61.57
CA SER B 103 17.49 -11.87 62.72
C SER B 103 16.67 -12.91 63.47
N GLN B 104 16.02 -12.45 64.55
CA GLN B 104 15.05 -13.23 65.31
C GLN B 104 14.12 -13.98 64.37
N ALA B 105 13.27 -13.23 63.67
CA ALA B 105 12.25 -13.81 62.82
C ALA B 105 12.85 -14.81 61.83
N HIS B 106 14.06 -14.51 61.33
CA HIS B 106 14.68 -15.35 60.30
C HIS B 106 14.87 -16.77 60.81
N GLU B 107 15.71 -16.96 61.83
CA GLU B 107 15.95 -18.30 62.32
C GLU B 107 14.72 -18.91 62.97
N GLN B 108 13.78 -18.09 63.43
CA GLN B 108 12.50 -18.63 63.87
C GLN B 108 11.80 -19.31 62.71
N ARG B 109 11.79 -18.67 61.54
CA ARG B 109 11.11 -19.25 60.39
C ARG B 109 11.79 -20.53 59.92
N LEU B 110 13.12 -20.53 59.86
CA LEU B 110 13.86 -21.73 59.52
C LEU B 110 13.45 -22.91 60.40
N GLN B 111 13.49 -22.71 61.71
CA GLN B 111 13.10 -23.77 62.63
C GLN B 111 11.66 -24.18 62.41
N GLU B 112 10.74 -23.20 62.43
CA GLU B 112 9.35 -23.44 62.08
C GLU B 112 9.21 -24.31 60.82
N VAL B 113 9.91 -23.94 59.73
CA VAL B 113 9.78 -24.67 58.48
C VAL B 113 10.32 -26.09 58.62
N GLU B 114 11.52 -26.23 59.21
CA GLU B 114 12.06 -27.57 59.47
C GLU B 114 11.10 -28.39 60.31
N ALA B 115 10.64 -27.83 61.42
CA ALA B 115 9.66 -28.50 62.27
C ALA B 115 8.46 -28.96 61.46
N GLU B 116 7.92 -28.05 60.64
CA GLU B 116 6.70 -28.37 59.92
C GLU B 116 6.95 -29.45 58.89
N VAL B 117 8.12 -29.42 58.25
CA VAL B 117 8.45 -30.46 57.29
C VAL B 117 8.61 -31.81 58.00
N ALA B 118 9.24 -31.80 59.17
CA ALA B 118 9.37 -33.04 59.95
C ALA B 118 7.99 -33.62 60.30
N ALA B 119 7.04 -32.76 60.67
CA ALA B 119 5.75 -33.23 61.16
C ALA B 119 4.72 -33.46 60.05
N THR B 120 4.85 -32.79 58.91
CA THR B 120 3.85 -32.84 57.86
C THR B 120 4.41 -33.24 56.50
N GLY B 121 5.72 -33.30 56.34
CA GLY B 121 6.32 -33.57 55.05
C GLY B 121 6.32 -32.40 54.09
N THR B 122 5.89 -31.22 54.53
CA THR B 122 5.70 -30.04 53.70
C THR B 122 5.65 -28.84 54.64
N TYR B 123 5.39 -27.66 54.09
CA TYR B 123 5.17 -26.49 54.93
C TYR B 123 4.32 -25.50 54.14
N GLN B 124 3.85 -24.47 54.84
CA GLN B 124 3.01 -23.45 54.24
C GLN B 124 3.75 -22.13 54.19
N LEU B 125 3.57 -21.39 53.09
CA LEU B 125 4.15 -20.05 52.97
C LEU B 125 3.27 -19.04 53.68
N ARG B 126 3.91 -18.09 54.36
CA ARG B 126 3.20 -16.91 54.80
C ARG B 126 2.89 -16.05 53.58
N GLU B 127 1.85 -15.22 53.71
CA GLU B 127 1.38 -14.45 52.57
C GLU B 127 2.48 -13.57 51.99
N SER B 128 3.20 -12.83 52.84
CA SER B 128 4.29 -11.99 52.35
CA SER B 128 4.30 -11.99 52.35
C SER B 128 5.38 -12.82 51.66
N GLU B 129 5.68 -14.00 52.21
CA GLU B 129 6.62 -14.87 51.55
C GLU B 129 6.11 -15.28 50.17
N LEU B 130 4.80 -15.52 50.07
CA LEU B 130 4.21 -15.89 48.79
C LEU B 130 4.33 -14.76 47.77
N VAL B 131 3.99 -13.55 48.20
CA VAL B 131 4.05 -12.38 47.33
C VAL B 131 5.47 -12.19 46.82
N PHE B 132 6.43 -12.25 47.75
CA PHE B 132 7.83 -12.16 47.38
C PHE B 132 8.24 -13.31 46.47
N GLY B 133 7.80 -14.52 46.78
CA GLY B 133 8.16 -15.68 45.98
C GLY B 133 7.63 -15.59 44.56
N ALA B 134 6.42 -15.07 44.40
CA ALA B 134 5.85 -14.95 43.07
C ALA B 134 6.57 -13.86 42.26
N LYS B 135 6.92 -12.75 42.91
CA LYS B 135 7.69 -11.70 42.24
C LYS B 135 9.07 -12.22 41.82
N GLN B 136 9.75 -12.92 42.73
CA GLN B 136 11.05 -13.48 42.38
C GLN B 136 10.96 -14.41 41.18
N ALA B 137 9.94 -15.27 41.16
CA ALA B 137 9.75 -16.19 40.05
C ALA B 137 9.74 -15.43 38.73
N TRP B 138 8.97 -14.34 38.67
CA TRP B 138 8.98 -13.49 37.48
C TRP B 138 10.35 -12.87 37.25
N ARG B 139 10.90 -12.22 38.27
CA ARG B 139 12.25 -11.67 38.20
C ARG B 139 13.24 -12.67 37.62
N ASN B 140 13.15 -13.94 38.05
CA ASN B 140 14.08 -14.99 37.65
C ASN B 140 13.77 -15.63 36.29
N ALA B 141 12.64 -15.28 35.67
CA ALA B 141 12.23 -15.95 34.45
C ALA B 141 13.11 -15.50 33.28
N PRO B 142 13.99 -16.37 32.74
CA PRO B 142 15.04 -15.89 31.82
C PRO B 142 14.51 -15.51 30.46
N ARG B 143 13.32 -15.96 30.09
CA ARG B 143 12.77 -15.71 28.77
C ARG B 143 11.76 -14.59 28.77
N CYS B 144 11.71 -13.79 29.84
CA CYS B 144 10.75 -12.70 29.95
C CYS B 144 11.48 -11.39 29.71
N VAL B 145 11.14 -10.70 28.61
CA VAL B 145 11.71 -9.39 28.33
C VAL B 145 11.03 -8.29 29.12
N GLY B 146 9.85 -8.55 29.66
CA GLY B 146 9.13 -7.56 30.43
C GLY B 146 9.48 -7.49 31.90
N ARG B 147 10.61 -8.05 32.31
CA ARG B 147 10.93 -8.13 33.74
C ARG B 147 11.36 -6.80 34.35
N ILE B 148 11.34 -5.68 33.63
CA ILE B 148 11.55 -4.40 34.32
C ILE B 148 10.43 -4.19 35.34
N GLN B 149 9.23 -4.70 35.05
CA GLN B 149 8.01 -4.62 35.84
C GLN B 149 7.94 -5.63 36.99
N TRP B 150 9.00 -6.40 37.26
CA TRP B 150 8.82 -7.58 38.12
C TRP B 150 8.29 -7.22 39.50
N GLY B 151 8.65 -6.04 40.01
CA GLY B 151 8.19 -5.61 41.32
C GLY B 151 6.72 -5.27 41.37
N LYS B 152 6.13 -4.88 40.23
CA LYS B 152 4.73 -4.47 40.19
C LYS B 152 3.90 -5.67 39.78
N LEU B 153 3.58 -6.52 40.76
CA LEU B 153 2.86 -7.77 40.48
C LEU B 153 1.75 -7.94 41.51
N GLN B 154 0.52 -7.99 41.03
CA GLN B 154 -0.61 -8.23 41.92
C GLN B 154 -0.71 -9.72 42.18
N VAL B 155 -0.49 -10.13 43.42
CA VAL B 155 -0.56 -11.52 43.82
C VAL B 155 -1.91 -11.74 44.47
N PHE B 156 -2.73 -12.61 43.86
CA PHE B 156 -3.97 -13.07 44.48
C PHE B 156 -3.72 -14.42 45.14
N ASP B 157 -3.87 -14.47 46.46
CA ASP B 157 -3.72 -15.70 47.21
C ASP B 157 -5.01 -16.49 47.06
N ALA B 158 -4.97 -17.55 46.26
CA ALA B 158 -6.10 -18.46 46.14
C ALA B 158 -5.80 -19.82 46.77
N ARG B 159 -4.82 -19.86 47.67
CA ARG B 159 -4.40 -21.13 48.25
C ARG B 159 -5.48 -21.77 49.12
N ASP B 160 -6.54 -21.05 49.41
CA ASP B 160 -7.68 -21.62 50.10
C ASP B 160 -8.70 -22.20 49.12
N CYS B 161 -8.45 -22.09 47.82
CA CYS B 161 -9.40 -22.57 46.82
C CYS B 161 -9.78 -24.02 47.07
N ARG B 162 -11.05 -24.31 46.85
CA ARG B 162 -11.65 -25.56 47.28
C ARG B 162 -12.08 -26.44 46.13
N SER B 163 -12.56 -25.87 45.03
CA SER B 163 -13.07 -26.67 43.94
C SER B 163 -12.68 -26.05 42.61
N ALA B 164 -13.00 -26.77 41.54
CA ALA B 164 -12.96 -26.20 40.21
C ALA B 164 -13.84 -24.96 40.10
N GLN B 165 -14.99 -24.96 40.79
CA GLN B 165 -15.93 -23.83 40.67
C GLN B 165 -15.39 -22.58 41.33
N GLU B 166 -14.79 -22.73 42.52
CA GLU B 166 -14.12 -21.59 43.15
C GLU B 166 -12.90 -21.18 42.36
N MET B 167 -12.21 -22.15 41.77
CA MET B 167 -11.07 -21.84 40.91
C MET B 167 -11.50 -20.96 39.75
N PHE B 168 -12.64 -21.30 39.13
CA PHE B 168 -13.15 -20.50 38.02
C PHE B 168 -13.42 -19.06 38.45
N THR B 169 -13.97 -18.87 39.65
CA THR B 169 -14.30 -17.53 40.13
C THR B 169 -13.04 -16.71 40.37
N TYR B 170 -12.05 -17.33 41.01
CA TYR B 170 -10.74 -16.72 41.15
C TYR B 170 -10.17 -16.28 39.81
N ILE B 171 -10.35 -17.10 38.78
CA ILE B 171 -9.72 -16.83 37.49
C ILE B 171 -10.43 -15.66 36.81
N CYS B 172 -11.76 -15.65 36.86
CA CYS B 172 -12.52 -14.53 36.33
C CYS B 172 -12.13 -13.23 37.01
N ASN B 173 -11.96 -13.25 38.33
CA ASN B 173 -11.54 -12.00 38.96
CA ASN B 173 -11.51 -12.05 39.05
C ASN B 173 -10.09 -11.68 38.66
N HIS B 174 -9.26 -12.67 38.39
CA HIS B 174 -7.93 -12.37 37.87
C HIS B 174 -8.06 -11.64 36.53
N ILE B 175 -8.74 -12.27 35.55
CA ILE B 175 -8.90 -11.69 34.22
C ILE B 175 -9.47 -10.28 34.32
N LYS B 176 -10.52 -10.11 35.12
CA LYS B 176 -11.16 -8.81 35.22
C LYS B 176 -10.23 -7.77 35.83
N TYR B 177 -9.52 -8.15 36.90
CA TYR B 177 -8.57 -7.22 37.50
C TYR B 177 -7.43 -6.90 36.54
N ALA B 178 -6.87 -7.93 35.91
CA ALA B 178 -5.72 -7.74 35.04
C ALA B 178 -6.09 -6.95 33.80
N THR B 179 -7.26 -7.24 33.23
CA THR B 179 -7.68 -6.58 32.00
C THR B 179 -7.97 -5.12 32.26
N ASN B 180 -8.77 -4.84 33.29
CA ASN B 180 -8.95 -3.49 33.76
C ASN B 180 -9.36 -2.55 32.60
N ARG B 181 -10.25 -3.05 31.75
CA ARG B 181 -10.85 -2.30 30.65
C ARG B 181 -9.84 -1.82 29.62
N GLY B 182 -8.69 -2.49 29.52
CA GLY B 182 -7.64 -2.15 28.58
C GLY B 182 -6.41 -1.58 29.23
N ASN B 183 -6.50 -1.08 30.46
CA ASN B 183 -5.32 -0.58 31.14
C ASN B 183 -4.76 -1.73 31.99
N LEU B 184 -3.98 -2.58 31.33
CA LEU B 184 -3.69 -3.90 31.89
C LEU B 184 -2.75 -3.83 33.07
N ARG B 185 -3.00 -4.69 34.05
CA ARG B 185 -2.19 -4.81 35.25
C ARG B 185 -1.61 -6.21 35.37
N SER B 186 -0.34 -6.29 35.76
CA SER B 186 0.31 -7.59 35.97
C SER B 186 -0.24 -8.30 37.21
N ALA B 187 -0.60 -9.56 37.06
CA ALA B 187 -1.17 -10.29 38.18
C ALA B 187 -0.82 -11.75 38.10
N ILE B 188 -0.86 -12.38 39.26
CA ILE B 188 -0.83 -13.83 39.33
C ILE B 188 -1.82 -14.28 40.40
N THR B 189 -2.55 -15.35 40.11
CA THR B 189 -3.39 -16.01 41.09
C THR B 189 -2.76 -17.34 41.45
N VAL B 190 -2.55 -17.58 42.74
CA VAL B 190 -1.79 -18.73 43.22
C VAL B 190 -2.77 -19.70 43.87
N PHE B 191 -2.97 -20.84 43.23
CA PHE B 191 -3.88 -21.85 43.71
C PHE B 191 -3.15 -22.80 44.66
N PRO B 192 -3.90 -23.68 45.35
CA PRO B 192 -3.26 -24.50 46.39
C PRO B 192 -2.06 -25.26 45.88
N GLN B 193 -1.03 -25.33 46.71
CA GLN B 193 0.19 -26.04 46.40
C GLN B 193 -0.03 -27.54 46.28
N ARG B 194 0.82 -28.17 45.45
CA ARG B 194 0.95 -29.60 45.48
C ARG B 194 1.20 -30.07 46.91
N CYS B 195 0.55 -31.15 47.29
CA CYS B 195 0.75 -31.63 48.65
C CYS B 195 0.49 -33.12 48.68
N PRO B 196 1.10 -33.85 49.61
CA PRO B 196 0.89 -35.30 49.65
C PRO B 196 -0.55 -35.65 50.00
N GLY B 197 -1.07 -36.66 49.31
CA GLY B 197 -2.37 -37.23 49.58
C GLY B 197 -3.45 -36.79 48.64
N ARG B 198 -3.19 -35.77 47.82
CA ARG B 198 -4.21 -35.12 47.04
C ARG B 198 -3.65 -34.75 45.67
N GLY B 199 -4.51 -34.78 44.67
CA GLY B 199 -4.12 -34.40 43.33
C GLY B 199 -3.83 -32.91 43.22
N ASP B 200 -3.43 -32.51 42.03
CA ASP B 200 -3.07 -31.12 41.76
C ASP B 200 -4.28 -30.35 41.26
N PHE B 201 -4.42 -29.11 41.71
CA PHE B 201 -5.12 -28.15 40.87
C PHE B 201 -4.33 -27.98 39.58
N ARG B 202 -5.04 -27.96 38.47
CA ARG B 202 -4.43 -27.70 37.17
C ARG B 202 -5.42 -26.94 36.30
N ILE B 203 -4.89 -25.97 35.55
CA ILE B 203 -5.56 -25.34 34.43
C ILE B 203 -5.08 -26.04 33.17
N TRP B 204 -5.99 -26.68 32.45
CA TRP B 204 -5.54 -27.47 31.31
C TRP B 204 -5.13 -26.59 30.15
N ASN B 205 -5.82 -25.47 29.98
CA ASN B 205 -5.53 -24.46 28.97
C ASN B 205 -4.14 -23.88 29.18
N SER B 206 -3.41 -23.70 28.09
CA SER B 206 -2.07 -23.14 28.21
C SER B 206 -2.11 -21.66 28.54
N GLN B 207 -3.19 -20.97 28.18
CA GLN B 207 -3.42 -19.59 28.56
C GLN B 207 -4.88 -19.42 28.92
N LEU B 208 -5.16 -18.42 29.75
CA LEU B 208 -6.54 -18.13 30.12
C LEU B 208 -7.37 -17.79 28.89
N VAL B 209 -6.78 -17.08 27.94
CA VAL B 209 -7.46 -16.73 26.69
C VAL B 209 -6.71 -17.41 25.56
N ARG B 210 -7.38 -18.36 24.91
CA ARG B 210 -6.86 -18.99 23.72
C ARG B 210 -7.99 -19.10 22.73
N TYR B 211 -7.64 -19.10 21.46
CA TYR B 211 -8.62 -19.25 20.40
C TYR B 211 -8.64 -20.70 19.94
N ALA B 212 -9.84 -21.21 19.68
CA ALA B 212 -10.00 -22.58 19.22
C ALA B 212 -9.18 -22.82 17.95
N GLY B 213 -8.72 -24.06 17.81
CA GLY B 213 -8.10 -24.51 16.57
C GLY B 213 -8.78 -25.79 16.13
N TYR B 214 -9.64 -25.70 15.12
CA TYR B 214 -10.40 -26.84 14.63
C TYR B 214 -9.69 -27.47 13.44
N ARG B 215 -9.26 -28.72 13.61
CA ARG B 215 -8.79 -29.48 12.45
C ARG B 215 -9.88 -29.51 11.40
N GLN B 216 -9.48 -29.36 10.14
CA GLN B 216 -10.46 -29.13 9.10
C GLN B 216 -10.84 -30.41 8.39
N GLN B 217 -11.94 -30.30 7.63
CA GLN B 217 -12.31 -31.20 6.55
C GLN B 217 -11.08 -31.66 5.78
N ASP B 218 -10.42 -30.72 5.10
CA ASP B 218 -9.25 -31.02 4.25
C ASP B 218 -7.95 -30.97 5.04
N GLY B 219 -7.93 -31.62 6.21
CA GLY B 219 -6.71 -31.82 6.98
C GLY B 219 -6.09 -30.59 7.61
N SER B 220 -6.54 -29.38 7.26
CA SER B 220 -5.94 -28.15 7.77
C SER B 220 -6.48 -27.77 9.14
N VAL B 221 -6.33 -26.50 9.53
CA VAL B 221 -6.76 -26.01 10.82
C VAL B 221 -7.44 -24.67 10.64
N ARG B 222 -8.68 -24.55 11.14
CA ARG B 222 -9.38 -23.28 11.20
C ARG B 222 -9.20 -22.69 12.59
N GLY B 223 -8.78 -21.41 12.63
CA GLY B 223 -8.40 -20.80 13.89
C GLY B 223 -6.93 -20.99 14.17
N ASP B 224 -6.56 -21.16 15.43
CA ASP B 224 -5.17 -21.16 15.85
C ASP B 224 -4.65 -22.59 15.93
N PRO B 225 -3.65 -22.97 15.13
CA PRO B 225 -3.15 -24.35 15.19
C PRO B 225 -2.43 -24.72 16.49
N ALA B 226 -1.93 -23.75 17.27
CA ALA B 226 -1.30 -24.12 18.54
C ALA B 226 -2.30 -24.75 19.51
N ASN B 227 -3.59 -24.68 19.22
CA ASN B 227 -4.63 -25.02 20.18
C ASN B 227 -5.51 -26.16 19.68
N VAL B 228 -5.00 -26.93 18.73
CA VAL B 228 -5.75 -28.08 18.22
C VAL B 228 -6.06 -29.06 19.35
N GLU B 229 -5.04 -29.43 20.14
CA GLU B 229 -5.24 -30.46 21.15
C GLU B 229 -6.22 -30.00 22.22
N ILE B 230 -5.92 -28.86 22.86
CA ILE B 230 -6.78 -28.33 23.91
C ILE B 230 -8.19 -28.11 23.40
N THR B 231 -8.35 -27.76 22.12
CA THR B 231 -9.67 -27.61 21.55
C THR B 231 -10.38 -28.96 21.45
N GLU B 232 -9.65 -29.99 21.01
CA GLU B 232 -10.20 -31.35 20.98
C GLU B 232 -10.62 -31.78 22.37
N LEU B 233 -9.75 -31.54 23.36
CA LEU B 233 -10.10 -31.84 24.75
C LEU B 233 -11.36 -31.13 25.18
N CYS B 234 -11.50 -29.85 24.84
CA CYS B 234 -12.67 -29.11 25.28
C CYS B 234 -13.95 -29.74 24.74
N ILE B 235 -13.95 -30.10 23.45
CA ILE B 235 -15.09 -30.78 22.84
C ILE B 235 -15.34 -32.11 23.54
N GLN B 236 -14.29 -32.91 23.68
CA GLN B 236 -14.37 -34.20 24.35
C GLN B 236 -14.99 -34.07 25.74
N HIS B 237 -14.79 -32.92 26.40
CA HIS B 237 -15.36 -32.65 27.70
C HIS B 237 -16.63 -31.81 27.61
N GLY B 238 -17.34 -31.89 26.49
CA GLY B 238 -18.68 -31.35 26.41
C GLY B 238 -18.79 -29.93 25.89
N TRP B 239 -17.74 -29.37 25.31
CA TRP B 239 -17.88 -28.05 24.72
C TRP B 239 -18.55 -28.18 23.37
N THR B 240 -19.60 -27.40 23.17
CA THR B 240 -20.17 -27.28 21.85
C THR B 240 -19.28 -26.31 21.06
N PRO B 241 -18.55 -26.80 20.07
CA PRO B 241 -17.61 -25.94 19.36
C PRO B 241 -18.33 -24.83 18.60
N GLY B 242 -17.57 -23.79 18.31
CA GLY B 242 -17.90 -22.87 17.24
C GLY B 242 -17.20 -23.31 15.98
N ASN B 243 -17.10 -22.39 15.02
CA ASN B 243 -16.31 -22.68 13.83
C ASN B 243 -15.71 -21.41 13.23
N GLY B 244 -15.53 -20.35 14.02
CA GLY B 244 -14.76 -19.21 13.60
C GLY B 244 -13.27 -19.44 13.79
N ARG B 245 -12.49 -18.40 13.47
CA ARG B 245 -11.05 -18.39 13.61
C ARG B 245 -10.59 -17.79 14.91
N PHE B 246 -11.47 -17.08 15.60
CA PHE B 246 -11.15 -16.40 16.85
C PHE B 246 -12.18 -16.77 17.90
N ASP B 247 -12.45 -18.07 17.99
CA ASP B 247 -13.37 -18.60 18.99
C ASP B 247 -12.62 -18.75 20.31
N VAL B 248 -12.98 -17.94 21.30
CA VAL B 248 -12.33 -18.04 22.60
C VAL B 248 -12.62 -19.40 23.22
N LEU B 249 -11.59 -20.05 23.74
CA LEU B 249 -11.78 -21.39 24.28
C LEU B 249 -12.39 -21.32 25.68
N PRO B 250 -13.19 -22.32 26.03
CA PRO B 250 -13.59 -22.47 27.44
C PRO B 250 -12.40 -22.98 28.25
N LEU B 251 -12.48 -22.75 29.56
CA LEU B 251 -11.46 -23.26 30.48
C LEU B 251 -11.79 -24.69 30.92
N LEU B 252 -10.78 -25.56 30.85
CA LEU B 252 -10.81 -26.88 31.49
C LEU B 252 -10.04 -26.77 32.79
N LEU B 253 -10.77 -26.82 33.90
CA LEU B 253 -10.20 -26.59 35.22
C LEU B 253 -10.27 -27.87 36.02
N GLN B 254 -9.13 -28.30 36.53
CA GLN B 254 -8.97 -29.56 37.23
C GLN B 254 -8.73 -29.24 38.70
N ALA B 255 -9.70 -29.66 39.56
CA ALA B 255 -9.60 -29.79 41.00
C ALA B 255 -8.94 -31.13 41.36
N PRO B 256 -8.27 -31.21 42.51
CA PRO B 256 -7.53 -32.42 42.85
C PRO B 256 -8.41 -33.66 42.77
N ASP B 257 -7.87 -34.71 42.15
CA ASP B 257 -8.51 -36.03 42.12
C ASP B 257 -9.91 -35.95 41.52
N GLU B 258 -10.11 -34.94 40.69
CA GLU B 258 -11.28 -34.63 39.88
C GLU B 258 -10.91 -34.73 38.42
N PRO B 259 -11.84 -35.13 37.56
CA PRO B 259 -11.68 -34.86 36.12
C PRO B 259 -11.70 -33.37 35.89
N PRO B 260 -11.15 -32.88 34.77
CA PRO B 260 -11.25 -31.45 34.48
C PRO B 260 -12.70 -31.07 34.27
N GLU B 261 -13.01 -29.83 34.61
CA GLU B 261 -14.35 -29.29 34.48
C GLU B 261 -14.34 -28.12 33.51
N LEU B 262 -15.37 -28.06 32.67
CA LEU B 262 -15.48 -27.08 31.61
C LEU B 262 -16.13 -25.80 32.12
N PHE B 263 -15.52 -24.65 31.86
CA PHE B 263 -16.06 -23.36 32.28
C PHE B 263 -15.95 -22.37 31.12
N LEU B 264 -17.10 -21.86 30.68
CA LEU B 264 -17.14 -20.82 29.67
C LEU B 264 -16.74 -19.49 30.29
N LEU B 265 -15.79 -18.81 29.68
CA LEU B 265 -15.50 -17.45 30.08
C LEU B 265 -16.62 -16.54 29.59
N PRO B 266 -17.15 -15.65 30.44
CA PRO B 266 -18.11 -14.66 29.96
C PRO B 266 -17.48 -13.80 28.86
N PRO B 267 -18.17 -13.66 27.74
CA PRO B 267 -17.63 -12.85 26.64
C PRO B 267 -17.17 -11.47 27.09
N GLU B 268 -17.94 -10.82 27.97
CA GLU B 268 -17.60 -9.47 28.42
C GLU B 268 -16.41 -9.45 29.36
N LEU B 269 -15.86 -10.60 29.70
CA LEU B 269 -14.65 -10.64 30.48
C LEU B 269 -13.41 -10.72 29.61
N VAL B 270 -13.57 -11.19 28.37
CA VAL B 270 -12.47 -11.39 27.43
C VAL B 270 -12.42 -10.18 26.50
N LEU B 271 -11.56 -9.24 26.82
CA LEU B 271 -11.39 -8.04 26.02
C LEU B 271 -10.53 -8.39 24.80
N GLU B 272 -11.09 -8.17 23.61
CA GLU B 272 -10.40 -8.40 22.35
C GLU B 272 -10.19 -7.10 21.59
N VAL B 273 -9.31 -7.16 20.61
CA VAL B 273 -8.90 -5.99 19.84
C VAL B 273 -9.02 -6.38 18.37
N PRO B 274 -10.06 -5.92 17.67
CA PRO B 274 -10.10 -6.14 16.22
C PRO B 274 -8.91 -5.42 15.61
N LEU B 275 -8.31 -6.05 14.61
CA LEU B 275 -7.05 -5.59 14.06
C LEU B 275 -7.30 -4.79 12.78
N GLU B 276 -6.81 -3.56 12.76
CA GLU B 276 -6.85 -2.73 11.57
C GLU B 276 -5.48 -2.10 11.36
N HIS B 277 -5.27 -1.57 10.17
CA HIS B 277 -4.00 -0.95 9.88
C HIS B 277 -4.20 0.55 9.73
N PRO B 278 -3.31 1.38 10.28
CA PRO B 278 -3.51 2.84 10.17
C PRO B 278 -3.67 3.32 8.74
N THR B 279 -2.99 2.69 7.80
CA THR B 279 -3.07 3.12 6.41
C THR B 279 -3.66 2.07 5.47
N LEU B 280 -3.44 0.77 5.69
CA LEU B 280 -4.01 -0.20 4.74
C LEU B 280 -5.43 -0.54 5.16
N GLU B 281 -6.40 0.20 4.59
CA GLU B 281 -7.79 0.05 5.05
C GLU B 281 -8.37 -1.31 4.72
N TRP B 282 -7.86 -1.99 3.69
CA TRP B 282 -8.31 -3.36 3.44
C TRP B 282 -7.89 -4.31 4.56
N PHE B 283 -7.03 -3.87 5.48
CA PHE B 283 -6.55 -4.77 6.51
C PHE B 283 -7.67 -5.20 7.44
N ALA B 284 -8.59 -4.29 7.79
CA ALA B 284 -9.68 -4.67 8.69
C ALA B 284 -10.57 -5.75 8.07
N ALA B 285 -10.63 -5.82 6.74
CA ALA B 285 -11.45 -6.83 6.09
C ALA B 285 -10.87 -8.24 6.22
N LEU B 286 -9.67 -8.38 6.79
CA LEU B 286 -9.15 -9.70 7.13
C LEU B 286 -9.91 -10.33 8.30
N GLY B 287 -10.60 -9.52 9.10
CA GLY B 287 -11.32 -10.02 10.26
C GLY B 287 -10.41 -10.56 11.34
N LEU B 288 -9.19 -10.05 11.43
CA LEU B 288 -8.27 -10.52 12.44
C LEU B 288 -8.52 -9.79 13.74
N ARG B 289 -8.34 -10.52 14.84
CA ARG B 289 -8.50 -10.02 16.19
C ARG B 289 -7.40 -10.67 17.01
N TRP B 290 -7.02 -10.00 18.10
CA TRP B 290 -6.33 -10.67 19.18
C TRP B 290 -6.90 -10.22 20.51
N TYR B 291 -6.62 -10.98 21.56
CA TYR B 291 -7.18 -10.66 22.87
C TYR B 291 -6.19 -9.83 23.68
N ALA B 292 -6.72 -9.12 24.69
CA ALA B 292 -5.92 -8.14 25.42
C ALA B 292 -4.92 -8.80 26.36
N LEU B 293 -5.33 -9.90 27.00
CA LEU B 293 -4.68 -10.39 28.20
C LEU B 293 -3.84 -11.60 27.87
N PRO B 294 -2.53 -11.52 27.95
CA PRO B 294 -1.70 -12.73 27.88
C PRO B 294 -1.56 -13.35 29.27
N ALA B 295 -2.24 -14.47 29.52
CA ALA B 295 -2.22 -15.08 30.85
C ALA B 295 -1.74 -16.52 30.69
N VAL B 296 -0.48 -16.76 31.02
CA VAL B 296 0.05 -18.11 30.91
C VAL B 296 -0.48 -18.92 32.08
N SER B 297 -1.09 -20.05 31.78
CA SER B 297 -1.84 -20.78 32.79
C SER B 297 -1.39 -22.22 33.01
N ASN B 298 -0.43 -22.72 32.23
CA ASN B 298 -0.01 -24.12 32.30
C ASN B 298 1.35 -24.28 32.94
N MET B 299 1.86 -23.25 33.61
CA MET B 299 3.21 -23.35 34.15
C MET B 299 3.15 -23.58 35.64
N LEU B 300 4.23 -24.15 36.17
CA LEU B 300 4.30 -24.48 37.58
C LEU B 300 5.11 -23.41 38.28
N LEU B 301 4.55 -22.86 39.36
CA LEU B 301 5.25 -21.89 40.18
C LEU B 301 5.97 -22.65 41.29
N GLU B 302 7.27 -22.42 41.42
CA GLU B 302 8.10 -23.08 42.41
C GLU B 302 8.67 -22.05 43.37
N ILE B 303 8.29 -22.14 44.65
CA ILE B 303 8.78 -21.27 45.70
C ILE B 303 9.30 -22.14 46.84
N GLY B 304 10.56 -21.96 47.19
CA GLY B 304 11.24 -22.68 48.26
C GLY B 304 10.90 -24.15 48.35
N GLY B 305 11.03 -24.86 47.23
CA GLY B 305 10.71 -26.26 47.19
C GLY B 305 9.24 -26.57 47.09
N LEU B 306 8.37 -25.61 47.35
CA LEU B 306 6.96 -25.87 47.21
C LEU B 306 6.57 -25.72 45.75
N GLU B 307 5.58 -26.48 45.33
CA GLU B 307 5.18 -26.50 43.93
C GLU B 307 3.72 -26.12 43.82
N PHE B 308 3.44 -25.07 43.03
CA PHE B 308 2.08 -24.65 42.74
C PHE B 308 1.79 -24.97 41.28
N PRO B 309 1.24 -26.15 40.97
CA PRO B 309 1.01 -26.53 39.57
C PRO B 309 -0.02 -25.66 38.89
N ALA B 310 -0.82 -24.90 39.63
CA ALA B 310 -1.80 -23.99 39.05
C ALA B 310 -1.54 -22.60 39.61
N ALA B 311 -0.94 -21.72 38.80
CA ALA B 311 -0.70 -20.34 39.22
C ALA B 311 -0.62 -19.44 37.98
N PRO B 312 -1.75 -19.19 37.33
CA PRO B 312 -1.72 -18.42 36.08
C PRO B 312 -1.27 -16.98 36.32
N PHE B 313 -0.40 -16.48 35.43
CA PHE B 313 0.10 -15.13 35.53
C PHE B 313 -0.12 -14.37 34.22
N SER B 314 -0.26 -13.05 34.32
CA SER B 314 -0.62 -12.25 33.16
C SER B 314 0.12 -10.92 33.25
N GLY B 315 0.47 -10.39 32.08
CA GLY B 315 1.02 -9.06 31.99
C GLY B 315 0.31 -8.31 30.88
N TRP B 316 1.08 -7.74 29.96
CA TRP B 316 0.51 -7.26 28.72
C TRP B 316 1.45 -7.69 27.59
N TYR B 317 0.91 -7.68 26.38
CA TYR B 317 1.64 -8.22 25.25
C TYR B 317 2.75 -7.28 24.81
N MET B 318 3.82 -7.88 24.31
CA MET B 318 4.71 -7.21 23.37
C MET B 318 4.18 -7.48 21.97
N SER B 319 4.12 -6.42 21.15
CA SER B 319 3.41 -6.49 19.87
C SER B 319 3.94 -7.58 18.94
N THR B 320 5.21 -7.95 19.07
CA THR B 320 5.73 -9.00 18.20
C THR B 320 5.12 -10.37 18.52
N GLU B 321 4.72 -10.63 19.77
CA GLU B 321 4.09 -11.93 20.03
C GLU B 321 2.87 -12.11 19.15
N ILE B 322 2.07 -11.06 19.05
CA ILE B 322 0.89 -11.08 18.20
C ILE B 322 1.26 -10.86 16.75
N GLY B 323 1.98 -9.78 16.47
CA GLY B 323 2.19 -9.39 15.09
C GLY B 323 3.08 -10.37 14.33
N THR B 324 4.18 -10.76 14.94
CA THR B 324 5.11 -11.67 14.29
C THR B 324 4.72 -13.13 14.54
N ARG B 325 4.86 -13.59 15.78
CA ARG B 325 4.69 -15.02 16.06
C ARG B 325 3.26 -15.48 15.84
N ASN B 326 2.30 -14.89 16.57
CA ASN B 326 0.97 -15.50 16.60
C ASN B 326 0.31 -15.47 15.23
N LEU B 327 0.58 -14.44 14.44
CA LEU B 327 -0.10 -14.23 13.18
C LEU B 327 0.71 -14.65 11.95
N CYS B 328 2.05 -14.59 12.02
CA CYS B 328 2.90 -14.88 10.87
C CYS B 328 3.65 -16.22 10.92
N ASP B 329 3.82 -16.81 12.10
CA ASP B 329 4.39 -18.15 12.16
C ASP B 329 3.68 -19.05 11.17
N PRO B 330 4.40 -19.76 10.31
CA PRO B 330 3.74 -20.64 9.32
C PRO B 330 2.78 -21.62 9.96
N HIS B 331 3.09 -22.07 11.18
CA HIS B 331 2.30 -23.05 11.90
C HIS B 331 1.31 -22.38 12.85
N ARG B 332 1.11 -21.07 12.73
CA ARG B 332 0.09 -20.38 13.50
C ARG B 332 -0.96 -19.80 12.54
N TYR B 333 -1.28 -18.52 12.64
CA TYR B 333 -2.29 -17.99 11.72
C TYR B 333 -1.76 -17.82 10.29
N ASN B 334 -0.44 -17.72 10.10
CA ASN B 334 0.20 -17.79 8.78
C ASN B 334 -0.44 -16.85 7.76
N ILE B 335 -0.59 -15.58 8.15
CA ILE B 335 -1.24 -14.59 7.28
C ILE B 335 -0.26 -13.88 6.35
N LEU B 336 1.04 -14.18 6.46
CA LEU B 336 2.07 -13.31 5.88
C LEU B 336 1.88 -13.15 4.38
N GLU B 337 1.67 -14.26 3.67
CA GLU B 337 1.54 -14.16 2.22
C GLU B 337 0.25 -13.47 1.85
N ASP B 338 -0.83 -13.75 2.59
CA ASP B 338 -2.09 -13.08 2.30
C ASP B 338 -1.96 -11.58 2.49
N VAL B 339 -1.23 -11.15 3.51
CA VAL B 339 -0.98 -9.72 3.68
C VAL B 339 -0.10 -9.17 2.56
N ALA B 340 0.98 -9.88 2.22
CA ALA B 340 1.90 -9.39 1.21
C ALA B 340 1.23 -9.26 -0.15
N VAL B 341 0.48 -10.29 -0.55
CA VAL B 341 -0.32 -10.24 -1.77
C VAL B 341 -1.26 -9.04 -1.74
N CYS B 342 -1.96 -8.83 -0.61
CA CYS B 342 -2.84 -7.67 -0.54
C CYS B 342 -2.04 -6.38 -0.72
N MET B 343 -0.87 -6.29 -0.09
CA MET B 343 0.01 -5.13 -0.22
C MET B 343 0.56 -4.97 -1.63
N ASP B 344 0.26 -5.92 -2.53
CA ASP B 344 0.83 -5.94 -3.87
C ASP B 344 2.35 -5.96 -3.83
N LEU B 345 2.90 -6.74 -2.91
CA LEU B 345 4.31 -7.03 -2.98
C LEU B 345 4.53 -8.18 -3.95
N ASP B 346 5.76 -8.26 -4.47
CA ASP B 346 6.12 -9.34 -5.39
C ASP B 346 6.53 -10.52 -4.54
N THR B 347 5.62 -11.47 -4.39
CA THR B 347 5.83 -12.61 -3.52
C THR B 347 6.50 -13.78 -4.26
N ARG B 348 6.91 -13.57 -5.50
CA ARG B 348 7.51 -14.66 -6.26
C ARG B 348 9.03 -14.70 -6.15
N THR B 349 9.65 -13.68 -5.54
CA THR B 349 11.07 -13.74 -5.19
C THR B 349 11.26 -13.29 -3.75
N THR B 350 12.26 -13.90 -3.08
CA THR B 350 12.53 -13.55 -1.69
C THR B 350 13.27 -12.23 -1.58
N SER B 351 14.09 -11.89 -2.58
CA SER B 351 14.95 -10.71 -2.48
C SER B 351 14.16 -9.41 -2.51
N SER B 352 12.90 -9.43 -2.95
CA SER B 352 12.04 -8.26 -2.75
C SER B 352 11.76 -7.99 -1.27
N LEU B 353 12.02 -8.95 -0.39
CA LEU B 353 11.79 -8.83 1.06
C LEU B 353 10.31 -8.61 1.35
N TRP B 354 9.46 -9.31 0.59
CA TRP B 354 8.02 -9.18 0.80
C TRP B 354 7.63 -9.70 2.17
N LYS B 355 8.29 -10.76 2.64
CA LYS B 355 8.00 -11.28 3.98
C LYS B 355 8.30 -10.22 5.03
N ASP B 356 9.51 -9.68 5.01
CA ASP B 356 9.89 -8.66 5.97
C ASP B 356 8.92 -7.49 5.96
N LYS B 357 8.51 -7.05 4.77
CA LYS B 357 7.64 -5.88 4.63
C LYS B 357 6.23 -6.16 5.11
N ALA B 358 5.66 -7.31 4.74
CA ALA B 358 4.32 -7.62 5.20
C ALA B 358 4.29 -7.77 6.71
N ALA B 359 5.34 -8.38 7.28
CA ALA B 359 5.39 -8.56 8.73
C ALA B 359 5.51 -7.23 9.45
N VAL B 360 6.36 -6.32 8.94
CA VAL B 360 6.47 -5.02 9.57
C VAL B 360 5.09 -4.37 9.67
N GLU B 361 4.29 -4.50 8.60
CA GLU B 361 3.01 -3.82 8.59
C GLU B 361 2.01 -4.52 9.50
N ILE B 362 2.13 -5.84 9.62
CA ILE B 362 1.28 -6.59 10.54
C ILE B 362 1.58 -6.16 11.97
N ASN B 363 2.84 -5.93 12.29
CA ASN B 363 3.18 -5.42 13.61
C ASN B 363 2.66 -4.01 13.82
N VAL B 364 2.77 -3.15 12.79
CA VAL B 364 2.20 -1.80 12.85
C VAL B 364 0.71 -1.88 13.17
N ALA B 365 -0.01 -2.79 12.51
CA ALA B 365 -1.45 -2.92 12.71
C ALA B 365 -1.77 -3.33 14.14
N VAL B 366 -1.00 -4.26 14.67
CA VAL B 366 -1.23 -4.68 16.05
C VAL B 366 -1.07 -3.49 16.99
N LEU B 367 0.06 -2.79 16.87
CA LEU B 367 0.34 -1.64 17.73
C LEU B 367 -0.75 -0.59 17.60
N HIS B 368 -1.12 -0.29 16.37
CA HIS B 368 -2.12 0.74 16.12
C HIS B 368 -3.48 0.31 16.65
N SER B 369 -3.81 -0.95 16.45
CA SER B 369 -5.12 -1.43 16.88
C SER B 369 -5.23 -1.39 18.40
N TYR B 370 -4.21 -1.87 19.11
CA TYR B 370 -4.24 -1.86 20.57
C TYR B 370 -4.22 -0.44 21.11
N GLN B 371 -3.42 0.44 20.52
CA GLN B 371 -3.45 1.84 20.92
C GLN B 371 -4.83 2.43 20.66
N LEU B 372 -5.40 2.15 19.48
CA LEU B 372 -6.70 2.69 19.14
C LEU B 372 -7.75 2.20 20.13
N ALA B 373 -7.69 0.92 20.49
CA ALA B 373 -8.61 0.33 21.46
C ALA B 373 -8.27 0.66 22.90
N LYS B 374 -7.19 1.41 23.16
CA LYS B 374 -6.77 1.75 24.54
C LYS B 374 -6.52 0.50 25.38
N VAL B 375 -5.79 -0.44 24.80
CA VAL B 375 -5.36 -1.67 25.45
C VAL B 375 -3.85 -1.63 25.50
N THR B 376 -3.28 -1.70 26.69
CA THR B 376 -1.83 -1.67 26.86
C THR B 376 -1.11 -2.58 25.87
N ILE B 377 -0.02 -2.08 25.32
CA ILE B 377 0.84 -2.88 24.45
C ILE B 377 2.19 -2.18 24.42
N VAL B 378 3.25 -2.97 24.29
CA VAL B 378 4.61 -2.45 24.21
C VAL B 378 5.22 -2.99 22.93
N ASP B 379 5.83 -2.10 22.13
CA ASP B 379 6.53 -2.55 20.93
C ASP B 379 7.88 -3.15 21.33
N HIS B 380 8.50 -3.87 20.40
CA HIS B 380 9.75 -4.55 20.72
C HIS B 380 10.89 -3.58 20.99
N HIS B 381 10.79 -2.34 20.51
CA HIS B 381 11.85 -1.39 20.78
C HIS B 381 11.75 -0.83 22.19
N ALA B 382 10.54 -0.44 22.59
CA ALA B 382 10.33 -0.05 23.98
C ALA B 382 10.66 -1.19 24.93
N ALA B 383 10.21 -2.41 24.61
CA ALA B 383 10.39 -3.53 25.54
C ALA B 383 11.86 -3.85 25.74
N THR B 384 12.62 -3.93 24.64
CA THR B 384 14.03 -4.28 24.73
C THR B 384 14.83 -3.19 25.43
N ALA B 385 14.46 -1.93 25.23
CA ALA B 385 15.12 -0.84 25.96
C ALA B 385 14.87 -0.96 27.45
N SER B 386 13.63 -1.23 27.84
CA SER B 386 13.36 -1.37 29.27
C SER B 386 14.04 -2.60 29.84
N PHE B 387 14.11 -3.68 29.06
CA PHE B 387 14.85 -4.83 29.53
C PHE B 387 16.33 -4.52 29.72
N MET B 388 16.89 -3.65 28.87
CA MET B 388 18.28 -3.23 29.09
C MET B 388 18.41 -2.49 30.42
N LYS B 389 17.44 -1.65 30.74
CA LYS B 389 17.45 -1.01 32.05
C LYS B 389 17.27 -2.05 33.15
N HIS B 390 16.48 -3.10 32.89
CA HIS B 390 16.34 -4.18 33.87
C HIS B 390 17.69 -4.85 34.10
N LEU B 391 18.45 -5.09 33.02
CA LEU B 391 19.75 -5.74 33.16
C LEU B 391 20.69 -4.90 33.99
N GLU B 392 20.70 -3.58 33.74
CA GLU B 392 21.54 -2.69 34.55
C GLU B 392 21.07 -2.67 36.01
N ASN B 393 19.75 -2.55 36.24
CA ASN B 393 19.27 -2.61 37.61
C ASN B 393 19.69 -3.93 38.27
N GLU B 394 19.56 -5.04 37.54
CA GLU B 394 19.81 -6.34 38.14
C GLU B 394 21.28 -6.54 38.45
N GLN B 395 22.16 -5.97 37.64
CA GLN B 395 23.59 -6.10 37.87
C GLN B 395 23.99 -5.40 39.16
N LYS B 396 23.45 -4.21 39.40
CA LYS B 396 23.67 -3.54 40.67
C LYS B 396 23.08 -4.34 41.84
N ALA B 397 21.83 -4.82 41.68
CA ALA B 397 21.12 -5.42 42.81
C ALA B 397 21.59 -6.84 43.12
N ARG B 398 21.83 -7.66 42.11
CA ARG B 398 22.10 -9.07 42.33
C ARG B 398 23.40 -9.57 41.74
N GLY B 399 24.10 -8.74 40.96
CA GLY B 399 25.33 -9.16 40.32
C GLY B 399 25.12 -9.88 39.00
N GLY B 400 24.01 -9.63 38.33
CA GLY B 400 23.70 -10.32 37.09
C GLY B 400 22.21 -10.49 36.91
N CYS B 401 21.86 -11.31 35.92
CA CYS B 401 20.47 -11.56 35.56
C CYS B 401 20.39 -12.73 34.59
N PRO B 402 19.64 -13.78 34.93
CA PRO B 402 19.45 -14.87 33.98
C PRO B 402 18.64 -14.40 32.78
N ALA B 403 19.13 -14.70 31.58
CA ALA B 403 18.48 -14.20 30.38
C ALA B 403 18.73 -15.17 29.24
N ASP B 404 17.67 -15.49 28.51
CA ASP B 404 17.69 -16.40 27.37
C ASP B 404 17.70 -15.54 26.11
N TRP B 405 18.91 -15.34 25.57
CA TRP B 405 19.10 -14.43 24.46
C TRP B 405 18.14 -14.72 23.31
N ALA B 406 18.02 -16.00 22.94
CA ALA B 406 17.16 -16.37 21.83
C ALA B 406 15.70 -16.02 22.08
N TRP B 407 15.28 -15.90 23.34
CA TRP B 407 13.93 -15.50 23.69
C TRP B 407 13.80 -14.01 23.97
N ILE B 408 14.88 -13.35 24.39
CA ILE B 408 14.81 -11.93 24.70
C ILE B 408 14.89 -11.10 23.41
N VAL B 409 15.69 -11.54 22.44
CA VAL B 409 15.79 -10.85 21.16
C VAL B 409 14.50 -11.06 20.38
N PRO B 410 13.78 -9.99 20.05
CA PRO B 410 12.48 -10.12 19.37
C PRO B 410 12.61 -10.84 18.04
N PRO B 411 11.52 -11.47 17.57
CA PRO B 411 11.62 -12.31 16.37
C PRO B 411 11.68 -11.55 15.06
N ILE B 412 11.40 -10.24 15.05
CA ILE B 412 11.74 -9.36 13.94
C ILE B 412 12.70 -8.32 14.48
N SER B 413 13.49 -7.75 13.55
CA SER B 413 14.30 -6.56 13.81
C SER B 413 15.26 -6.75 14.96
N GLY B 414 15.71 -8.00 15.16
CA GLY B 414 16.52 -8.37 16.32
C GLY B 414 17.68 -7.44 16.62
N SER B 415 18.57 -7.21 15.66
CA SER B 415 19.74 -6.37 15.92
C SER B 415 19.41 -4.88 15.90
N LEU B 416 18.17 -4.53 15.55
CA LEU B 416 17.73 -3.16 15.73
C LEU B 416 17.42 -2.85 17.19
N THR B 417 17.20 -3.88 18.01
CA THR B 417 16.97 -3.69 19.42
C THR B 417 18.28 -3.84 20.17
N PRO B 418 18.41 -3.18 21.33
CA PRO B 418 19.68 -3.23 22.05
C PRO B 418 20.02 -4.59 22.63
N VAL B 419 19.03 -5.45 22.92
CA VAL B 419 19.32 -6.74 23.55
C VAL B 419 20.13 -7.65 22.63
N PHE B 420 20.02 -7.47 21.31
CA PHE B 420 20.77 -8.29 20.36
C PHE B 420 22.27 -8.24 20.63
N HIS B 421 22.79 -7.05 20.93
CA HIS B 421 24.23 -6.85 21.08
C HIS B 421 24.70 -7.04 22.51
N GLN B 422 23.84 -7.62 23.34
CA GLN B 422 24.12 -7.82 24.75
C GLN B 422 24.31 -9.33 24.98
N GLU B 423 25.51 -9.71 25.39
CA GLU B 423 25.72 -11.09 25.78
C GLU B 423 24.91 -11.36 27.04
N MET B 424 24.53 -12.63 27.22
CA MET B 424 23.69 -12.99 28.34
C MET B 424 24.09 -14.36 28.87
N VAL B 425 23.89 -14.53 30.18
CA VAL B 425 24.14 -15.80 30.86
C VAL B 425 22.79 -16.38 31.24
N ASN B 426 22.51 -17.56 30.74
CA ASN B 426 21.25 -18.24 31.04
C ASN B 426 21.49 -19.30 32.10
N TYR B 427 20.69 -19.25 33.17
CA TYR B 427 20.79 -20.17 34.29
C TYR B 427 19.48 -20.10 35.05
N PHE B 428 19.23 -21.13 35.87
CA PHE B 428 17.95 -21.31 36.54
C PHE B 428 18.08 -20.88 38.00
N LEU B 429 17.41 -19.78 38.35
CA LEU B 429 17.29 -19.39 39.75
C LEU B 429 15.92 -19.79 40.29
N SER B 430 15.86 -20.06 41.60
CA SER B 430 14.59 -20.34 42.27
C SER B 430 14.29 -19.24 43.29
N PRO B 431 13.04 -18.79 43.44
CA PRO B 431 11.76 -19.16 42.81
C PRO B 431 11.69 -19.01 41.30
N ALA B 432 10.75 -19.76 40.74
CA ALA B 432 10.80 -19.95 39.31
C ALA B 432 9.45 -20.38 38.79
N PHE B 433 9.20 -20.03 37.56
CA PHE B 433 8.15 -20.65 36.77
C PHE B 433 8.83 -21.72 35.94
N ARG B 434 8.29 -22.92 35.97
CA ARG B 434 8.86 -24.03 35.22
C ARG B 434 7.77 -24.59 34.32
N TYR B 435 8.18 -25.13 33.19
CA TYR B 435 7.26 -25.95 32.40
C TYR B 435 6.94 -27.22 33.16
N GLN B 436 5.77 -27.77 32.87
CA GLN B 436 5.36 -29.03 33.45
C GLN B 436 4.61 -29.79 32.37
N PRO B 437 4.55 -31.12 32.46
CA PRO B 437 3.82 -31.87 31.44
C PRO B 437 2.36 -31.49 31.46
N ASP B 438 1.71 -31.73 30.32
CA ASP B 438 0.27 -31.50 30.24
C ASP B 438 -0.46 -32.50 31.12
N PRO B 439 -1.57 -32.10 31.75
CA PRO B 439 -2.25 -33.04 32.66
C PRO B 439 -2.83 -34.25 31.96
N TRP B 440 -2.99 -34.23 30.64
CA TRP B 440 -3.65 -35.35 29.95
C TRP B 440 -2.68 -36.34 29.31
N LYS C 27 -32.11 33.52 -32.41
CA LYS C 27 -31.17 32.45 -32.07
C LYS C 27 -31.64 31.71 -30.82
N PHE C 28 -32.53 30.74 -31.03
CA PHE C 28 -32.91 29.83 -29.97
C PHE C 28 -32.15 28.53 -30.19
N PRO C 29 -31.23 28.15 -29.30
CA PRO C 29 -30.36 27.01 -29.58
C PRO C 29 -31.16 25.73 -29.84
N ARG C 30 -30.79 25.05 -30.91
CA ARG C 30 -31.34 23.75 -31.26
C ARG C 30 -30.67 22.69 -30.40
N VAL C 31 -31.47 21.85 -29.75
CA VAL C 31 -30.97 20.90 -28.77
C VAL C 31 -31.53 19.54 -29.13
N LYS C 32 -30.63 18.59 -29.38
CA LYS C 32 -30.97 17.28 -29.90
C LYS C 32 -30.70 16.21 -28.85
N ASN C 33 -31.56 15.19 -28.85
CA ASN C 33 -31.27 13.95 -28.14
C ASN C 33 -30.81 12.95 -29.17
N TRP C 34 -29.60 12.42 -28.98
CA TRP C 34 -28.97 11.56 -29.96
C TRP C 34 -29.42 10.11 -29.86
N GLU C 35 -30.06 9.74 -28.76
CA GLU C 35 -30.59 8.38 -28.60
C GLU C 35 -31.92 8.25 -29.32
N VAL C 36 -32.74 9.30 -29.28
CA VAL C 36 -34.08 9.29 -29.82
C VAL C 36 -34.11 9.98 -31.17
N GLY C 37 -33.24 10.97 -31.35
CA GLY C 37 -33.29 11.84 -32.51
C GLY C 37 -34.20 13.04 -32.33
N SER C 38 -34.81 13.20 -31.16
CA SER C 38 -35.76 14.27 -30.95
C SER C 38 -35.04 15.62 -30.87
N ILE C 39 -35.69 16.65 -31.40
CA ILE C 39 -35.19 18.02 -31.40
C ILE C 39 -36.15 18.88 -30.59
N THR C 40 -35.61 19.68 -29.68
CA THR C 40 -36.34 20.79 -29.09
C THR C 40 -35.54 22.07 -29.30
N TYR C 41 -36.16 23.20 -28.98
CA TYR C 41 -35.50 24.49 -29.03
C TYR C 41 -35.59 25.14 -27.66
N ASP C 42 -34.45 25.60 -27.12
CA ASP C 42 -34.44 26.25 -25.82
C ASP C 42 -34.70 27.72 -26.03
N THR C 43 -35.95 28.12 -25.78
CA THR C 43 -36.30 29.53 -25.83
C THR C 43 -36.16 30.22 -24.48
N LEU C 44 -35.98 29.44 -23.41
CA LEU C 44 -35.81 30.00 -22.08
C LEU C 44 -34.40 30.54 -21.85
N SER C 45 -33.41 30.10 -22.64
CA SER C 45 -32.07 30.66 -22.52
C SER C 45 -32.01 32.12 -22.92
N ALA C 46 -32.96 32.58 -23.74
CA ALA C 46 -33.04 34.00 -24.05
C ALA C 46 -33.25 34.84 -22.80
N GLN C 47 -33.95 34.29 -21.80
CA GLN C 47 -34.22 34.99 -20.55
C GLN C 47 -33.06 34.89 -19.56
N ALA C 48 -31.94 34.31 -19.95
CA ALA C 48 -30.81 34.17 -19.03
C ALA C 48 -30.39 35.53 -18.53
N GLN C 49 -30.52 35.73 -17.22
CA GLN C 49 -30.21 37.02 -16.61
C GLN C 49 -28.70 37.26 -16.61
N GLN C 50 -28.01 36.76 -15.59
CA GLN C 50 -26.59 37.05 -15.46
C GLN C 50 -25.78 36.26 -16.49
N ASP C 51 -24.51 36.62 -16.61
CA ASP C 51 -23.65 36.11 -17.66
C ASP C 51 -22.80 34.94 -17.14
N GLY C 52 -22.67 33.90 -17.96
CA GLY C 52 -21.81 32.78 -17.66
C GLY C 52 -20.40 32.96 -18.16
N PRO C 53 -19.57 31.92 -18.01
CA PRO C 53 -18.13 32.08 -18.18
C PRO C 53 -17.65 32.02 -19.62
N CYS C 54 -18.49 31.57 -20.54
CA CYS C 54 -18.06 31.22 -21.88
C CYS C 54 -18.11 32.44 -22.80
N THR C 55 -17.33 32.36 -23.87
CA THR C 55 -17.37 33.33 -24.95
C THR C 55 -17.33 32.60 -26.28
N PRO C 56 -17.63 33.27 -27.38
CA PRO C 56 -17.45 32.64 -28.70
C PRO C 56 -16.03 32.15 -28.93
N ARG C 57 -15.06 32.69 -28.19
CA ARG C 57 -13.67 32.29 -28.36
C ARG C 57 -13.36 30.98 -27.66
N ARG C 58 -13.85 30.79 -26.42
CA ARG C 58 -13.56 29.53 -25.74
C ARG C 58 -14.68 29.20 -24.77
N CYS C 59 -15.01 27.91 -24.71
CA CYS C 59 -16.02 27.39 -23.80
C CYS C 59 -15.35 27.03 -22.47
N LEU C 60 -15.84 27.63 -21.38
CA LEU C 60 -15.37 27.31 -20.04
C LEU C 60 -16.46 26.59 -19.24
N GLY C 61 -17.30 25.80 -19.91
CA GLY C 61 -18.36 25.08 -19.24
C GLY C 61 -17.87 24.09 -18.18
N SER C 62 -16.67 23.56 -18.33
CA SER C 62 -16.17 22.55 -17.39
C SER C 62 -15.58 23.16 -16.11
N LEU C 63 -15.54 24.47 -15.96
CA LEU C 63 -15.02 25.03 -14.71
C LEU C 63 -16.05 24.87 -13.60
N VAL C 64 -15.58 24.48 -12.41
CA VAL C 64 -16.48 24.36 -11.26
C VAL C 64 -16.95 25.73 -10.79
N PHE C 65 -16.04 26.69 -10.73
CA PHE C 65 -16.36 28.07 -10.36
C PHE C 65 -16.00 28.99 -11.53
N PRO C 66 -16.97 29.35 -12.40
CA PRO C 66 -16.81 30.06 -13.67
C PRO C 66 -15.74 31.18 -13.68
N ALA C 79 -26.04 50.53 -4.79
CA ALA C 79 -27.00 50.84 -5.85
C ALA C 79 -28.41 50.43 -5.45
N PRO C 80 -29.17 51.35 -4.85
CA PRO C 80 -30.60 51.08 -4.66
C PRO C 80 -31.35 50.90 -5.97
N GLU C 81 -30.85 51.48 -7.07
CA GLU C 81 -31.51 51.30 -8.36
C GLU C 81 -31.34 49.88 -8.89
N GLN C 82 -30.13 49.33 -8.79
CA GLN C 82 -29.91 47.97 -9.28
C GLN C 82 -30.72 46.96 -8.50
N LEU C 83 -30.86 47.18 -7.19
CA LEU C 83 -31.73 46.33 -6.38
C LEU C 83 -33.16 46.36 -6.90
N LEU C 84 -33.65 47.54 -7.29
CA LEU C 84 -35.03 47.68 -7.75
C LEU C 84 -35.29 46.81 -8.97
N SER C 85 -34.39 46.87 -9.95
CA SER C 85 -34.61 46.17 -11.22
C SER C 85 -34.75 44.67 -10.99
N GLN C 86 -33.84 44.08 -10.22
CA GLN C 86 -33.94 42.66 -9.89
C GLN C 86 -35.19 42.40 -9.06
N ALA C 87 -35.40 43.23 -8.04
CA ALA C 87 -36.59 43.12 -7.21
C ALA C 87 -37.85 43.17 -8.08
N ARG C 88 -37.90 44.12 -9.01
CA ARG C 88 -39.06 44.22 -9.89
C ARG C 88 -39.22 42.96 -10.73
N ASP C 89 -38.13 42.49 -11.35
CA ASP C 89 -38.21 41.34 -12.26
C ASP C 89 -38.80 40.12 -11.57
N PHE C 90 -38.43 39.90 -10.30
CA PHE C 90 -38.95 38.73 -9.60
C PHE C 90 -40.45 38.81 -9.41
N ILE C 91 -40.98 39.98 -9.08
CA ILE C 91 -42.40 40.10 -8.76
C ILE C 91 -43.24 39.71 -9.97
N ASN C 92 -42.82 40.14 -11.16
CA ASN C 92 -43.56 39.85 -12.37
C ASN C 92 -43.50 38.37 -12.70
N GLN C 93 -42.30 37.78 -12.62
CA GLN C 93 -42.16 36.34 -12.57
C GLN C 93 -43.21 35.73 -11.66
N TYR C 94 -43.15 36.12 -10.37
CA TYR C 94 -44.07 35.57 -9.37
C TYR C 94 -45.51 35.69 -9.81
N TYR C 95 -45.95 36.90 -10.17
CA TYR C 95 -47.36 37.10 -10.46
C TYR C 95 -47.76 36.42 -11.76
N SER C 96 -46.90 36.48 -12.79
CA SER C 96 -47.09 35.64 -13.96
C SER C 96 -47.30 34.18 -13.58
N SER C 97 -46.49 33.69 -12.64
CA SER C 97 -46.53 32.28 -12.27
C SER C 97 -47.79 31.91 -11.52
N ILE C 98 -48.53 32.89 -11.00
CA ILE C 98 -49.77 32.60 -10.31
C ILE C 98 -50.98 33.11 -11.09
N LYS C 99 -50.79 33.40 -12.38
CA LYS C 99 -51.83 33.92 -13.27
C LYS C 99 -52.39 35.26 -12.77
N ARG C 100 -51.63 35.98 -11.94
CA ARG C 100 -52.08 37.24 -11.36
C ARG C 100 -51.19 38.41 -11.80
N SER C 101 -50.69 38.37 -13.03
CA SER C 101 -49.78 39.40 -13.52
C SER C 101 -50.57 40.59 -14.04
N GLY C 102 -50.07 41.79 -13.78
CA GLY C 102 -50.74 43.02 -14.14
C GLY C 102 -51.91 43.38 -13.27
N SER C 103 -52.41 42.45 -12.46
CA SER C 103 -53.53 42.67 -11.56
C SER C 103 -53.19 43.73 -10.53
N GLN C 104 -54.16 44.06 -9.66
CA GLN C 104 -53.92 45.11 -8.67
C GLN C 104 -52.88 44.66 -7.65
N ALA C 105 -52.93 43.39 -7.24
CA ALA C 105 -51.95 42.90 -6.27
C ALA C 105 -50.53 43.02 -6.82
N HIS C 106 -50.37 42.83 -8.13
CA HIS C 106 -49.08 43.08 -8.76
C HIS C 106 -48.59 44.49 -8.47
N GLU C 107 -49.48 45.48 -8.60
CA GLU C 107 -49.08 46.87 -8.41
C GLU C 107 -48.73 47.17 -6.95
N GLN C 108 -49.61 46.79 -6.02
CA GLN C 108 -49.36 47.06 -4.61
C GLN C 108 -47.99 46.51 -4.19
N ARG C 109 -47.66 45.33 -4.70
CA ARG C 109 -46.38 44.72 -4.35
C ARG C 109 -45.22 45.51 -4.96
N LEU C 110 -45.38 46.03 -6.18
CA LEU C 110 -44.34 46.84 -6.79
C LEU C 110 -44.11 48.14 -6.02
N GLN C 111 -45.18 48.90 -5.78
CA GLN C 111 -45.06 50.15 -5.04
C GLN C 111 -44.47 49.91 -3.66
N GLU C 112 -44.97 48.89 -2.96
CA GLU C 112 -44.48 48.59 -1.62
C GLU C 112 -43.00 48.24 -1.65
N VAL C 113 -42.56 47.46 -2.64
CA VAL C 113 -41.14 47.17 -2.79
C VAL C 113 -40.35 48.46 -2.92
N GLU C 114 -40.79 49.35 -3.82
CA GLU C 114 -40.14 50.64 -4.00
C GLU C 114 -40.04 51.41 -2.68
N ALA C 115 -41.18 51.75 -2.09
CA ALA C 115 -41.19 52.54 -0.87
C ALA C 115 -40.27 51.95 0.21
N GLU C 116 -40.16 50.62 0.27
CA GLU C 116 -39.37 49.99 1.31
C GLU C 116 -37.87 50.14 1.07
N VAL C 117 -37.42 49.96 -0.17
CA VAL C 117 -36.01 50.20 -0.47
C VAL C 117 -35.72 51.69 -0.40
N ALA C 118 -36.73 52.53 -0.62
CA ALA C 118 -36.57 53.96 -0.38
C ALA C 118 -36.31 54.22 1.10
N ALA C 119 -37.09 53.55 1.97
CA ALA C 119 -36.93 53.71 3.41
C ALA C 119 -35.63 53.09 3.91
N THR C 120 -35.45 51.77 3.73
CA THR C 120 -34.32 51.09 4.38
C THR C 120 -33.15 50.82 3.46
N GLY C 121 -33.34 50.74 2.15
CA GLY C 121 -32.29 50.37 1.23
C GLY C 121 -32.37 48.94 0.73
N THR C 122 -33.22 48.13 1.36
CA THR C 122 -33.53 46.75 0.98
C THR C 122 -35.05 46.60 1.07
N TYR C 123 -35.55 45.38 0.99
CA TYR C 123 -36.97 45.16 1.17
C TYR C 123 -37.18 43.73 1.64
N GLN C 124 -38.41 43.47 2.10
CA GLN C 124 -38.78 42.17 2.63
C GLN C 124 -39.65 41.43 1.62
N LEU C 125 -39.35 40.14 1.43
CA LEU C 125 -40.21 39.27 0.64
C LEU C 125 -41.43 38.85 1.46
N ARG C 126 -42.59 38.79 0.81
CA ARG C 126 -43.72 38.07 1.37
C ARG C 126 -43.34 36.61 1.56
N GLU C 127 -43.95 35.98 2.57
CA GLU C 127 -43.65 34.59 2.88
C GLU C 127 -43.78 33.70 1.65
N SER C 128 -44.81 33.93 0.84
CA SER C 128 -45.07 33.08 -0.31
C SER C 128 -44.09 33.34 -1.44
N GLU C 129 -43.84 34.62 -1.75
CA GLU C 129 -42.75 34.96 -2.67
C GLU C 129 -41.47 34.26 -2.27
N LEU C 130 -41.17 34.24 -0.97
CA LEU C 130 -39.97 33.56 -0.49
C LEU C 130 -40.03 32.07 -0.79
N VAL C 131 -41.19 31.43 -0.59
CA VAL C 131 -41.33 30.03 -0.98
C VAL C 131 -41.17 29.88 -2.49
N PHE C 132 -41.79 30.75 -3.27
CA PHE C 132 -41.67 30.67 -4.72
C PHE C 132 -40.23 30.88 -5.17
N GLY C 133 -39.52 31.83 -4.56
CA GLY C 133 -38.16 32.12 -4.96
C GLY C 133 -37.18 31.03 -4.55
N ALA C 134 -37.48 30.34 -3.45
CA ALA C 134 -36.64 29.21 -3.05
C ALA C 134 -36.81 28.02 -3.99
N LYS C 135 -38.04 27.77 -4.43
CA LYS C 135 -38.27 26.68 -5.38
C LYS C 135 -37.77 27.03 -6.78
N GLN C 136 -37.83 28.30 -7.17
CA GLN C 136 -37.29 28.67 -8.48
C GLN C 136 -35.78 28.55 -8.51
N ALA C 137 -35.11 29.03 -7.45
CA ALA C 137 -33.67 28.87 -7.34
C ALA C 137 -33.26 27.42 -7.50
N TRP C 138 -33.99 26.49 -6.87
CA TRP C 138 -33.73 25.06 -7.10
C TRP C 138 -34.01 24.69 -8.56
N ARG C 139 -35.22 24.97 -9.03
CA ARG C 139 -35.62 24.65 -10.40
C ARG C 139 -34.65 25.21 -11.42
N ASN C 140 -33.96 26.30 -11.08
CA ASN C 140 -33.04 26.94 -12.02
C ASN C 140 -31.62 26.43 -11.88
N ALA C 141 -31.30 25.80 -10.78
CA ALA C 141 -29.97 25.29 -10.53
C ALA C 141 -29.57 24.32 -11.64
N PRO C 142 -28.53 24.62 -12.43
CA PRO C 142 -28.26 23.80 -13.61
C PRO C 142 -27.51 22.52 -13.31
N ARG C 143 -26.81 22.42 -12.19
CA ARG C 143 -26.07 21.21 -11.92
C ARG C 143 -26.88 20.18 -11.15
N CYS C 144 -28.16 20.43 -10.90
CA CYS C 144 -28.97 19.58 -10.02
C CYS C 144 -29.75 18.59 -10.87
N VAL C 145 -29.42 17.31 -10.77
CA VAL C 145 -30.15 16.27 -11.51
C VAL C 145 -31.46 15.89 -10.82
N GLY C 146 -31.71 16.38 -9.62
CA GLY C 146 -32.87 15.93 -8.87
C GLY C 146 -34.07 16.85 -9.03
N ARG C 147 -34.08 17.64 -10.10
CA ARG C 147 -35.02 18.76 -10.15
C ARG C 147 -36.45 18.35 -10.47
N ILE C 148 -36.70 17.10 -10.84
CA ILE C 148 -38.09 16.65 -11.00
C ILE C 148 -38.88 16.99 -9.74
N GLN C 149 -38.21 17.02 -8.59
CA GLN C 149 -38.78 17.24 -7.27
C GLN C 149 -38.95 18.71 -6.91
N TRP C 150 -38.73 19.63 -7.87
CA TRP C 150 -38.57 21.04 -7.50
C TRP C 150 -39.83 21.62 -6.87
N GLY C 151 -41.02 21.18 -7.30
CA GLY C 151 -42.25 21.75 -6.73
C GLY C 151 -42.55 21.30 -5.30
N LYS C 152 -41.87 20.27 -4.82
CA LYS C 152 -42.10 19.67 -3.51
C LYS C 152 -40.90 20.00 -2.62
N LEU C 153 -40.97 21.15 -1.96
CA LEU C 153 -39.89 21.68 -1.15
C LEU C 153 -40.46 22.36 0.09
N GLN C 154 -39.86 22.09 1.25
CA GLN C 154 -40.32 22.65 2.53
C GLN C 154 -39.46 23.87 2.87
N VAL C 155 -40.05 25.06 2.83
CA VAL C 155 -39.32 26.28 3.06
C VAL C 155 -39.55 26.71 4.51
N PHE C 156 -38.49 26.71 5.31
CA PHE C 156 -38.53 27.20 6.68
C PHE C 156 -38.02 28.65 6.69
N ASP C 157 -38.92 29.57 7.03
CA ASP C 157 -38.55 30.97 7.17
C ASP C 157 -37.87 31.19 8.51
N ALA C 158 -36.56 31.46 8.47
CA ALA C 158 -35.78 31.76 9.67
C ALA C 158 -35.33 33.22 9.70
N ARG C 159 -35.91 34.07 8.86
CA ARG C 159 -35.54 35.49 8.78
C ARG C 159 -35.65 36.24 10.12
N ASP C 160 -36.24 35.62 11.15
CA ASP C 160 -36.32 36.23 12.47
C ASP C 160 -35.13 35.88 13.34
N CYS C 161 -34.09 35.27 12.77
CA CYS C 161 -32.97 34.79 13.56
C CYS C 161 -32.07 35.95 13.97
N ARG C 162 -31.36 35.78 15.08
CA ARG C 162 -30.54 36.85 15.62
C ARG C 162 -29.30 36.36 16.34
N SER C 163 -29.16 35.06 16.52
CA SER C 163 -28.01 34.54 17.24
C SER C 163 -27.61 33.17 16.68
N ALA C 164 -26.34 32.82 16.90
CA ALA C 164 -25.86 31.50 16.49
C ALA C 164 -26.58 30.38 17.23
N GLN C 165 -27.09 30.65 18.43
CA GLN C 165 -27.85 29.65 19.18
C GLN C 165 -29.26 29.50 18.65
N GLU C 166 -29.80 30.54 18.02
CA GLU C 166 -31.08 30.40 17.35
C GLU C 166 -30.90 29.80 15.97
N MET C 167 -29.85 30.22 15.27
CA MET C 167 -29.43 29.52 14.06
C MET C 167 -29.37 28.02 14.30
N PHE C 168 -28.68 27.61 15.38
CA PHE C 168 -28.53 26.19 15.67
C PHE C 168 -29.88 25.51 15.81
N THR C 169 -30.86 26.20 16.40
CA THR C 169 -32.17 25.62 16.63
C THR C 169 -32.95 25.50 15.32
N TYR C 170 -32.88 26.52 14.46
CA TYR C 170 -33.45 26.40 13.11
C TYR C 170 -32.81 25.24 12.35
N ILE C 171 -31.48 25.13 12.42
CA ILE C 171 -30.80 24.07 11.68
C ILE C 171 -31.20 22.71 12.22
N CYS C 172 -31.18 22.55 13.54
CA CYS C 172 -31.54 21.27 14.15
C CYS C 172 -32.97 20.87 13.82
N ASN C 173 -33.87 21.84 13.63
CA ASN C 173 -35.22 21.49 13.21
C ASN C 173 -35.27 21.14 11.73
N HIS C 174 -34.54 21.88 10.90
CA HIS C 174 -34.39 21.50 9.50
C HIS C 174 -33.92 20.05 9.41
N ILE C 175 -32.80 19.75 10.07
CA ILE C 175 -32.23 18.41 10.01
C ILE C 175 -33.25 17.38 10.47
N LYS C 176 -33.94 17.67 11.58
CA LYS C 176 -34.95 16.76 12.11
C LYS C 176 -36.09 16.59 11.12
N TYR C 177 -36.63 17.69 10.59
CA TYR C 177 -37.70 17.57 9.61
C TYR C 177 -37.23 16.81 8.36
N ALA C 178 -36.05 17.15 7.86
CA ALA C 178 -35.61 16.60 6.58
C ALA C 178 -35.22 15.13 6.69
N THR C 179 -34.58 14.77 7.82
CA THR C 179 -34.19 13.38 8.00
C THR C 179 -35.43 12.50 8.14
N ASN C 180 -36.32 12.85 9.08
CA ASN C 180 -37.63 12.23 9.14
C ASN C 180 -37.51 10.70 9.19
N ARG C 181 -36.63 10.22 10.07
CA ARG C 181 -36.39 8.79 10.30
C ARG C 181 -36.02 8.05 9.01
N GLY C 182 -35.30 8.72 8.11
CA GLY C 182 -34.83 8.08 6.90
C GLY C 182 -35.76 8.17 5.71
N ASN C 183 -36.96 8.69 5.88
CA ASN C 183 -37.82 9.01 4.74
C ASN C 183 -37.60 10.48 4.45
N LEU C 184 -36.60 10.76 3.61
CA LEU C 184 -36.10 12.12 3.47
C LEU C 184 -37.08 13.02 2.73
N ARG C 185 -37.10 14.28 3.14
CA ARG C 185 -37.98 15.29 2.59
C ARG C 185 -37.16 16.53 2.35
N SER C 186 -37.32 17.11 1.17
CA SER C 186 -36.50 18.26 0.82
C SER C 186 -36.94 19.49 1.60
N ALA C 187 -35.97 20.23 2.10
CA ALA C 187 -36.25 21.44 2.86
C ALA C 187 -35.20 22.50 2.57
N ILE C 188 -35.56 23.74 2.88
CA ILE C 188 -34.60 24.84 2.94
C ILE C 188 -34.99 25.72 4.13
N THR C 189 -33.99 26.20 4.85
CA THR C 189 -34.17 27.17 5.93
C THR C 189 -33.52 28.46 5.49
N VAL C 190 -34.29 29.53 5.43
CA VAL C 190 -33.80 30.80 4.90
C VAL C 190 -33.59 31.75 6.07
N PHE C 191 -32.31 32.05 6.33
CA PHE C 191 -31.90 32.97 7.39
C PHE C 191 -31.96 34.42 6.90
N PRO C 192 -31.81 35.40 7.78
CA PRO C 192 -31.98 36.80 7.36
C PRO C 192 -31.01 37.19 6.25
N GLN C 193 -31.55 37.89 5.26
CA GLN C 193 -30.75 38.31 4.13
C GLN C 193 -29.63 39.26 4.56
N ARG C 194 -28.68 39.46 3.67
CA ARG C 194 -27.74 40.55 3.83
C ARG C 194 -28.46 41.87 3.56
N CYS C 195 -27.94 42.93 4.16
CA CYS C 195 -28.36 44.29 3.83
C CYS C 195 -27.27 45.24 4.29
N PRO C 196 -27.28 46.49 3.80
CA PRO C 196 -26.14 47.38 4.05
C PRO C 196 -25.93 47.68 5.54
N GLY C 197 -24.68 47.98 5.88
CA GLY C 197 -24.30 48.35 7.24
C GLY C 197 -24.30 47.20 8.22
N ARG C 198 -25.00 46.13 7.83
CA ARG C 198 -25.20 44.96 8.66
C ARG C 198 -24.17 43.89 8.32
N GLY C 199 -24.04 42.91 9.22
CA GLY C 199 -23.28 41.73 8.92
C GLY C 199 -24.08 40.76 8.07
N ASP C 200 -23.55 39.54 7.96
CA ASP C 200 -24.23 38.45 7.28
C ASP C 200 -24.30 37.24 8.20
N PHE C 201 -25.38 36.47 8.07
CA PHE C 201 -25.42 35.14 8.66
C PHE C 201 -24.70 34.17 7.74
N ARG C 202 -23.76 33.41 8.30
CA ARG C 202 -23.02 32.45 7.50
C ARG C 202 -22.93 31.14 8.25
N ILE C 203 -23.10 30.05 7.53
CA ILE C 203 -22.77 28.72 8.02
C ILE C 203 -21.41 28.39 7.44
N TRP C 204 -20.37 28.40 8.28
CA TRP C 204 -19.01 28.15 7.81
C TRP C 204 -18.83 26.74 7.26
N ASN C 205 -19.65 25.77 7.69
CA ASN C 205 -19.58 24.43 7.13
C ASN C 205 -20.15 24.43 5.72
N SER C 206 -19.47 23.71 4.81
CA SER C 206 -20.02 23.54 3.47
C SER C 206 -21.27 22.69 3.48
N GLN C 207 -21.37 21.74 4.41
CA GLN C 207 -22.58 20.95 4.60
C GLN C 207 -22.92 20.89 6.07
N LEU C 208 -24.21 20.75 6.36
CA LEU C 208 -24.63 20.60 7.75
C LEU C 208 -23.98 19.38 8.39
N VAL C 209 -23.90 18.29 7.64
CA VAL C 209 -23.22 17.08 8.09
C VAL C 209 -21.97 16.93 7.24
N ARG C 210 -20.81 16.99 7.88
CA ARG C 210 -19.52 16.80 7.24
C ARG C 210 -18.65 15.94 8.14
N TYR C 211 -17.97 14.97 7.53
CA TYR C 211 -17.02 14.15 8.27
C TYR C 211 -15.71 14.88 8.46
N ALA C 212 -15.15 14.77 9.66
CA ALA C 212 -13.90 15.46 9.96
C ALA C 212 -12.77 14.94 9.07
N GLY C 213 -11.84 15.83 8.74
CA GLY C 213 -10.65 15.45 8.01
C GLY C 213 -9.40 15.93 8.73
N TYR C 214 -8.57 14.99 9.19
CA TYR C 214 -7.45 15.30 10.06
C TYR C 214 -6.14 15.16 9.30
N ARG C 215 -5.35 16.24 9.29
CA ARG C 215 -3.99 16.17 8.77
C ARG C 215 -3.14 15.24 9.63
N GLN C 216 -2.33 14.41 8.99
CA GLN C 216 -1.49 13.45 9.68
C GLN C 216 -0.02 13.74 9.44
N GLN C 217 0.82 13.29 10.37
CA GLN C 217 2.27 13.39 10.21
C GLN C 217 2.76 12.55 9.05
N ASP C 218 1.98 11.55 8.63
CA ASP C 218 2.17 10.79 7.40
C ASP C 218 2.18 11.73 6.20
N GLY C 219 1.72 12.97 6.40
CA GLY C 219 1.38 13.87 5.31
C GLY C 219 -0.01 13.63 4.73
N SER C 220 -0.62 12.49 5.02
CA SER C 220 -1.92 12.12 4.49
C SER C 220 -3.03 12.80 5.31
N VAL C 221 -4.26 12.34 5.12
CA VAL C 221 -5.41 12.81 5.87
C VAL C 221 -6.21 11.61 6.32
N ARG C 222 -6.57 11.57 7.60
CA ARG C 222 -7.54 10.63 8.13
C ARG C 222 -8.90 11.33 8.18
N GLY C 223 -9.91 10.69 7.62
CA GLY C 223 -11.22 11.30 7.46
C GLY C 223 -11.44 11.79 6.04
N ASP C 224 -12.16 12.91 5.91
CA ASP C 224 -12.52 13.41 4.59
C ASP C 224 -11.56 14.53 4.18
N PRO C 225 -10.68 14.30 3.21
CA PRO C 225 -9.73 15.36 2.82
C PRO C 225 -10.39 16.67 2.45
N ALA C 226 -11.62 16.64 1.95
CA ALA C 226 -12.33 17.86 1.59
C ALA C 226 -12.63 18.75 2.78
N ASN C 227 -12.49 18.24 4.00
CA ASN C 227 -12.86 18.99 5.19
C ASN C 227 -11.65 19.30 6.07
N VAL C 228 -10.43 19.24 5.52
CA VAL C 228 -9.25 19.54 6.33
C VAL C 228 -9.33 20.95 6.86
N GLU C 229 -9.79 21.89 6.04
CA GLU C 229 -9.85 23.29 6.45
C GLU C 229 -10.88 23.50 7.55
N ILE C 230 -12.12 23.08 7.30
CA ILE C 230 -13.19 23.29 8.28
C ILE C 230 -12.92 22.51 9.55
N THR C 231 -12.21 21.38 9.45
CA THR C 231 -11.86 20.64 10.66
C THR C 231 -10.80 21.39 11.47
N GLU C 232 -9.92 22.13 10.79
CA GLU C 232 -8.97 23.00 11.50
C GLU C 232 -9.68 24.19 12.12
N LEU C 233 -10.63 24.79 11.39
CA LEU C 233 -11.41 25.89 11.94
C LEU C 233 -12.21 25.45 13.17
N CYS C 234 -12.73 24.23 13.15
CA CYS C 234 -13.50 23.76 14.30
C CYS C 234 -12.59 23.50 15.49
N ILE C 235 -11.41 22.93 15.24
CA ILE C 235 -10.45 22.71 16.33
C ILE C 235 -10.03 24.04 16.94
N GLN C 236 -9.77 25.04 16.09
CA GLN C 236 -9.32 26.33 16.60
C GLN C 236 -10.43 27.03 17.37
N HIS C 237 -11.54 27.33 16.70
CA HIS C 237 -12.67 27.97 17.36
C HIS C 237 -13.30 27.11 18.47
N GLY C 238 -12.70 26.01 18.95
CA GLY C 238 -13.28 25.30 20.07
C GLY C 238 -13.16 23.79 20.01
N TRP C 239 -13.74 23.19 18.97
CA TRP C 239 -13.99 21.75 18.94
C TRP C 239 -12.76 20.95 19.29
N THR C 240 -12.94 19.96 20.12
CA THR C 240 -11.89 19.00 20.40
C THR C 240 -12.01 17.81 19.46
N PRO C 241 -10.94 17.41 18.79
CA PRO C 241 -11.07 16.47 17.68
C PRO C 241 -11.26 15.02 18.13
N GLY C 242 -11.94 14.27 17.28
CA GLY C 242 -11.91 12.83 17.35
C GLY C 242 -10.67 12.30 16.66
N ASN C 243 -10.60 10.97 16.56
CA ASN C 243 -9.54 10.33 15.79
C ASN C 243 -10.10 9.34 14.77
N GLY C 244 -11.37 9.50 14.38
CA GLY C 244 -12.02 8.55 13.50
C GLY C 244 -12.10 9.04 12.07
N ARG C 245 -12.34 8.10 11.15
CA ARG C 245 -12.48 8.42 9.74
C ARG C 245 -13.86 9.01 9.41
N PHE C 246 -14.80 8.99 10.35
CA PHE C 246 -16.14 9.50 10.08
C PHE C 246 -16.67 10.31 11.25
N ASP C 247 -15.80 11.09 11.90
CA ASP C 247 -16.24 11.98 12.98
C ASP C 247 -17.05 13.13 12.39
N VAL C 248 -18.37 13.11 12.63
CA VAL C 248 -19.23 14.22 12.21
C VAL C 248 -18.74 15.52 12.83
N LEU C 249 -18.54 16.52 11.99
CA LEU C 249 -18.01 17.80 12.44
C LEU C 249 -19.08 18.59 13.19
N PRO C 250 -18.67 19.46 14.10
CA PRO C 250 -19.60 20.44 14.66
C PRO C 250 -19.90 21.53 13.64
N LEU C 251 -20.91 22.33 13.95
CA LEU C 251 -21.29 23.44 13.09
C LEU C 251 -20.58 24.70 13.58
N LEU C 252 -20.00 25.45 12.64
CA LEU C 252 -19.41 26.75 12.93
C LEU C 252 -20.37 27.81 12.38
N LEU C 253 -21.33 28.21 13.23
CA LEU C 253 -22.36 29.16 12.84
C LEU C 253 -21.96 30.57 13.23
N GLN C 254 -22.29 31.54 12.37
CA GLN C 254 -21.82 32.90 12.50
C GLN C 254 -22.99 33.86 12.32
N ALA C 255 -23.27 34.62 13.36
CA ALA C 255 -24.23 35.71 13.34
C ALA C 255 -23.56 36.99 12.87
N PRO C 256 -24.34 37.93 12.35
CA PRO C 256 -23.75 39.18 11.82
C PRO C 256 -22.82 39.88 12.79
N ASP C 257 -21.62 40.20 12.31
CA ASP C 257 -20.63 41.00 13.03
C ASP C 257 -20.14 40.31 14.30
N GLU C 258 -20.30 39.00 14.37
CA GLU C 258 -19.87 38.19 15.49
C GLU C 258 -18.97 37.07 15.00
N PRO C 259 -17.90 36.76 15.74
CA PRO C 259 -17.15 35.54 15.47
C PRO C 259 -18.06 34.33 15.53
N PRO C 260 -17.73 33.26 14.80
CA PRO C 260 -18.62 32.10 14.77
C PRO C 260 -18.54 31.28 16.04
N GLU C 261 -19.70 30.84 16.50
CA GLU C 261 -19.79 29.97 17.67
C GLU C 261 -19.86 28.52 17.24
N LEU C 262 -19.26 27.66 18.05
CA LEU C 262 -19.16 26.24 17.75
C LEU C 262 -20.33 25.50 18.38
N PHE C 263 -20.99 24.64 17.60
CA PHE C 263 -22.17 23.91 18.05
C PHE C 263 -22.03 22.45 17.68
N LEU C 264 -22.15 21.57 18.67
CA LEU C 264 -22.10 20.15 18.37
C LEU C 264 -23.48 19.64 17.99
N LEU C 265 -23.50 18.74 17.01
CA LEU C 265 -24.78 18.21 16.57
C LEU C 265 -25.16 17.02 17.43
N PRO C 266 -26.39 16.98 17.93
CA PRO C 266 -26.85 15.82 18.72
C PRO C 266 -26.80 14.57 17.88
N PRO C 267 -25.99 13.57 18.29
CA PRO C 267 -25.76 12.41 17.41
C PRO C 267 -27.03 11.68 17.00
N GLU C 268 -28.09 11.73 17.82
CA GLU C 268 -29.35 11.13 17.41
C GLU C 268 -30.04 11.93 16.32
N LEU C 269 -29.64 13.19 16.12
CA LEU C 269 -30.15 13.99 15.00
C LEU C 269 -29.54 13.57 13.68
N VAL C 270 -28.28 13.12 13.69
CA VAL C 270 -27.48 12.92 12.49
C VAL C 270 -27.64 11.46 12.07
N LEU C 271 -28.52 11.20 11.10
CA LEU C 271 -28.79 9.83 10.71
C LEU C 271 -27.69 9.34 9.77
N GLU C 272 -27.06 8.22 10.14
CA GLU C 272 -25.97 7.66 9.35
C GLU C 272 -26.27 6.23 8.94
N VAL C 273 -25.73 5.84 7.79
CA VAL C 273 -25.89 4.48 7.28
C VAL C 273 -24.53 3.80 7.32
N PRO C 274 -24.33 2.80 8.17
CA PRO C 274 -23.15 1.96 8.04
C PRO C 274 -23.24 1.18 6.73
N LEU C 275 -22.12 1.08 6.03
CA LEU C 275 -22.12 0.54 4.68
C LEU C 275 -21.77 -0.94 4.72
N GLU C 276 -22.62 -1.74 4.09
CA GLU C 276 -22.38 -3.16 3.93
C GLU C 276 -22.75 -3.54 2.50
N HIS C 277 -22.25 -4.68 2.06
CA HIS C 277 -22.53 -5.11 0.71
C HIS C 277 -23.45 -6.32 0.73
N PRO C 278 -24.41 -6.42 -0.20
CA PRO C 278 -25.37 -7.54 -0.13
C PRO C 278 -24.73 -8.91 -0.17
N THR C 279 -23.57 -9.08 -0.80
CA THR C 279 -22.97 -10.39 -0.93
C THR C 279 -21.48 -10.44 -0.59
N LEU C 280 -20.79 -9.32 -0.54
CA LEU C 280 -19.37 -9.29 -0.16
C LEU C 280 -19.33 -9.10 1.35
N GLU C 281 -19.16 -10.21 2.06
CA GLU C 281 -19.33 -10.17 3.50
C GLU C 281 -18.30 -9.28 4.18
N TRP C 282 -17.09 -9.20 3.62
CA TRP C 282 -16.04 -8.41 4.24
C TRP C 282 -16.26 -6.91 4.12
N PHE C 283 -17.21 -6.47 3.29
CA PHE C 283 -17.34 -5.04 3.05
C PHE C 283 -17.73 -4.31 4.32
N ALA C 284 -18.58 -4.93 5.13
CA ALA C 284 -18.98 -4.30 6.38
C ALA C 284 -17.77 -4.04 7.26
N ALA C 285 -16.79 -4.95 7.21
CA ALA C 285 -15.60 -4.82 8.06
C ALA C 285 -14.75 -3.61 7.69
N LEU C 286 -14.94 -3.06 6.50
CA LEU C 286 -14.18 -1.88 6.13
C LEU C 286 -14.56 -0.67 6.96
N GLY C 287 -15.68 -0.73 7.66
CA GLY C 287 -16.05 0.32 8.59
C GLY C 287 -16.52 1.58 7.93
N LEU C 288 -16.90 1.49 6.65
CA LEU C 288 -17.33 2.67 5.91
C LEU C 288 -18.74 3.06 6.32
N ARG C 289 -18.97 4.36 6.38
CA ARG C 289 -20.24 4.91 6.76
C ARG C 289 -20.50 6.13 5.89
N TRP C 290 -21.78 6.47 5.73
CA TRP C 290 -22.11 7.81 5.27
C TRP C 290 -23.40 8.25 5.93
N TYR C 291 -23.69 9.54 5.83
CA TYR C 291 -24.83 10.13 6.49
C TYR C 291 -26.00 10.24 5.52
N ALA C 292 -27.21 10.28 6.09
CA ALA C 292 -28.43 10.25 5.29
C ALA C 292 -28.65 11.55 4.51
N LEU C 293 -28.28 12.69 5.09
CA LEU C 293 -28.85 13.96 4.68
C LEU C 293 -27.85 14.79 3.89
N PRO C 294 -28.05 15.01 2.59
CA PRO C 294 -27.22 15.96 1.84
C PRO C 294 -27.77 17.36 2.02
N ALA C 295 -27.07 18.17 2.80
CA ALA C 295 -27.60 19.47 3.21
C ALA C 295 -26.52 20.51 3.00
N VAL C 296 -26.61 21.21 1.88
CA VAL C 296 -25.61 22.18 1.46
C VAL C 296 -25.84 23.49 2.22
N SER C 297 -24.81 23.94 2.93
CA SER C 297 -24.95 25.02 3.90
C SER C 297 -24.04 26.20 3.61
N ASN C 298 -23.46 26.27 2.42
CA ASN C 298 -22.45 27.29 2.16
C ASN C 298 -22.75 28.08 0.88
N MET C 299 -23.89 27.85 0.25
CA MET C 299 -24.26 28.63 -0.93
C MET C 299 -25.13 29.82 -0.52
N LEU C 300 -25.27 30.74 -1.47
CA LEU C 300 -26.00 31.98 -1.28
C LEU C 300 -27.26 31.93 -2.14
N LEU C 301 -28.41 32.12 -1.52
CA LEU C 301 -29.68 32.15 -2.21
C LEU C 301 -30.01 33.58 -2.61
N GLU C 302 -30.31 33.79 -3.89
CA GLU C 302 -30.62 35.10 -4.44
C GLU C 302 -32.05 35.09 -4.96
N ILE C 303 -32.88 36.00 -4.44
CA ILE C 303 -34.28 36.16 -4.86
C ILE C 303 -34.54 37.64 -5.11
N GLY C 304 -34.87 37.98 -6.36
CA GLY C 304 -35.15 39.36 -6.71
C GLY C 304 -34.15 40.36 -6.16
N GLY C 305 -32.86 40.16 -6.44
CA GLY C 305 -31.84 41.04 -5.92
C GLY C 305 -31.63 40.98 -4.42
N LEU C 306 -32.39 40.17 -3.70
CA LEU C 306 -32.10 39.91 -2.31
C LEU C 306 -31.15 38.72 -2.23
N GLU C 307 -30.25 38.74 -1.25
CA GLU C 307 -29.20 37.74 -1.15
C GLU C 307 -29.20 37.18 0.27
N PHE C 308 -29.34 35.86 0.38
CA PHE C 308 -29.37 35.19 1.67
C PHE C 308 -28.11 34.35 1.81
N PRO C 309 -27.04 34.89 2.41
CA PRO C 309 -25.79 34.12 2.51
C PRO C 309 -25.91 32.84 3.35
N ALA C 310 -26.95 32.69 4.17
CA ALA C 310 -27.20 31.44 4.87
C ALA C 310 -28.62 31.00 4.53
N ALA C 311 -28.72 29.93 3.74
CA ALA C 311 -30.02 29.35 3.37
C ALA C 311 -29.78 27.89 3.05
N PRO C 312 -29.49 27.07 4.06
CA PRO C 312 -29.13 25.67 3.80
C PRO C 312 -30.33 24.90 3.26
N PHE C 313 -30.06 24.08 2.24
CA PHE C 313 -31.07 23.27 1.58
C PHE C 313 -30.63 21.81 1.56
N SER C 314 -31.61 20.91 1.47
CA SER C 314 -31.36 19.49 1.65
C SER C 314 -32.29 18.68 0.74
N GLY C 315 -31.79 17.56 0.25
CA GLY C 315 -32.66 16.63 -0.41
C GLY C 315 -32.42 15.23 0.09
N TRP C 316 -32.26 14.31 -0.85
CA TRP C 316 -31.67 13.02 -0.58
C TRP C 316 -30.58 12.76 -1.61
N TYR C 317 -29.72 11.81 -1.29
CA TYR C 317 -28.57 11.51 -2.13
C TYR C 317 -28.98 10.76 -3.40
N MET C 318 -28.21 11.00 -4.45
CA MET C 318 -28.06 10.04 -5.53
C MET C 318 -26.89 9.14 -5.16
N SER C 319 -27.04 7.84 -5.42
CA SER C 319 -26.07 6.93 -4.82
C SER C 319 -24.64 7.22 -5.29
N THR C 320 -24.45 7.68 -6.54
CA THR C 320 -23.09 7.90 -7.02
C THR C 320 -22.39 9.03 -6.28
N GLU C 321 -23.14 9.97 -5.70
CA GLU C 321 -22.48 11.01 -4.91
C GLU C 321 -21.66 10.40 -3.80
N ILE C 322 -22.25 9.44 -3.09
CA ILE C 322 -21.57 8.77 -2.00
C ILE C 322 -20.60 7.74 -2.53
N GLY C 323 -21.09 6.77 -3.31
CA GLY C 323 -20.29 5.61 -3.63
C GLY C 323 -19.19 5.86 -4.63
N THR C 324 -19.37 6.82 -5.53
CA THR C 324 -18.33 7.16 -6.50
C THR C 324 -17.53 8.39 -6.09
N ARG C 325 -18.18 9.53 -5.92
CA ARG C 325 -17.42 10.76 -5.67
C ARG C 325 -16.82 10.78 -4.27
N ASN C 326 -17.65 10.58 -3.24
CA ASN C 326 -17.17 10.79 -1.87
C ASN C 326 -16.22 9.68 -1.45
N LEU C 327 -16.50 8.44 -1.85
CA LEU C 327 -15.68 7.34 -1.38
C LEU C 327 -14.60 6.94 -2.35
N CYS C 328 -14.76 7.24 -3.64
CA CYS C 328 -13.78 6.80 -4.63
C CYS C 328 -12.92 7.90 -5.23
N ASP C 329 -13.20 9.18 -4.99
CA ASP C 329 -12.33 10.19 -5.58
C ASP C 329 -10.95 10.10 -4.96
N PRO C 330 -9.89 10.29 -5.75
CA PRO C 330 -8.53 10.26 -5.19
C PRO C 330 -8.32 11.25 -4.06
N HIS C 331 -9.00 12.38 -4.10
CA HIS C 331 -8.85 13.43 -3.12
C HIS C 331 -9.97 13.42 -2.10
N ARG C 332 -10.79 12.37 -2.11
CA ARG C 332 -11.74 12.16 -1.03
C ARG C 332 -11.31 10.93 -0.25
N TYR C 333 -12.25 10.03 0.09
CA TYR C 333 -11.85 8.87 0.88
C TYR C 333 -10.95 7.91 0.11
N ASN C 334 -11.05 7.89 -1.21
CA ASN C 334 -10.06 7.18 -2.03
C ASN C 334 -9.97 5.70 -1.65
N ILE C 335 -11.13 5.07 -1.41
CA ILE C 335 -11.16 3.67 -0.97
C ILE C 335 -11.06 2.68 -2.11
N LEU C 336 -10.92 3.15 -3.35
CA LEU C 336 -11.10 2.27 -4.49
C LEU C 336 -10.17 1.06 -4.44
N GLU C 337 -8.86 1.30 -4.29
CA GLU C 337 -7.91 0.20 -4.29
C GLU C 337 -8.15 -0.75 -3.12
N ASP C 338 -8.48 -0.19 -1.96
CA ASP C 338 -8.82 -1.00 -0.80
C ASP C 338 -9.89 -2.03 -1.15
N VAL C 339 -10.94 -1.58 -1.84
CA VAL C 339 -12.06 -2.47 -2.18
C VAL C 339 -11.65 -3.47 -3.23
N ALA C 340 -10.89 -3.03 -4.24
CA ALA C 340 -10.42 -3.94 -5.27
C ALA C 340 -9.54 -5.04 -4.69
N VAL C 341 -8.66 -4.70 -3.75
CA VAL C 341 -7.87 -5.72 -3.09
C VAL C 341 -8.77 -6.72 -2.37
N CYS C 342 -9.73 -6.23 -1.57
CA CYS C 342 -10.64 -7.16 -0.91
C CYS C 342 -11.39 -8.00 -1.92
N MET C 343 -11.63 -7.47 -3.12
CA MET C 343 -12.31 -8.26 -4.13
C MET C 343 -11.36 -9.17 -4.87
N ASP C 344 -10.10 -9.22 -4.45
CA ASP C 344 -9.05 -10.03 -5.09
C ASP C 344 -8.92 -9.70 -6.58
N LEU C 345 -9.04 -8.42 -6.93
CA LEU C 345 -8.91 -8.03 -8.33
C LEU C 345 -7.46 -7.78 -8.72
N ASP C 346 -7.17 -7.95 -10.01
CA ASP C 346 -5.83 -7.73 -10.52
C ASP C 346 -5.61 -6.22 -10.65
N THR C 347 -4.97 -5.63 -9.66
CA THR C 347 -4.72 -4.20 -9.69
C THR C 347 -3.34 -3.86 -10.25
N ARG C 348 -2.65 -4.84 -10.84
CA ARG C 348 -1.39 -4.57 -11.50
C ARG C 348 -1.57 -3.93 -12.87
N THR C 349 -2.72 -4.13 -13.51
CA THR C 349 -2.97 -3.61 -14.84
C THR C 349 -4.33 -2.92 -14.90
N THR C 350 -4.35 -1.75 -15.55
CA THR C 350 -5.60 -1.01 -15.75
C THR C 350 -6.58 -1.77 -16.61
N SER C 351 -6.11 -2.59 -17.56
CA SER C 351 -7.04 -3.26 -18.47
C SER C 351 -7.88 -4.33 -17.79
N SER C 352 -7.61 -4.71 -16.55
CA SER C 352 -8.56 -5.60 -15.86
C SER C 352 -9.81 -4.87 -15.41
N LEU C 353 -9.82 -3.54 -15.51
CA LEU C 353 -10.95 -2.71 -15.08
C LEU C 353 -11.28 -2.93 -13.61
N TRP C 354 -10.25 -3.19 -12.79
CA TRP C 354 -10.45 -3.35 -11.36
C TRP C 354 -11.03 -2.09 -10.74
N LYS C 355 -10.64 -0.92 -11.24
CA LYS C 355 -11.22 0.32 -10.75
C LYS C 355 -12.72 0.36 -10.99
N ASP C 356 -13.14 -0.10 -12.17
CA ASP C 356 -14.54 -0.05 -12.56
C ASP C 356 -15.36 -1.07 -11.77
N LYS C 357 -14.80 -2.25 -11.55
CA LYS C 357 -15.54 -3.29 -10.86
C LYS C 357 -15.72 -2.93 -9.39
N ALA C 358 -14.63 -2.52 -8.74
CA ALA C 358 -14.72 -2.10 -7.34
C ALA C 358 -15.66 -0.93 -7.18
N ALA C 359 -15.58 0.05 -8.07
CA ALA C 359 -16.46 1.22 -7.96
C ALA C 359 -17.93 0.82 -8.05
N VAL C 360 -18.28 -0.09 -8.96
CA VAL C 360 -19.67 -0.53 -9.07
C VAL C 360 -20.12 -1.22 -7.79
N GLU C 361 -19.23 -2.02 -7.21
CA GLU C 361 -19.62 -2.74 -6.01
C GLU C 361 -19.80 -1.79 -4.84
N ILE C 362 -18.98 -0.73 -4.75
CA ILE C 362 -19.18 0.27 -3.70
C ILE C 362 -20.51 0.96 -3.89
N ASN C 363 -20.88 1.27 -5.14
CA ASN C 363 -22.19 1.85 -5.36
C ASN C 363 -23.32 0.90 -5.01
N VAL C 364 -23.13 -0.41 -5.20
CA VAL C 364 -24.13 -1.40 -4.79
C VAL C 364 -24.24 -1.43 -3.27
N ALA C 365 -23.09 -1.53 -2.60
CA ALA C 365 -23.00 -1.36 -1.16
C ALA C 365 -23.82 -0.16 -0.67
N VAL C 366 -23.56 1.02 -1.26
CA VAL C 366 -24.28 2.23 -0.88
C VAL C 366 -25.78 2.04 -1.05
N LEU C 367 -26.20 1.67 -2.28
CA LEU C 367 -27.62 1.50 -2.54
C LEU C 367 -28.24 0.48 -1.57
N HIS C 368 -27.59 -0.68 -1.42
CA HIS C 368 -28.12 -1.73 -0.57
C HIS C 368 -28.20 -1.28 0.88
N SER C 369 -27.14 -0.62 1.37
CA SER C 369 -27.11 -0.22 2.77
C SER C 369 -28.14 0.85 3.07
N TYR C 370 -28.35 1.81 2.17
CA TYR C 370 -29.38 2.81 2.40
C TYR C 370 -30.77 2.18 2.37
N GLN C 371 -31.05 1.38 1.34
CA GLN C 371 -32.33 0.69 1.25
C GLN C 371 -32.59 -0.15 2.50
N LEU C 372 -31.57 -0.91 2.92
CA LEU C 372 -31.71 -1.77 4.08
C LEU C 372 -32.08 -0.96 5.32
N ALA C 373 -31.48 0.21 5.49
CA ALA C 373 -31.76 1.11 6.59
C ALA C 373 -32.93 2.03 6.31
N LYS C 374 -33.69 1.76 5.25
CA LYS C 374 -34.89 2.53 4.91
C LYS C 374 -34.60 4.03 4.84
N VAL C 375 -33.47 4.37 4.25
CA VAL C 375 -33.07 5.76 4.07
C VAL C 375 -33.21 6.11 2.60
N THR C 376 -33.83 7.25 2.33
CA THR C 376 -34.08 7.66 0.96
C THR C 376 -32.77 7.82 0.21
N ILE C 377 -32.63 7.05 -0.85
CA ILE C 377 -31.52 7.15 -1.78
C ILE C 377 -32.09 6.87 -3.17
N VAL C 378 -31.40 7.35 -4.19
CA VAL C 378 -31.83 7.12 -5.56
C VAL C 378 -30.59 6.78 -6.39
N ASP C 379 -30.72 5.77 -7.24
CA ASP C 379 -29.58 5.39 -8.05
C ASP C 379 -29.49 6.29 -9.27
N HIS C 380 -28.32 6.31 -9.91
CA HIS C 380 -28.10 7.27 -10.98
C HIS C 380 -28.91 6.96 -12.24
N HIS C 381 -29.32 5.71 -12.43
CA HIS C 381 -30.21 5.42 -13.55
C HIS C 381 -31.58 6.02 -13.32
N ALA C 382 -32.18 5.72 -12.17
CA ALA C 382 -33.49 6.27 -11.84
C ALA C 382 -33.45 7.79 -11.83
N ALA C 383 -32.37 8.38 -11.30
CA ALA C 383 -32.31 9.83 -11.20
C ALA C 383 -32.25 10.49 -12.57
N THR C 384 -31.40 9.97 -13.46
CA THR C 384 -31.26 10.55 -14.79
C THR C 384 -32.54 10.36 -15.60
N ALA C 385 -33.18 9.19 -15.48
CA ALA C 385 -34.47 9.00 -16.13
C ALA C 385 -35.50 10.02 -15.64
N SER C 386 -35.45 10.39 -14.35
CA SER C 386 -36.34 11.42 -13.85
CA SER C 386 -36.34 11.42 -13.85
C SER C 386 -35.94 12.80 -14.37
N PHE C 387 -34.65 13.05 -14.56
CA PHE C 387 -34.27 14.35 -15.09
C PHE C 387 -34.71 14.48 -16.54
N MET C 388 -34.68 13.39 -17.31
CA MET C 388 -35.28 13.41 -18.64
C MET C 388 -36.74 13.83 -18.57
N LYS C 389 -37.50 13.29 -17.62
CA LYS C 389 -38.89 13.70 -17.46
C LYS C 389 -38.97 15.17 -17.08
N HIS C 390 -38.13 15.60 -16.12
CA HIS C 390 -38.06 17.02 -15.79
C HIS C 390 -37.75 17.87 -17.01
N LEU C 391 -36.88 17.39 -17.90
CA LEU C 391 -36.55 18.17 -19.10
C LEU C 391 -37.79 18.35 -19.96
N GLU C 392 -38.44 17.25 -20.31
CA GLU C 392 -39.69 17.29 -21.06
C GLU C 392 -40.72 18.18 -20.38
N ASN C 393 -40.94 17.99 -19.07
CA ASN C 393 -41.87 18.83 -18.33
C ASN C 393 -41.50 20.30 -18.44
N GLU C 394 -40.20 20.61 -18.29
CA GLU C 394 -39.78 22.00 -18.36
C GLU C 394 -39.88 22.55 -19.77
N GLN C 395 -39.75 21.70 -20.80
CA GLN C 395 -39.88 22.17 -22.17
C GLN C 395 -41.27 22.72 -22.42
N LYS C 396 -42.30 22.02 -21.91
CA LYS C 396 -43.67 22.52 -21.99
C LYS C 396 -43.88 23.70 -21.04
N ALA C 397 -43.39 23.58 -19.81
CA ALA C 397 -43.63 24.61 -18.80
C ALA C 397 -42.97 25.93 -19.15
N ARG C 398 -41.70 25.91 -19.57
CA ARG C 398 -40.92 27.15 -19.69
C ARG C 398 -40.11 27.32 -20.96
N GLY C 399 -40.21 26.40 -21.94
CA GLY C 399 -39.46 26.57 -23.16
C GLY C 399 -38.02 26.11 -23.11
N GLY C 400 -37.65 25.35 -22.09
CA GLY C 400 -36.29 24.87 -21.95
C GLY C 400 -35.99 24.59 -20.49
N CYS C 401 -34.72 24.39 -20.22
CA CYS C 401 -34.29 24.10 -18.87
C CYS C 401 -32.78 24.20 -18.80
N PRO C 402 -32.24 25.11 -17.96
CA PRO C 402 -30.78 25.24 -17.88
C PRO C 402 -30.18 24.00 -17.24
N ALA C 403 -29.16 23.44 -17.88
CA ALA C 403 -28.58 22.20 -17.37
C ALA C 403 -27.11 22.15 -17.73
N ASP C 404 -26.29 21.72 -16.77
CA ASP C 404 -24.85 21.58 -16.94
C ASP C 404 -24.59 20.10 -17.14
N TRP C 405 -24.42 19.73 -18.41
CA TRP C 405 -24.23 18.34 -18.81
C TRP C 405 -23.17 17.65 -17.96
N ALA C 406 -22.04 18.31 -17.74
CA ALA C 406 -20.94 17.72 -16.99
C ALA C 406 -21.38 17.30 -15.59
N TRP C 407 -22.32 18.03 -15.00
CA TRP C 407 -22.82 17.72 -13.67
C TRP C 407 -24.08 16.87 -13.70
N ILE C 408 -24.87 16.93 -14.78
CA ILE C 408 -26.05 16.07 -14.87
C ILE C 408 -25.64 14.64 -15.13
N VAL C 409 -24.66 14.43 -16.00
CA VAL C 409 -24.23 13.08 -16.34
C VAL C 409 -23.51 12.46 -15.13
N PRO C 410 -23.93 11.28 -14.69
CA PRO C 410 -23.33 10.67 -13.48
C PRO C 410 -21.85 10.41 -13.63
N PRO C 411 -21.10 10.32 -12.52
CA PRO C 411 -19.65 10.08 -12.60
C PRO C 411 -19.25 8.63 -12.81
N ILE C 412 -20.21 7.73 -12.96
CA ILE C 412 -19.95 6.39 -13.49
C ILE C 412 -21.07 6.08 -14.46
N SER C 413 -20.78 5.17 -15.39
CA SER C 413 -21.77 4.68 -16.34
C SER C 413 -22.47 5.80 -17.10
N GLY C 414 -21.75 6.93 -17.32
CA GLY C 414 -22.32 8.09 -17.94
C GLY C 414 -23.26 7.80 -19.10
N SER C 415 -22.75 7.08 -20.10
CA SER C 415 -23.48 6.86 -21.35
C SER C 415 -24.54 5.79 -21.23
N LEU C 416 -24.55 5.00 -20.15
CA LEU C 416 -25.67 4.12 -19.85
C LEU C 416 -26.88 4.86 -19.32
N THR C 417 -26.73 6.13 -19.03
CA THR C 417 -27.85 6.92 -18.58
C THR C 417 -28.34 7.84 -19.70
N PRO C 418 -29.64 8.12 -19.76
CA PRO C 418 -30.20 8.83 -20.91
C PRO C 418 -29.75 10.29 -21.02
N VAL C 419 -29.29 10.90 -19.92
CA VAL C 419 -28.88 12.30 -20.01
C VAL C 419 -27.59 12.44 -20.81
N PHE C 420 -26.76 11.39 -20.84
CA PHE C 420 -25.49 11.49 -21.56
C PHE C 420 -25.72 11.85 -23.03
N HIS C 421 -26.77 11.29 -23.64
CA HIS C 421 -27.10 11.52 -25.04
C HIS C 421 -27.98 12.74 -25.24
N GLN C 422 -28.27 13.48 -24.18
CA GLN C 422 -29.13 14.65 -24.26
C GLN C 422 -28.24 15.88 -24.35
N GLU C 423 -28.34 16.60 -25.47
CA GLU C 423 -27.73 17.93 -25.51
C GLU C 423 -28.44 18.85 -24.54
N MET C 424 -27.67 19.77 -23.96
CA MET C 424 -28.17 20.63 -22.91
C MET C 424 -27.66 22.04 -23.09
N VAL C 425 -28.44 23.00 -22.57
CA VAL C 425 -28.05 24.41 -22.62
C VAL C 425 -27.89 24.89 -21.18
N ASN C 426 -26.71 25.41 -20.86
CA ASN C 426 -26.47 25.97 -19.54
C ASN C 426 -26.56 27.49 -19.58
N TYR C 427 -27.27 28.05 -18.60
CA TYR C 427 -27.37 29.49 -18.41
C TYR C 427 -27.85 29.76 -17.00
N PHE C 428 -27.80 31.04 -16.61
CA PHE C 428 -28.07 31.45 -15.25
C PHE C 428 -29.42 32.15 -15.20
N LEU C 429 -30.42 31.51 -14.61
CA LEU C 429 -31.64 32.23 -14.32
C LEU C 429 -31.61 32.75 -12.89
N SER C 430 -32.52 33.66 -12.59
CA SER C 430 -32.77 34.07 -11.22
C SER C 430 -34.23 33.84 -10.90
N PRO C 431 -34.57 33.48 -9.64
CA PRO C 431 -33.77 33.21 -8.44
C PRO C 431 -32.74 32.11 -8.63
N ALA C 432 -31.67 32.11 -7.83
CA ALA C 432 -30.59 31.17 -8.04
C ALA C 432 -29.93 30.78 -6.73
N PHE C 433 -29.28 29.63 -6.75
CA PHE C 433 -28.28 29.32 -5.74
C PHE C 433 -26.92 29.62 -6.34
N ARG C 434 -26.13 30.40 -5.62
CA ARG C 434 -24.84 30.88 -6.08
C ARG C 434 -23.75 30.44 -5.11
N TYR C 435 -22.58 30.20 -5.64
CA TYR C 435 -21.44 30.05 -4.77
C TYR C 435 -21.07 31.43 -4.24
N GLN C 436 -20.30 31.45 -3.16
CA GLN C 436 -19.94 32.70 -2.51
C GLN C 436 -18.61 32.49 -1.84
N PRO C 437 -17.83 33.55 -1.63
CA PRO C 437 -16.53 33.37 -0.99
C PRO C 437 -16.75 32.86 0.42
N ASP C 438 -15.75 32.15 0.94
CA ASP C 438 -15.83 31.67 2.31
C ASP C 438 -15.84 32.88 3.26
N PRO C 439 -16.33 32.69 4.49
CA PRO C 439 -16.32 33.80 5.45
C PRO C 439 -14.93 34.15 5.98
N TRP C 440 -13.89 33.52 5.47
CA TRP C 440 -12.53 33.87 5.87
C TRP C 440 -11.66 34.14 4.64
N PHE D 28 -6.97 35.55 -19.38
CA PHE D 28 -6.45 34.19 -19.46
C PHE D 28 -7.13 33.30 -18.42
N PRO D 29 -7.97 32.37 -18.87
CA PRO D 29 -8.76 31.58 -17.92
C PRO D 29 -7.88 30.71 -17.04
N ARG D 30 -8.13 30.78 -15.73
CA ARG D 30 -7.54 29.89 -14.76
C ARG D 30 -8.17 28.50 -14.88
N VAL D 31 -7.36 27.47 -14.69
CA VAL D 31 -7.79 26.09 -14.89
C VAL D 31 -7.25 25.27 -13.72
N LYS D 32 -8.14 24.57 -13.01
CA LYS D 32 -7.77 23.82 -11.83
C LYS D 32 -7.87 22.32 -12.08
N ASN D 33 -6.88 21.57 -11.64
CA ASN D 33 -7.08 20.14 -11.47
C ASN D 33 -7.55 19.90 -10.03
N TRP D 34 -8.73 19.31 -9.88
CA TRP D 34 -9.35 19.15 -8.56
C TRP D 34 -8.85 17.92 -7.82
N GLU D 35 -8.11 17.03 -8.47
CA GLU D 35 -7.53 15.90 -7.77
C GLU D 35 -6.26 16.31 -7.04
N VAL D 36 -5.45 17.17 -7.66
CA VAL D 36 -4.16 17.57 -7.10
C VAL D 36 -4.18 19.00 -6.60
N GLY D 37 -5.27 19.75 -6.84
CA GLY D 37 -5.31 21.14 -6.46
C GLY D 37 -4.56 22.09 -7.38
N SER D 38 -3.87 21.55 -8.38
CA SER D 38 -2.99 22.39 -9.20
C SER D 38 -3.78 23.34 -10.09
N ILE D 39 -3.12 24.43 -10.46
CA ILE D 39 -3.74 25.55 -11.16
C ILE D 39 -2.84 25.96 -12.33
N THR D 40 -3.42 26.08 -13.52
CA THR D 40 -2.72 26.63 -14.67
C THR D 40 -3.60 27.70 -15.34
N TYR D 41 -2.98 28.45 -16.26
CA TYR D 41 -3.69 29.44 -17.05
C TYR D 41 -3.58 29.05 -18.51
N ASP D 42 -4.72 29.00 -19.19
CA ASP D 42 -4.74 28.60 -20.61
C ASP D 42 -4.57 29.85 -21.47
N THR D 43 -3.31 30.26 -21.63
CA THR D 43 -3.02 31.43 -22.47
C THR D 43 -3.23 31.10 -23.95
N LEU D 44 -3.11 29.82 -24.32
CA LEU D 44 -3.25 29.43 -25.72
C LEU D 44 -4.64 29.78 -26.26
N SER D 45 -5.69 29.62 -25.45
CA SER D 45 -7.04 29.95 -25.91
C SER D 45 -7.14 31.35 -26.52
N ALA D 46 -6.26 32.27 -26.11
CA ALA D 46 -6.31 33.64 -26.63
C ALA D 46 -6.09 33.68 -28.14
N GLN D 47 -5.33 32.72 -28.66
CA GLN D 47 -5.09 32.59 -30.10
C GLN D 47 -6.19 31.82 -30.82
N ALA D 48 -7.33 31.57 -30.18
CA ALA D 48 -8.40 30.81 -30.82
C ALA D 48 -8.96 31.60 -31.99
N GLN D 49 -8.89 31.00 -33.18
CA GLN D 49 -9.31 31.63 -34.42
C GLN D 49 -10.81 31.59 -34.58
N GLN D 50 -11.32 30.53 -35.20
CA GLN D 50 -12.75 30.41 -35.44
C GLN D 50 -13.52 30.39 -34.12
N ASP D 51 -14.75 30.90 -34.17
CA ASP D 51 -15.56 31.06 -32.98
C ASP D 51 -16.35 29.78 -32.70
N GLY D 52 -16.50 29.47 -31.42
CA GLY D 52 -17.32 28.36 -30.97
C GLY D 52 -18.75 28.79 -30.71
N PRO D 53 -19.55 27.86 -30.19
CA PRO D 53 -21.00 28.09 -30.13
C PRO D 53 -21.48 28.84 -28.90
N CYS D 54 -20.62 29.15 -27.95
CA CYS D 54 -21.02 29.65 -26.64
C CYS D 54 -20.96 31.17 -26.60
N THR D 55 -21.81 31.74 -25.76
CA THR D 55 -21.84 33.17 -25.47
C THR D 55 -21.82 33.33 -23.97
N PRO D 56 -21.58 34.55 -23.48
CA PRO D 56 -21.80 34.81 -22.05
C PRO D 56 -23.23 34.50 -21.61
N ARG D 57 -24.17 34.40 -22.53
CA ARG D 57 -25.57 34.20 -22.17
C ARG D 57 -25.89 32.73 -21.93
N ARG D 58 -25.24 31.83 -22.65
CA ARG D 58 -25.55 30.41 -22.55
C ARG D 58 -24.42 29.59 -23.16
N CYS D 59 -24.05 28.52 -22.48
CA CYS D 59 -22.98 27.62 -22.92
C CYS D 59 -23.61 26.45 -23.68
N LEU D 60 -23.10 26.21 -24.89
CA LEU D 60 -23.54 25.12 -25.75
C LEU D 60 -22.46 24.06 -25.92
N GLY D 61 -21.56 23.98 -24.94
CA GLY D 61 -20.47 23.03 -25.02
C GLY D 61 -20.90 21.59 -25.23
N SER D 62 -22.09 21.22 -24.76
CA SER D 62 -22.48 19.82 -24.88
C SER D 62 -23.09 19.47 -26.23
N LEU D 63 -23.17 20.41 -27.17
CA LEU D 63 -23.78 20.14 -28.46
C LEU D 63 -22.78 19.41 -29.37
N VAL D 64 -23.24 18.34 -30.02
CA VAL D 64 -22.36 17.51 -30.82
C VAL D 64 -21.84 18.28 -32.04
N PHE D 65 -22.75 18.87 -32.80
CA PHE D 65 -22.41 19.70 -33.96
C PHE D 65 -22.89 21.12 -33.71
N PRO D 66 -22.02 22.02 -33.25
CA PRO D 66 -22.45 23.42 -33.03
C PRO D 66 -22.93 24.12 -34.30
N ARG D 67 -22.83 23.47 -35.45
CA ARG D 67 -23.04 24.16 -36.72
C ARG D 67 -24.00 23.42 -37.65
N ALA D 79 -11.79 34.94 -50.84
CA ALA D 79 -11.30 36.04 -50.01
C ALA D 79 -9.80 35.92 -49.83
N PRO D 80 -9.03 36.50 -50.75
CA PRO D 80 -7.58 36.31 -50.70
C PRO D 80 -6.95 36.75 -49.38
N GLU D 81 -7.41 37.86 -48.82
CA GLU D 81 -6.76 38.38 -47.61
C GLU D 81 -6.98 37.45 -46.42
N GLN D 82 -8.19 36.90 -46.28
CA GLN D 82 -8.44 35.98 -45.17
C GLN D 82 -7.69 34.67 -45.38
N LEU D 83 -7.64 34.17 -46.61
CA LEU D 83 -6.78 33.03 -46.91
C LEU D 83 -5.34 33.30 -46.50
N LEU D 84 -4.87 34.52 -46.75
CA LEU D 84 -3.47 34.85 -46.55
C LEU D 84 -3.12 34.94 -45.07
N SER D 85 -4.02 35.51 -44.26
CA SER D 85 -3.73 35.58 -42.83
C SER D 85 -3.74 34.20 -42.18
N GLN D 86 -4.60 33.30 -42.66
CA GLN D 86 -4.54 31.90 -42.22
C GLN D 86 -3.25 31.23 -42.70
N ALA D 87 -2.88 31.44 -43.97
CA ALA D 87 -1.65 30.84 -44.48
C ALA D 87 -0.43 31.39 -43.77
N ARG D 88 -0.37 32.72 -43.60
CA ARG D 88 0.73 33.32 -42.84
C ARG D 88 0.81 32.72 -41.44
N ASP D 89 -0.31 32.69 -40.73
CA ASP D 89 -0.29 32.11 -39.39
C ASP D 89 0.22 30.69 -39.43
N PHE D 90 -0.26 29.89 -40.37
CA PHE D 90 0.23 28.53 -40.51
C PHE D 90 1.73 28.50 -40.79
N ILE D 91 2.22 29.31 -41.75
CA ILE D 91 3.66 29.28 -42.00
C ILE D 91 4.41 29.70 -40.75
N ASN D 92 3.89 30.69 -40.03
CA ASN D 92 4.50 31.07 -38.76
C ASN D 92 4.52 29.90 -37.78
N GLN D 93 3.45 29.10 -37.79
CA GLN D 93 3.45 27.95 -36.90
C GLN D 93 4.52 26.97 -37.31
N TYR D 94 4.61 26.68 -38.61
CA TYR D 94 5.60 25.71 -39.07
C TYR D 94 7.02 26.17 -38.74
N TYR D 95 7.30 27.46 -38.89
CA TYR D 95 8.68 27.87 -38.67
C TYR D 95 9.03 27.90 -37.18
N SER D 96 8.06 28.20 -36.31
CA SER D 96 8.29 28.01 -34.88
C SER D 96 8.57 26.55 -34.57
N SER D 97 7.78 25.65 -35.14
CA SER D 97 7.91 24.24 -34.82
C SER D 97 9.32 23.73 -35.01
N ILE D 98 9.99 24.18 -36.06
CA ILE D 98 11.37 23.76 -36.31
C ILE D 98 12.36 24.80 -35.81
N LYS D 99 11.93 25.72 -34.95
CA LYS D 99 12.81 26.65 -34.24
C LYS D 99 13.59 27.52 -35.23
N ARG D 100 12.93 27.98 -36.28
CA ARG D 100 13.57 28.86 -37.25
C ARG D 100 12.71 30.08 -37.53
N SER D 101 11.96 30.55 -36.54
CA SER D 101 11.16 31.76 -36.73
C SER D 101 12.03 32.95 -37.13
N GLY D 102 11.47 33.81 -37.96
CA GLY D 102 12.17 35.00 -38.42
C GLY D 102 13.41 34.73 -39.24
N SER D 103 13.63 33.48 -39.65
CA SER D 103 14.78 33.17 -40.49
C SER D 103 14.53 33.65 -41.92
N GLN D 104 15.59 33.61 -42.74
CA GLN D 104 15.45 33.96 -44.16
C GLN D 104 14.44 33.05 -44.85
N ALA D 105 14.56 31.73 -44.62
CA ALA D 105 13.65 30.79 -45.26
C ALA D 105 12.21 31.03 -44.84
N HIS D 106 12.01 31.41 -43.57
CA HIS D 106 10.68 31.74 -43.08
C HIS D 106 10.11 32.94 -43.84
N GLU D 107 10.90 34.02 -43.92
CA GLU D 107 10.49 35.20 -44.70
C GLU D 107 10.17 34.81 -46.12
N GLN D 108 11.03 34.02 -46.74
CA GLN D 108 10.87 33.71 -48.15
C GLN D 108 9.62 32.87 -48.39
N ARG D 109 9.37 31.88 -47.53
CA ARG D 109 8.18 31.06 -47.67
C ARG D 109 6.91 31.90 -47.54
N LEU D 110 6.88 32.84 -46.60
CA LEU D 110 5.78 33.79 -46.52
C LEU D 110 5.63 34.56 -47.84
N GLN D 111 6.73 35.15 -48.32
CA GLN D 111 6.67 35.86 -49.59
C GLN D 111 6.22 34.91 -50.69
N GLU D 112 6.75 33.69 -50.68
CA GLU D 112 6.36 32.71 -51.69
C GLU D 112 4.86 32.41 -51.62
N VAL D 113 4.33 32.14 -50.43
CA VAL D 113 2.90 31.86 -50.34
C VAL D 113 2.10 33.07 -50.81
N GLU D 114 2.51 34.26 -50.37
CA GLU D 114 1.80 35.47 -50.72
C GLU D 114 1.75 35.67 -52.24
N ALA D 115 2.83 35.32 -52.93
CA ALA D 115 2.86 35.46 -54.39
C ALA D 115 1.94 34.44 -55.05
N GLU D 116 1.95 33.20 -54.58
CA GLU D 116 1.12 32.19 -55.22
C GLU D 116 -0.36 32.52 -55.03
N VAL D 117 -0.71 33.08 -53.88
CA VAL D 117 -2.10 33.45 -53.64
C VAL D 117 -2.50 34.61 -54.55
N ALA D 118 -1.64 35.63 -54.64
CA ALA D 118 -1.93 36.79 -55.48
C ALA D 118 -2.10 36.39 -56.94
N ALA D 119 -1.43 35.34 -57.39
CA ALA D 119 -1.51 34.89 -58.78
C ALA D 119 -2.61 33.86 -59.00
N THR D 120 -2.79 32.93 -58.06
CA THR D 120 -3.68 31.80 -58.30
C THR D 120 -4.92 31.82 -57.43
N GLY D 121 -5.00 32.75 -56.48
CA GLY D 121 -6.05 32.72 -55.50
C GLY D 121 -5.90 31.63 -54.46
N THR D 122 -4.84 30.82 -54.54
CA THR D 122 -4.59 29.73 -53.62
C THR D 122 -3.09 29.46 -53.58
N TYR D 123 -2.70 28.43 -52.84
CA TYR D 123 -1.30 28.04 -52.82
C TYR D 123 -1.21 26.55 -52.56
N GLN D 124 0.02 26.04 -52.56
CA GLN D 124 0.28 24.65 -52.24
C GLN D 124 1.19 24.57 -51.03
N LEU D 125 0.89 23.63 -50.13
CA LEU D 125 1.80 23.35 -49.03
C LEU D 125 3.04 22.64 -49.56
N ARG D 126 4.19 22.96 -48.98
CA ARG D 126 5.31 22.04 -49.08
C ARG D 126 4.95 20.73 -48.39
N GLU D 127 5.58 19.63 -48.85
CA GLU D 127 5.42 18.36 -48.17
C GLU D 127 5.61 18.50 -46.67
N SER D 128 6.67 19.22 -46.27
CA SER D 128 6.98 19.37 -44.86
C SER D 128 5.87 20.12 -44.13
N GLU D 129 5.22 21.07 -44.81
CA GLU D 129 4.12 21.79 -44.19
C GLU D 129 2.88 20.93 -44.06
N LEU D 130 2.66 20.01 -45.00
CA LEU D 130 1.54 19.10 -44.90
C LEU D 130 1.72 18.13 -43.72
N VAL D 131 2.92 17.57 -43.56
CA VAL D 131 3.13 16.64 -42.47
C VAL D 131 2.94 17.36 -41.13
N PHE D 132 3.58 18.50 -40.99
CA PHE D 132 3.36 19.36 -39.83
C PHE D 132 1.88 19.69 -39.65
N GLY D 133 1.21 20.08 -40.75
CA GLY D 133 -0.18 20.50 -40.66
C GLY D 133 -1.10 19.43 -40.12
N ALA D 134 -0.97 18.20 -40.62
CA ALA D 134 -1.83 17.11 -40.18
C ALA D 134 -1.59 16.79 -38.71
N LYS D 135 -0.33 16.76 -38.30
CA LYS D 135 0.00 16.55 -36.89
C LYS D 135 -0.60 17.63 -36.01
N GLN D 136 -0.57 18.89 -36.47
CA GLN D 136 -1.09 19.97 -35.65
C GLN D 136 -2.60 19.89 -35.54
N ALA D 137 -3.27 19.57 -36.66
CA ALA D 137 -4.73 19.42 -36.63
C ALA D 137 -5.11 18.36 -35.60
N TRP D 138 -4.36 17.26 -35.56
CA TRP D 138 -4.56 16.24 -34.54
C TRP D 138 -4.30 16.80 -33.15
N ARG D 139 -3.22 17.56 -32.99
CA ARG D 139 -2.87 18.10 -31.69
C ARG D 139 -3.93 19.10 -31.19
N ASN D 140 -4.58 19.77 -32.13
CA ASN D 140 -5.61 20.76 -31.88
C ASN D 140 -7.00 20.16 -31.70
N ALA D 141 -7.19 18.87 -31.92
CA ALA D 141 -8.53 18.29 -31.91
C ALA D 141 -9.05 18.15 -30.48
N PRO D 142 -9.99 19.01 -30.04
CA PRO D 142 -10.32 19.07 -28.61
C PRO D 142 -10.94 17.80 -28.07
N ARG D 143 -11.62 17.03 -28.90
CA ARG D 143 -12.33 15.84 -28.48
C ARG D 143 -11.50 14.58 -28.55
N CYS D 144 -10.21 14.68 -28.86
CA CYS D 144 -9.37 13.49 -29.01
C CYS D 144 -8.57 13.30 -27.73
N VAL D 145 -8.79 12.16 -27.08
CA VAL D 145 -8.07 11.83 -25.86
C VAL D 145 -6.73 11.15 -26.12
N GLY D 146 -6.46 10.74 -27.37
CA GLY D 146 -5.21 10.05 -27.67
C GLY D 146 -4.14 10.96 -28.25
N ARG D 147 -4.18 12.26 -27.91
CA ARG D 147 -3.24 13.21 -28.49
C ARG D 147 -1.86 13.18 -27.83
N ILE D 148 -1.61 12.29 -26.87
CA ILE D 148 -0.23 12.09 -26.43
C ILE D 148 0.62 11.65 -27.63
N GLN D 149 -0.01 11.00 -28.59
CA GLN D 149 0.62 10.39 -29.74
C GLN D 149 0.77 11.34 -30.93
N TRP D 150 0.37 12.62 -30.79
CA TRP D 150 0.16 13.46 -31.97
C TRP D 150 1.42 13.63 -32.80
N GLY D 151 2.60 13.46 -32.20
CA GLY D 151 3.83 13.57 -32.96
C GLY D 151 4.17 12.34 -33.76
N LYS D 152 3.52 11.21 -33.47
CA LYS D 152 3.74 9.96 -34.19
C LYS D 152 2.55 9.77 -35.11
N LEU D 153 2.66 10.34 -36.28
CA LEU D 153 1.59 10.27 -37.26
C LEU D 153 2.24 10.07 -38.62
N GLN D 154 1.92 8.96 -39.26
CA GLN D 154 2.39 8.70 -40.61
C GLN D 154 1.49 9.46 -41.57
N VAL D 155 2.08 10.35 -42.36
CA VAL D 155 1.33 11.24 -43.24
C VAL D 155 1.57 10.75 -44.66
N PHE D 156 0.53 10.20 -45.26
CA PHE D 156 0.58 9.77 -46.66
C PHE D 156 0.12 10.92 -47.56
N ASP D 157 1.00 11.35 -48.45
CA ASP D 157 0.71 12.47 -49.34
C ASP D 157 0.03 11.91 -50.60
N ALA D 158 -1.28 12.08 -50.68
CA ALA D 158 -2.03 11.68 -51.87
C ALA D 158 -2.54 12.88 -52.65
N ARG D 159 -1.83 14.02 -52.58
CA ARG D 159 -2.35 15.19 -53.26
C ARG D 159 -2.26 15.08 -54.78
N ASP D 160 -1.55 14.08 -55.30
CA ASP D 160 -1.47 13.88 -56.74
C ASP D 160 -2.50 12.88 -57.23
N CYS D 161 -3.41 12.47 -56.35
CA CYS D 161 -4.45 11.51 -56.70
C CYS D 161 -5.39 12.10 -57.74
N ARG D 162 -5.85 11.26 -58.65
CA ARG D 162 -6.58 11.77 -59.79
C ARG D 162 -7.86 11.02 -60.15
N SER D 163 -8.14 9.88 -59.54
CA SER D 163 -9.39 9.18 -59.80
C SER D 163 -9.88 8.55 -58.50
N ALA D 164 -11.14 8.10 -58.52
CA ALA D 164 -11.64 7.35 -57.37
C ALA D 164 -10.94 6.01 -57.24
N GLN D 165 -10.52 5.44 -58.36
CA GLN D 165 -9.74 4.21 -58.32
C GLN D 165 -8.43 4.43 -57.59
N GLU D 166 -7.76 5.55 -57.85
CA GLU D 166 -6.51 5.84 -57.17
C GLU D 166 -6.74 6.16 -55.71
N MET D 167 -7.89 6.77 -55.39
CA MET D 167 -8.29 6.91 -53.99
C MET D 167 -8.25 5.58 -53.28
N PHE D 168 -8.92 4.58 -53.86
CA PHE D 168 -9.06 3.28 -53.24
C PHE D 168 -7.70 2.65 -52.98
N THR D 169 -6.76 2.84 -53.90
CA THR D 169 -5.42 2.31 -53.73
C THR D 169 -4.71 3.00 -52.58
N TYR D 170 -4.75 4.33 -52.55
CA TYR D 170 -4.24 5.05 -51.39
C TYR D 170 -4.89 4.57 -50.09
N ILE D 171 -6.18 4.30 -50.11
CA ILE D 171 -6.89 3.98 -48.88
C ILE D 171 -6.50 2.58 -48.42
N CYS D 172 -6.37 1.64 -49.35
CA CYS D 172 -5.89 0.31 -49.00
C CYS D 172 -4.46 0.35 -48.48
N ASN D 173 -3.60 1.18 -49.07
CA ASN D 173 -2.26 1.31 -48.52
C ASN D 173 -2.29 1.92 -47.12
N HIS D 174 -3.22 2.84 -46.88
CA HIS D 174 -3.43 3.35 -45.53
C HIS D 174 -3.82 2.21 -44.59
N ILE D 175 -4.92 1.51 -44.91
CA ILE D 175 -5.43 0.47 -44.03
C ILE D 175 -4.35 -0.55 -43.74
N LYS D 176 -3.71 -1.07 -44.80
CA LYS D 176 -2.60 -1.99 -44.63
C LYS D 176 -1.56 -1.41 -43.69
N TYR D 177 -1.07 -0.20 -43.98
CA TYR D 177 -0.02 0.37 -43.14
C TYR D 177 -0.50 0.56 -41.71
N ALA D 178 -1.67 1.16 -41.53
CA ALA D 178 -2.14 1.49 -40.20
C ALA D 178 -2.43 0.23 -39.40
N THR D 179 -3.04 -0.76 -40.06
CA THR D 179 -3.40 -2.02 -39.39
C THR D 179 -2.17 -2.78 -38.93
N ASN D 180 -1.23 -3.03 -39.85
CA ASN D 180 0.07 -3.61 -39.47
C ASN D 180 -0.14 -4.91 -38.68
N ARG D 181 -1.00 -5.76 -39.23
CA ARG D 181 -1.46 -7.03 -38.66
C ARG D 181 -1.75 -6.95 -37.16
N GLY D 182 -2.32 -5.84 -36.72
CA GLY D 182 -2.72 -5.68 -35.33
C GLY D 182 -1.83 -4.79 -34.50
N ASN D 183 -0.66 -4.42 -34.98
CA ASN D 183 0.21 -3.48 -34.25
C ASN D 183 0.00 -2.10 -34.85
N LEU D 184 -1.03 -1.41 -34.37
CA LEU D 184 -1.60 -0.30 -35.10
C LEU D 184 -0.68 0.92 -35.08
N ARG D 185 -0.73 1.67 -36.18
CA ARG D 185 0.11 2.83 -36.35
C ARG D 185 -0.75 3.97 -36.85
N SER D 186 -0.62 5.12 -36.22
CA SER D 186 -1.46 6.25 -36.58
C SER D 186 -1.07 6.75 -37.96
N ALA D 187 -2.06 6.95 -38.82
CA ALA D 187 -1.78 7.43 -40.17
C ALA D 187 -2.88 8.38 -40.62
N ILE D 188 -2.52 9.21 -41.60
CA ILE D 188 -3.48 10.06 -42.32
C ILE D 188 -3.06 10.08 -43.77
N THR D 189 -4.04 9.96 -44.66
CA THR D 189 -3.83 10.08 -46.09
C THR D 189 -4.53 11.34 -46.54
N VAL D 190 -3.81 12.25 -47.19
CA VAL D 190 -4.33 13.56 -47.54
C VAL D 190 -4.52 13.59 -49.05
N PHE D 191 -5.77 13.54 -49.47
CA PHE D 191 -6.17 13.64 -50.87
C PHE D 191 -6.17 15.11 -51.31
N PRO D 192 -6.30 15.37 -52.63
CA PRO D 192 -6.12 16.75 -53.11
C PRO D 192 -7.01 17.74 -52.40
N GLN D 193 -6.52 18.97 -52.34
CA GLN D 193 -7.24 19.98 -51.61
C GLN D 193 -8.40 20.49 -52.44
N ARG D 194 -9.33 21.15 -51.76
CA ARG D 194 -10.40 21.85 -52.45
C ARG D 194 -9.82 22.97 -53.28
N CYS D 195 -10.32 23.14 -54.49
CA CYS D 195 -9.86 24.25 -55.31
C CYS D 195 -10.97 24.69 -56.25
N PRO D 196 -11.04 25.98 -56.58
CA PRO D 196 -12.17 26.48 -57.37
C PRO D 196 -12.27 25.75 -58.71
N GLY D 197 -13.51 25.57 -59.16
CA GLY D 197 -13.72 25.01 -60.47
C GLY D 197 -13.44 23.53 -60.59
N ARG D 198 -13.66 22.80 -59.50
CA ARG D 198 -13.42 21.36 -59.43
C ARG D 198 -14.18 20.85 -58.22
N GLY D 199 -14.82 19.69 -58.38
CA GLY D 199 -15.42 19.05 -57.24
C GLY D 199 -14.38 18.59 -56.24
N ASP D 200 -14.85 18.35 -55.01
CA ASP D 200 -14.03 17.81 -53.93
C ASP D 200 -13.81 16.32 -54.08
N PHE D 201 -12.64 15.86 -53.67
CA PHE D 201 -12.53 14.46 -53.30
C PHE D 201 -13.33 14.24 -52.01
N ARG D 202 -14.11 13.16 -51.96
CA ARG D 202 -14.84 12.82 -50.75
C ARG D 202 -14.83 11.30 -50.55
N ILE D 203 -14.71 10.90 -49.30
CA ILE D 203 -15.06 9.55 -48.86
C ILE D 203 -16.42 9.64 -48.21
N TRP D 204 -17.42 8.97 -48.78
CA TRP D 204 -18.77 9.11 -48.26
C TRP D 204 -18.90 8.45 -46.89
N ASN D 205 -18.29 7.27 -46.73
CA ASN D 205 -18.32 6.57 -45.46
C ASN D 205 -17.73 7.42 -44.34
N SER D 206 -18.35 7.33 -43.16
CA SER D 206 -17.85 8.09 -42.01
C SER D 206 -16.53 7.52 -41.50
N GLN D 207 -16.30 6.24 -41.73
CA GLN D 207 -15.09 5.53 -41.33
C GLN D 207 -14.69 4.57 -42.46
N LEU D 208 -13.40 4.30 -42.58
CA LEU D 208 -12.97 3.34 -43.60
C LEU D 208 -13.56 1.97 -43.36
N VAL D 209 -13.74 1.59 -42.10
CA VAL D 209 -14.33 0.32 -41.76
C VAL D 209 -15.59 0.60 -40.96
N ARG D 210 -16.72 0.11 -41.45
CA ARG D 210 -18.01 0.27 -40.82
C ARG D 210 -18.81 -0.98 -41.12
N TYR D 211 -19.65 -1.35 -40.16
CA TYR D 211 -20.54 -2.48 -40.31
C TYR D 211 -21.85 -2.05 -40.93
N ALA D 212 -22.37 -2.88 -41.81
CA ALA D 212 -23.66 -2.59 -42.42
C ALA D 212 -24.76 -2.50 -41.36
N GLY D 213 -25.67 -1.56 -41.57
CA GLY D 213 -26.86 -1.48 -40.77
C GLY D 213 -28.08 -1.51 -41.67
N TYR D 214 -28.76 -2.65 -41.70
CA TYR D 214 -29.91 -2.84 -42.59
C TYR D 214 -31.19 -2.53 -41.83
N ARG D 215 -31.91 -1.50 -42.28
CA ARG D 215 -33.28 -1.26 -41.81
C ARG D 215 -34.08 -2.54 -41.99
N GLN D 216 -34.42 -3.19 -40.89
CA GLN D 216 -35.16 -4.43 -41.02
C GLN D 216 -36.59 -4.15 -41.47
N GLN D 217 -37.31 -5.24 -41.74
CA GLN D 217 -38.69 -5.16 -42.19
C GLN D 217 -39.59 -4.34 -41.25
N ASP D 218 -39.18 -4.16 -39.99
CA ASP D 218 -40.05 -3.65 -38.92
C ASP D 218 -39.89 -2.16 -38.62
N GLY D 219 -38.83 -1.52 -39.11
CA GLY D 219 -38.37 -0.29 -38.52
C GLY D 219 -37.23 -0.48 -37.54
N SER D 220 -36.86 -1.72 -37.26
CA SER D 220 -35.69 -2.04 -36.46
C SER D 220 -34.45 -2.02 -37.37
N VAL D 221 -33.31 -2.45 -36.84
CA VAL D 221 -32.07 -2.48 -37.61
C VAL D 221 -31.30 -3.75 -37.26
N ARG D 222 -30.84 -4.47 -38.29
CA ARG D 222 -29.88 -5.55 -38.11
C ARG D 222 -28.49 -5.04 -38.48
N GLY D 223 -27.55 -5.23 -37.54
CA GLY D 223 -26.22 -4.66 -37.66
C GLY D 223 -26.13 -3.34 -36.92
N ASP D 224 -25.40 -2.37 -37.49
CA ASP D 224 -25.08 -1.15 -36.79
C ASP D 224 -26.05 -0.06 -37.18
N PRO D 225 -26.94 0.37 -36.29
CA PRO D 225 -27.88 1.45 -36.64
C PRO D 225 -27.18 2.76 -36.99
N ALA D 226 -25.94 2.96 -36.56
CA ALA D 226 -25.23 4.18 -36.90
C ALA D 226 -25.00 4.32 -38.40
N ASN D 227 -25.03 3.19 -39.13
CA ASN D 227 -24.65 3.13 -40.53
C ASN D 227 -25.82 2.76 -41.43
N VAL D 228 -27.05 3.03 -41.00
CA VAL D 228 -28.22 2.74 -41.82
C VAL D 228 -28.21 3.59 -43.10
N GLU D 229 -27.85 4.87 -42.98
CA GLU D 229 -27.92 5.74 -44.15
C GLU D 229 -26.86 5.37 -45.18
N ILE D 230 -25.60 5.22 -44.75
CA ILE D 230 -24.54 4.89 -45.69
C ILE D 230 -24.69 3.47 -46.21
N THR D 231 -25.41 2.61 -45.47
CA THR D 231 -25.74 1.28 -45.97
C THR D 231 -26.71 1.37 -47.14
N GLU D 232 -27.80 2.14 -46.96
CA GLU D 232 -28.76 2.33 -48.05
C GLU D 232 -28.11 2.97 -49.27
N LEU D 233 -27.20 3.92 -49.06
CA LEU D 233 -26.50 4.52 -50.19
C LEU D 233 -25.61 3.51 -50.90
N CYS D 234 -25.01 2.57 -50.15
CA CYS D 234 -24.20 1.54 -50.78
C CYS D 234 -25.06 0.61 -51.63
N ILE D 235 -26.21 0.17 -51.10
CA ILE D 235 -27.12 -0.67 -51.86
C ILE D 235 -27.47 0.01 -53.18
N GLN D 236 -28.01 1.23 -53.08
CA GLN D 236 -28.52 1.93 -54.25
C GLN D 236 -27.43 2.27 -55.25
N HIS D 237 -26.17 2.16 -54.85
CA HIS D 237 -25.02 2.31 -55.72
C HIS D 237 -24.42 0.99 -56.16
N GLY D 238 -25.19 -0.10 -56.04
CA GLY D 238 -24.83 -1.38 -56.64
C GLY D 238 -24.39 -2.47 -55.68
N TRP D 239 -24.08 -2.16 -54.43
CA TRP D 239 -23.53 -3.16 -53.54
C TRP D 239 -24.55 -4.25 -53.23
N THR D 240 -24.14 -5.49 -53.37
CA THR D 240 -24.97 -6.60 -52.93
C THR D 240 -24.94 -6.62 -51.42
N PRO D 241 -26.06 -6.44 -50.74
CA PRO D 241 -26.04 -6.42 -49.28
C PRO D 241 -25.87 -7.82 -48.72
N GLY D 242 -25.34 -7.89 -47.50
CA GLY D 242 -25.38 -9.09 -46.70
C GLY D 242 -26.61 -9.07 -45.81
N ASN D 243 -26.62 -9.98 -44.83
CA ASN D 243 -27.68 -9.96 -43.83
C ASN D 243 -27.14 -10.31 -42.44
N GLY D 244 -25.87 -10.01 -42.17
CA GLY D 244 -25.29 -10.24 -40.87
C GLY D 244 -25.28 -8.98 -40.01
N ARG D 245 -24.88 -9.16 -38.75
CA ARG D 245 -24.72 -8.03 -37.85
C ARG D 245 -23.38 -7.33 -38.04
N PHE D 246 -22.41 -7.94 -38.71
CA PHE D 246 -21.07 -7.37 -38.79
C PHE D 246 -20.55 -7.47 -40.23
N ASP D 247 -21.36 -7.02 -41.18
CA ASP D 247 -20.95 -6.99 -42.58
C ASP D 247 -20.20 -5.69 -42.82
N VAL D 248 -18.93 -5.82 -43.23
CA VAL D 248 -18.12 -4.66 -43.55
C VAL D 248 -18.67 -3.98 -44.80
N LEU D 249 -18.89 -2.68 -44.70
CA LEU D 249 -19.43 -1.95 -45.84
C LEU D 249 -18.38 -1.80 -46.93
N PRO D 250 -18.79 -1.65 -48.18
CA PRO D 250 -17.86 -1.17 -49.20
C PRO D 250 -17.68 0.33 -49.05
N LEU D 251 -16.63 0.83 -49.70
CA LEU D 251 -16.35 2.25 -49.68
C LEU D 251 -17.02 2.94 -50.86
N LEU D 252 -17.64 4.08 -50.59
CA LEU D 252 -18.19 4.96 -51.61
C LEU D 252 -17.20 6.11 -51.72
N LEU D 253 -16.40 6.09 -52.79
CA LEU D 253 -15.37 7.08 -53.00
C LEU D 253 -15.78 8.00 -54.14
N GLN D 254 -15.65 9.30 -53.91
CA GLN D 254 -16.08 10.33 -54.84
C GLN D 254 -14.87 11.10 -55.31
N ALA D 255 -14.63 11.09 -56.60
CA ALA D 255 -13.61 11.94 -57.19
C ALA D 255 -14.26 13.17 -57.79
N PRO D 256 -13.52 14.26 -57.96
CA PRO D 256 -14.13 15.53 -58.38
C PRO D 256 -15.15 15.35 -59.49
N ASP D 257 -16.36 15.86 -59.25
CA ASP D 257 -17.39 16.05 -60.27
C ASP D 257 -17.89 14.74 -60.86
N GLU D 258 -17.95 13.71 -60.03
CA GLU D 258 -18.41 12.40 -60.43
C GLU D 258 -19.27 11.85 -59.31
N PRO D 259 -20.25 11.01 -59.64
CA PRO D 259 -20.93 10.24 -58.60
C PRO D 259 -19.96 9.31 -57.92
N PRO D 260 -20.25 8.90 -56.68
CA PRO D 260 -19.31 8.05 -55.95
C PRO D 260 -19.19 6.69 -56.60
N GLU D 261 -18.03 6.07 -56.41
CA GLU D 261 -17.75 4.74 -56.91
C GLU D 261 -17.67 3.76 -55.74
N LEU D 262 -18.27 2.59 -55.93
CA LEU D 262 -18.22 1.51 -54.96
C LEU D 262 -16.92 0.72 -55.05
N PHE D 263 -16.23 0.56 -53.93
CA PHE D 263 -15.07 -0.32 -53.86
C PHE D 263 -15.21 -1.22 -52.65
N LEU D 264 -15.03 -2.53 -52.87
CA LEU D 264 -15.06 -3.51 -51.78
C LEU D 264 -13.68 -3.61 -51.17
N LEU D 265 -13.59 -3.52 -49.86
CA LEU D 265 -12.31 -3.74 -49.22
C LEU D 265 -11.98 -5.23 -49.29
N PRO D 266 -10.73 -5.58 -49.55
CA PRO D 266 -10.31 -6.98 -49.44
C PRO D 266 -10.51 -7.46 -48.01
N PRO D 267 -11.28 -8.54 -47.80
CA PRO D 267 -11.47 -9.01 -46.42
C PRO D 267 -10.17 -9.14 -45.66
N GLU D 268 -9.11 -9.62 -46.31
CA GLU D 268 -7.84 -9.81 -45.62
C GLU D 268 -7.17 -8.50 -45.22
N LEU D 269 -7.69 -7.37 -45.70
CA LEU D 269 -7.19 -6.06 -45.30
C LEU D 269 -7.95 -5.50 -44.09
N VAL D 270 -9.09 -6.10 -43.74
CA VAL D 270 -9.99 -5.60 -42.70
C VAL D 270 -9.83 -6.51 -41.48
N LEU D 271 -8.94 -6.13 -40.58
CA LEU D 271 -8.64 -6.94 -39.41
C LEU D 271 -9.74 -6.79 -38.37
N GLU D 272 -10.28 -7.92 -37.94
CA GLU D 272 -11.41 -7.96 -37.02
C GLU D 272 -11.06 -8.81 -35.80
N VAL D 273 -11.65 -8.44 -34.68
CA VAL D 273 -11.42 -9.12 -33.41
C VAL D 273 -12.74 -9.77 -33.00
N PRO D 274 -12.80 -11.09 -32.94
CA PRO D 274 -13.96 -11.74 -32.32
C PRO D 274 -13.90 -11.52 -30.82
N LEU D 275 -15.04 -11.16 -30.25
CA LEU D 275 -15.12 -10.83 -28.83
C LEU D 275 -15.49 -12.06 -28.02
N GLU D 276 -14.62 -12.42 -27.10
CA GLU D 276 -14.89 -13.37 -26.02
C GLU D 276 -14.57 -12.71 -24.69
N HIS D 277 -15.07 -13.30 -23.63
CA HIS D 277 -14.79 -12.79 -22.30
C HIS D 277 -13.79 -13.73 -21.60
N PRO D 278 -12.85 -13.21 -20.82
CA PRO D 278 -11.83 -14.10 -20.23
C PRO D 278 -12.43 -15.14 -19.29
N THR D 279 -13.45 -14.76 -18.53
CA THR D 279 -14.09 -15.76 -17.72
C THR D 279 -15.54 -16.03 -18.10
N LEU D 280 -16.18 -15.28 -18.99
CA LEU D 280 -17.58 -15.59 -19.32
C LEU D 280 -17.61 -16.31 -20.66
N GLU D 281 -17.67 -17.64 -20.62
CA GLU D 281 -17.48 -18.44 -21.83
C GLU D 281 -18.68 -18.39 -22.77
N TRP D 282 -19.89 -18.17 -22.24
CA TRP D 282 -21.02 -17.99 -23.12
C TRP D 282 -20.89 -16.72 -23.95
N PHE D 283 -20.08 -15.77 -23.50
CA PHE D 283 -19.98 -14.49 -24.20
C PHE D 283 -19.59 -14.69 -25.65
N ALA D 284 -18.69 -15.65 -25.90
CA ALA D 284 -18.29 -15.95 -27.27
C ALA D 284 -19.46 -16.35 -28.14
N ALA D 285 -20.49 -16.98 -27.55
CA ALA D 285 -21.65 -17.39 -28.33
C ALA D 285 -22.51 -16.21 -28.79
N LEU D 286 -22.32 -15.03 -28.21
CA LEU D 286 -23.03 -13.85 -28.67
C LEU D 286 -22.66 -13.47 -30.11
N GLY D 287 -21.57 -14.01 -30.64
CA GLY D 287 -21.20 -13.77 -32.02
C GLY D 287 -20.74 -12.35 -32.28
N LEU D 288 -20.16 -11.70 -31.29
CA LEU D 288 -19.78 -10.31 -31.41
C LEU D 288 -18.35 -10.18 -31.89
N ARG D 289 -18.13 -9.17 -32.72
CA ARG D 289 -16.81 -8.86 -33.21
C ARG D 289 -16.74 -7.36 -33.38
N TRP D 290 -15.53 -6.83 -33.44
CA TRP D 290 -15.34 -5.46 -33.88
C TRP D 290 -14.07 -5.39 -34.70
N TYR D 291 -13.90 -4.29 -35.42
CA TYR D 291 -12.78 -4.16 -36.33
C TYR D 291 -11.60 -3.47 -35.65
N ALA D 292 -10.40 -3.75 -36.18
CA ALA D 292 -9.20 -3.29 -35.52
C ALA D 292 -9.05 -1.78 -35.62
N LEU D 293 -9.46 -1.21 -36.75
CA LEU D 293 -8.95 0.07 -37.22
C LEU D 293 -10.03 1.13 -37.13
N PRO D 294 -9.90 2.09 -36.21
CA PRO D 294 -10.76 3.29 -36.22
C PRO D 294 -10.19 4.35 -37.17
N ALA D 295 -10.83 4.51 -38.31
CA ALA D 295 -10.30 5.41 -39.34
C ALA D 295 -11.42 6.35 -39.78
N VAL D 296 -11.43 7.56 -39.22
CA VAL D 296 -12.47 8.51 -39.57
C VAL D 296 -12.16 9.07 -40.96
N SER D 297 -13.17 9.10 -41.83
CA SER D 297 -12.95 9.42 -43.22
C SER D 297 -13.83 10.55 -43.75
N ASN D 298 -14.64 11.17 -42.92
CA ASN D 298 -15.64 12.13 -43.39
C ASN D 298 -15.39 13.52 -42.84
N MET D 299 -14.27 13.75 -42.19
CA MET D 299 -13.96 15.08 -41.68
C MET D 299 -13.06 15.81 -42.69
N LEU D 300 -13.06 17.14 -42.59
CA LEU D 300 -12.27 18.00 -43.46
C LEU D 300 -11.03 18.45 -42.71
N LEU D 301 -9.87 18.19 -43.28
CA LEU D 301 -8.63 18.71 -42.73
C LEU D 301 -8.36 20.12 -43.28
N GLU D 302 -8.16 21.08 -42.37
CA GLU D 302 -7.93 22.47 -42.73
C GLU D 302 -6.52 22.84 -42.30
N ILE D 303 -5.69 23.26 -43.26
CA ILE D 303 -4.32 23.65 -42.99
C ILE D 303 -4.03 24.99 -43.69
N GLY D 304 -3.76 26.01 -42.90
CA GLY D 304 -3.35 27.31 -43.45
C GLY D 304 -4.35 27.92 -44.41
N GLY D 305 -5.64 27.76 -44.14
CA GLY D 305 -6.66 28.20 -45.06
C GLY D 305 -6.99 27.20 -46.14
N LEU D 306 -6.14 26.21 -46.38
CA LEU D 306 -6.44 25.19 -47.37
C LEU D 306 -7.33 24.13 -46.75
N GLU D 307 -8.19 23.54 -47.58
CA GLU D 307 -9.19 22.61 -47.12
C GLU D 307 -9.01 21.29 -47.84
N PHE D 308 -8.90 20.20 -47.09
CA PHE D 308 -8.76 18.86 -47.64
C PHE D 308 -10.00 18.08 -47.24
N PRO D 309 -11.03 18.06 -48.08
CA PRO D 309 -12.29 17.38 -47.68
C PRO D 309 -12.16 15.90 -47.58
N ALA D 310 -11.14 15.31 -48.19
CA ALA D 310 -10.89 13.88 -48.07
C ALA D 310 -9.49 13.72 -47.49
N ALA D 311 -9.43 13.36 -46.20
CA ALA D 311 -8.16 13.17 -45.50
C ALA D 311 -8.35 12.17 -44.36
N PRO D 312 -8.62 10.90 -44.69
CA PRO D 312 -8.92 9.91 -43.63
C PRO D 312 -7.78 9.74 -42.64
N PHE D 313 -8.14 9.64 -41.35
CA PHE D 313 -7.13 9.45 -40.33
C PHE D 313 -7.52 8.30 -39.38
N SER D 314 -6.51 7.67 -38.81
CA SER D 314 -6.75 6.51 -37.99
C SER D 314 -5.68 6.44 -36.91
N GLY D 315 -6.08 5.91 -35.76
CA GLY D 315 -5.15 5.50 -34.72
C GLY D 315 -5.49 4.09 -34.29
N TRP D 316 -5.68 3.91 -32.98
CA TRP D 316 -6.21 2.67 -32.44
C TRP D 316 -7.33 3.00 -31.47
N TYR D 317 -8.14 1.99 -31.19
CA TYR D 317 -9.32 2.20 -30.38
C TYR D 317 -8.97 2.42 -28.91
N MET D 318 -9.76 3.25 -28.26
CA MET D 318 -9.93 3.16 -26.82
C MET D 318 -11.11 2.24 -26.52
N SER D 319 -10.90 1.29 -25.61
CA SER D 319 -11.86 0.18 -25.48
C SER D 319 -13.27 0.65 -25.17
N THR D 320 -13.43 1.78 -24.50
CA THR D 320 -14.79 2.22 -24.23
C THR D 320 -15.54 2.57 -25.51
N GLU D 321 -14.83 2.93 -26.59
CA GLU D 321 -15.55 3.25 -27.82
C GLU D 321 -16.31 2.05 -28.32
N ILE D 322 -15.68 0.88 -28.25
CA ILE D 322 -16.30 -0.37 -28.66
C ILE D 322 -17.21 -0.89 -27.56
N GLY D 323 -16.66 -1.05 -26.36
CA GLY D 323 -17.37 -1.78 -25.32
C GLY D 323 -18.61 -1.05 -24.83
N THR D 324 -18.48 0.24 -24.56
CA THR D 324 -19.55 1.03 -23.98
C THR D 324 -20.45 1.65 -25.04
N ARG D 325 -19.88 2.42 -25.98
CA ARG D 325 -20.67 3.16 -26.96
C ARG D 325 -21.21 2.26 -28.07
N ASN D 326 -20.31 1.62 -28.83
CA ASN D 326 -20.79 0.92 -30.02
C ASN D 326 -21.59 -0.31 -29.65
N LEU D 327 -21.23 -0.98 -28.58
CA LEU D 327 -21.97 -2.17 -28.20
C LEU D 327 -23.13 -1.90 -27.24
N CYS D 328 -23.05 -0.89 -26.35
CA CYS D 328 -24.08 -0.70 -25.33
C CYS D 328 -24.99 0.51 -25.53
N ASP D 329 -24.67 1.45 -26.42
CA ASP D 329 -25.63 2.50 -26.68
C ASP D 329 -26.96 1.88 -27.10
N PRO D 330 -28.08 2.39 -26.61
CA PRO D 330 -29.38 1.83 -27.01
C PRO D 330 -29.62 1.92 -28.50
N HIS D 331 -29.18 3.01 -29.11
CA HIS D 331 -29.29 3.27 -30.54
C HIS D 331 -28.11 2.74 -31.33
N ARG D 332 -27.27 1.91 -30.73
CA ARG D 332 -26.24 1.18 -31.46
C ARG D 332 -26.53 -0.30 -31.32
N TYR D 333 -25.54 -1.10 -30.91
CA TYR D 333 -25.81 -2.54 -30.89
C TYR D 333 -26.67 -2.95 -29.71
N ASN D 334 -26.70 -2.15 -28.65
CA ASN D 334 -27.69 -2.28 -27.60
C ASN D 334 -27.74 -3.71 -27.06
N ILE D 335 -26.58 -4.23 -26.66
CA ILE D 335 -26.49 -5.60 -26.12
C ILE D 335 -26.55 -5.65 -24.60
N LEU D 336 -26.69 -4.51 -23.92
CA LEU D 336 -26.52 -4.44 -22.47
C LEU D 336 -27.47 -5.38 -21.74
N GLU D 337 -28.74 -5.39 -22.12
CA GLU D 337 -29.72 -6.18 -21.40
C GLU D 337 -29.48 -7.67 -21.60
N ASP D 338 -29.03 -8.05 -22.79
CA ASP D 338 -28.82 -9.46 -23.10
C ASP D 338 -27.59 -10.00 -22.37
N VAL D 339 -26.51 -9.22 -22.34
CA VAL D 339 -25.36 -9.63 -21.53
C VAL D 339 -25.77 -9.73 -20.07
N ALA D 340 -26.49 -8.73 -19.57
CA ALA D 340 -26.90 -8.71 -18.17
C ALA D 340 -27.72 -9.93 -17.81
N VAL D 341 -28.72 -10.26 -18.64
CA VAL D 341 -29.53 -11.45 -18.42
C VAL D 341 -28.66 -12.69 -18.45
N CYS D 342 -27.75 -12.78 -19.42
CA CYS D 342 -26.85 -13.92 -19.47
C CYS D 342 -25.97 -13.98 -18.22
N MET D 343 -25.62 -12.83 -17.66
CA MET D 343 -24.87 -12.81 -16.42
C MET D 343 -25.73 -13.14 -15.22
N ASP D 344 -27.04 -13.33 -15.43
CA ASP D 344 -28.02 -13.63 -14.40
C ASP D 344 -28.18 -12.48 -13.40
N LEU D 345 -28.08 -11.25 -13.89
CA LEU D 345 -28.32 -10.08 -13.06
C LEU D 345 -29.81 -9.76 -13.03
N ASP D 346 -30.24 -9.11 -11.96
CA ASP D 346 -31.64 -8.71 -11.83
C ASP D 346 -31.86 -7.46 -12.66
N THR D 347 -32.33 -7.63 -13.89
CA THR D 347 -32.49 -6.49 -14.77
C THR D 347 -33.81 -5.75 -14.55
N ARG D 348 -34.55 -6.11 -13.49
CA ARG D 348 -35.88 -5.60 -13.25
C ARG D 348 -35.90 -4.40 -12.30
N THR D 349 -34.82 -4.12 -11.59
CA THR D 349 -34.68 -2.82 -10.92
C THR D 349 -33.34 -2.21 -11.32
N THR D 350 -33.34 -0.87 -11.50
CA THR D 350 -32.12 -0.15 -11.82
C THR D 350 -31.10 -0.24 -10.68
N SER D 351 -31.58 -0.39 -9.45
CA SER D 351 -30.71 -0.28 -8.30
C SER D 351 -29.84 -1.51 -8.06
N SER D 352 -30.05 -2.60 -8.81
CA SER D 352 -29.06 -3.67 -8.80
C SER D 352 -27.80 -3.25 -9.55
N LEU D 353 -27.88 -2.19 -10.36
CA LEU D 353 -26.75 -1.73 -11.16
C LEU D 353 -26.31 -2.81 -12.13
N TRP D 354 -27.29 -3.51 -12.71
CA TRP D 354 -26.97 -4.52 -13.71
C TRP D 354 -26.37 -3.87 -14.97
N LYS D 355 -26.86 -2.69 -15.34
CA LYS D 355 -26.31 -2.03 -16.52
C LYS D 355 -24.83 -1.79 -16.34
N ASP D 356 -24.45 -1.22 -15.20
CA ASP D 356 -23.05 -0.93 -14.94
C ASP D 356 -22.22 -2.20 -14.95
N LYS D 357 -22.75 -3.28 -14.37
CA LYS D 357 -22.00 -4.54 -14.29
C LYS D 357 -21.86 -5.19 -15.66
N ALA D 358 -22.92 -5.20 -16.45
CA ALA D 358 -22.79 -5.81 -17.76
C ALA D 358 -21.88 -4.97 -18.66
N ALA D 359 -22.02 -3.65 -18.60
CA ALA D 359 -21.17 -2.79 -19.42
C ALA D 359 -19.71 -2.98 -19.08
N VAL D 360 -19.39 -3.07 -17.78
CA VAL D 360 -18.02 -3.31 -17.36
C VAL D 360 -17.49 -4.60 -17.99
N GLU D 361 -18.27 -5.68 -17.91
CA GLU D 361 -17.80 -6.95 -18.45
C GLU D 361 -17.68 -6.90 -19.97
N ILE D 362 -18.61 -6.21 -20.63
CA ILE D 362 -18.48 -6.03 -22.07
C ILE D 362 -17.18 -5.32 -22.40
N ASN D 363 -16.81 -4.34 -21.56
CA ASN D 363 -15.54 -3.66 -21.74
C ASN D 363 -14.37 -4.58 -21.44
N VAL D 364 -14.48 -5.43 -20.41
CA VAL D 364 -13.45 -6.44 -20.16
C VAL D 364 -13.29 -7.35 -21.38
N ALA D 365 -14.42 -7.85 -21.90
CA ALA D 365 -14.37 -8.69 -23.10
C ALA D 365 -13.61 -8.00 -24.25
N VAL D 366 -13.95 -6.75 -24.53
CA VAL D 366 -13.29 -6.01 -25.61
C VAL D 366 -11.78 -5.97 -25.35
N LEU D 367 -11.37 -5.53 -24.16
CA LEU D 367 -9.95 -5.42 -23.84
C LEU D 367 -9.25 -6.77 -23.94
N HIS D 368 -9.87 -7.78 -23.37
CA HIS D 368 -9.28 -9.11 -23.38
C HIS D 368 -9.15 -9.64 -24.81
N SER D 369 -10.16 -9.38 -25.65
CA SER D 369 -10.16 -9.99 -26.98
C SER D 369 -9.14 -9.30 -27.88
N TYR D 370 -9.03 -7.98 -27.80
CA TYR D 370 -8.05 -7.27 -28.61
C TYR D 370 -6.63 -7.64 -28.17
N GLN D 371 -6.39 -7.68 -26.86
CA GLN D 371 -5.11 -8.16 -26.35
C GLN D 371 -4.85 -9.59 -26.80
N LEU D 372 -5.86 -10.45 -26.66
CA LEU D 372 -5.72 -11.83 -27.11
C LEU D 372 -5.39 -11.90 -28.59
N ALA D 373 -6.06 -11.10 -29.41
CA ALA D 373 -5.80 -11.08 -30.84
C ALA D 373 -4.53 -10.32 -31.22
N LYS D 374 -3.84 -9.70 -30.25
CA LYS D 374 -2.64 -8.90 -30.50
C LYS D 374 -2.96 -7.71 -31.41
N VAL D 375 -4.10 -7.08 -31.15
CA VAL D 375 -4.51 -5.85 -31.79
C VAL D 375 -4.44 -4.74 -30.76
N THR D 376 -3.67 -3.69 -31.07
CA THR D 376 -3.55 -2.54 -30.18
C THR D 376 -4.92 -2.09 -29.69
N ILE D 377 -5.01 -1.87 -28.40
CA ILE D 377 -6.19 -1.27 -27.80
C ILE D 377 -5.68 -0.57 -26.55
N VAL D 378 -6.40 0.44 -26.13
CA VAL D 378 -6.05 1.16 -24.92
C VAL D 378 -7.31 1.30 -24.09
N ASP D 379 -7.24 0.91 -22.82
CA ASP D 379 -8.38 1.10 -21.96
C ASP D 379 -8.47 2.58 -21.56
N HIS D 380 -9.65 2.98 -21.09
CA HIS D 380 -9.90 4.39 -20.77
C HIS D 380 -9.04 4.90 -19.61
N HIS D 381 -8.56 4.00 -18.73
CA HIS D 381 -7.70 4.46 -17.66
C HIS D 381 -6.34 4.85 -18.19
N ALA D 382 -5.78 3.99 -19.01
CA ALA D 382 -4.47 4.29 -19.56
C ALA D 382 -4.57 5.51 -20.48
N ALA D 383 -5.62 5.59 -21.28
CA ALA D 383 -5.76 6.68 -22.24
C ALA D 383 -5.92 8.02 -21.55
N THR D 384 -6.80 8.08 -20.53
CA THR D 384 -6.96 9.34 -19.81
C THR D 384 -5.72 9.68 -18.99
N ALA D 385 -5.05 8.67 -18.43
CA ALA D 385 -3.77 8.96 -17.76
C ALA D 385 -2.78 9.60 -18.72
N SER D 386 -2.69 9.06 -19.94
CA SER D 386 -1.77 9.60 -20.94
C SER D 386 -2.19 10.99 -21.38
N PHE D 387 -3.51 11.23 -21.48
CA PHE D 387 -3.99 12.55 -21.84
C PHE D 387 -3.54 13.58 -20.80
N MET D 388 -3.56 13.22 -19.52
CA MET D 388 -3.05 14.13 -18.49
C MET D 388 -1.58 14.49 -18.75
N LYS D 389 -0.78 13.51 -19.17
CA LYS D 389 0.61 13.83 -19.50
C LYS D 389 0.66 14.78 -20.70
N HIS D 390 -0.19 14.53 -21.70
CA HIS D 390 -0.32 15.43 -22.84
C HIS D 390 -0.62 16.86 -22.40
N LEU D 391 -1.62 17.02 -21.53
CA LEU D 391 -1.97 18.34 -21.05
C LEU D 391 -0.76 19.00 -20.40
N GLU D 392 -0.04 18.25 -19.59
CA GLU D 392 1.13 18.81 -18.95
C GLU D 392 2.17 19.21 -19.98
N ASN D 393 2.39 18.37 -21.00
CA ASN D 393 3.33 18.73 -22.08
C ASN D 393 2.86 20.00 -22.80
N GLU D 394 1.58 20.04 -23.15
CA GLU D 394 1.05 21.17 -23.91
C GLU D 394 1.09 22.45 -23.10
N GLN D 395 0.78 22.37 -21.80
CA GLN D 395 0.95 23.54 -20.94
C GLN D 395 2.38 24.10 -21.07
N LYS D 396 3.39 23.23 -20.98
CA LYS D 396 4.77 23.65 -21.22
C LYS D 396 4.94 24.22 -22.62
N ALA D 397 4.58 23.43 -23.64
CA ALA D 397 4.93 23.76 -25.02
C ALA D 397 4.16 24.99 -25.52
N ARG D 398 2.86 25.03 -25.28
CA ARG D 398 2.01 26.08 -25.86
C ARG D 398 1.21 26.88 -24.83
N GLY D 399 1.30 26.55 -23.54
CA GLY D 399 0.54 27.31 -22.57
C GLY D 399 -0.94 27.01 -22.60
N GLY D 400 -1.31 25.81 -23.03
CA GLY D 400 -2.71 25.47 -23.13
C GLY D 400 -2.89 24.28 -24.04
N CYS D 401 -4.13 23.83 -24.08
CA CYS D 401 -4.55 22.67 -24.86
C CYS D 401 -6.06 22.71 -24.98
N PRO D 402 -6.59 22.83 -26.20
CA PRO D 402 -8.06 22.81 -26.35
C PRO D 402 -8.57 21.40 -26.06
N ALA D 403 -9.52 21.31 -25.15
CA ALA D 403 -10.07 20.02 -24.74
C ALA D 403 -11.56 20.20 -24.49
N ASP D 404 -12.34 19.26 -25.02
CA ASP D 404 -13.78 19.21 -24.84
C ASP D 404 -14.05 18.16 -23.75
N TRP D 405 -14.14 18.64 -22.51
CA TRP D 405 -14.35 17.79 -21.33
C TRP D 405 -15.34 16.66 -21.59
N ALA D 406 -16.51 16.99 -22.13
CA ALA D 406 -17.56 15.99 -22.31
C ALA D 406 -17.13 14.82 -23.19
N TRP D 407 -16.17 15.05 -24.10
CA TRP D 407 -15.67 14.00 -24.95
C TRP D 407 -14.39 13.38 -24.44
N ILE D 408 -13.60 14.13 -23.67
CA ILE D 408 -12.37 13.56 -23.12
C ILE D 408 -12.68 12.54 -22.01
N VAL D 409 -13.73 12.77 -21.23
CA VAL D 409 -14.10 11.89 -20.12
C VAL D 409 -14.81 10.66 -20.68
N PRO D 410 -14.30 9.47 -20.39
CA PRO D 410 -14.89 8.23 -20.95
C PRO D 410 -16.36 8.10 -20.60
N PRO D 411 -17.11 7.30 -21.37
CA PRO D 411 -18.54 7.17 -21.15
C PRO D 411 -18.92 6.24 -20.00
N ILE D 412 -17.99 5.45 -19.47
CA ILE D 412 -18.16 4.78 -18.19
C ILE D 412 -17.02 5.22 -17.29
N SER D 413 -17.27 5.15 -15.99
CA SER D 413 -16.28 5.38 -14.94
C SER D 413 -15.67 6.78 -14.99
N GLY D 414 -16.38 7.74 -15.55
CA GLY D 414 -15.85 9.09 -15.72
C GLY D 414 -14.98 9.61 -14.60
N SER D 415 -15.52 9.69 -13.38
CA SER D 415 -14.74 10.24 -12.28
C SER D 415 -13.66 9.29 -11.78
N LEU D 416 -13.66 8.05 -12.24
CA LEU D 416 -12.55 7.18 -11.89
C LEU D 416 -11.29 7.51 -12.68
N THR D 417 -11.40 8.33 -13.71
CA THR D 417 -10.24 8.65 -14.51
C THR D 417 -9.79 10.07 -14.18
N PRO D 418 -8.50 10.38 -14.41
CA PRO D 418 -8.00 11.71 -13.96
C PRO D 418 -8.57 12.89 -14.74
N VAL D 419 -9.00 12.71 -15.99
CA VAL D 419 -9.49 13.85 -16.74
C VAL D 419 -10.79 14.38 -16.16
N PHE D 420 -11.53 13.56 -15.40
CA PHE D 420 -12.81 14.02 -14.87
C PHE D 420 -12.61 15.23 -13.97
N HIS D 421 -11.59 15.19 -13.12
CA HIS D 421 -11.30 16.26 -12.18
C HIS D 421 -10.46 17.38 -12.79
N GLN D 422 -10.13 17.30 -14.08
CA GLN D 422 -9.37 18.33 -14.77
C GLN D 422 -10.34 19.27 -15.47
N GLU D 423 -10.38 20.53 -15.01
CA GLU D 423 -11.06 21.56 -15.78
C GLU D 423 -10.39 21.70 -17.13
N MET D 424 -11.18 22.01 -18.15
CA MET D 424 -10.66 22.09 -19.51
C MET D 424 -11.24 23.31 -20.21
N VAL D 425 -10.46 23.88 -21.13
CA VAL D 425 -10.88 25.00 -21.95
C VAL D 425 -11.02 24.50 -23.37
N ASN D 426 -12.20 24.66 -23.94
CA ASN D 426 -12.46 24.24 -25.31
C ASN D 426 -12.36 25.46 -26.23
N TYR D 427 -11.66 25.31 -27.35
CA TYR D 427 -11.56 26.38 -28.35
C TYR D 427 -11.03 25.76 -29.65
N PHE D 428 -11.08 26.56 -30.71
CA PHE D 428 -10.78 26.06 -32.06
C PHE D 428 -9.47 26.67 -32.51
N LEU D 429 -8.45 25.83 -32.62
CA LEU D 429 -7.20 26.23 -33.24
C LEU D 429 -7.10 25.66 -34.65
N SER D 430 -6.21 26.24 -35.45
CA SER D 430 -5.96 25.76 -36.80
C SER D 430 -4.48 25.53 -36.98
N PRO D 431 -4.09 24.49 -37.72
CA PRO D 431 -4.84 23.47 -38.47
C PRO D 431 -5.86 22.69 -37.65
N ALA D 432 -6.89 22.21 -38.32
CA ALA D 432 -8.00 21.60 -37.60
C ALA D 432 -8.60 20.49 -38.44
N PHE D 433 -9.13 19.50 -37.74
CA PHE D 433 -10.07 18.56 -38.31
C PHE D 433 -11.45 19.11 -38.05
N ARG D 434 -12.27 19.16 -39.09
CA ARG D 434 -13.56 19.81 -39.04
C ARG D 434 -14.61 18.86 -39.59
N TYR D 435 -15.78 18.88 -38.97
CA TYR D 435 -16.95 18.27 -39.57
C TYR D 435 -17.39 19.07 -40.77
N GLN D 436 -18.01 18.38 -41.71
CA GLN D 436 -18.46 18.98 -42.96
C GLN D 436 -19.74 18.28 -43.36
N PRO D 437 -20.57 18.89 -44.19
CA PRO D 437 -21.85 18.25 -44.52
C PRO D 437 -21.62 16.94 -45.25
N ASP D 438 -22.60 16.05 -45.15
CA ASP D 438 -22.54 14.81 -45.90
C ASP D 438 -22.59 15.12 -47.40
N PRO D 439 -21.76 14.46 -48.21
CA PRO D 439 -21.64 14.86 -49.62
C PRO D 439 -22.93 14.64 -50.39
N TRP D 440 -23.86 13.87 -49.86
CA TRP D 440 -25.12 13.61 -50.52
C TRP D 440 -26.25 14.47 -49.93
CHA HEM E . 30.17 -16.73 9.30
CHB HEM E . 27.44 -16.43 5.28
CHC HEM E . 31.04 -18.72 2.94
CHD HEM E . 33.22 -19.82 7.16
C1A HEM E . 29.18 -16.36 8.41
C2A HEM E . 28.11 -15.43 8.66
C3A HEM E . 27.36 -15.34 7.56
C4A HEM E . 27.92 -16.22 6.56
CMA HEM E . 26.11 -14.46 7.38
CAA HEM E . 27.86 -14.63 9.96
CBA HEM E . 29.09 -13.77 10.24
CGA HEM E . 28.70 -12.46 10.83
O1A HEM E . 27.46 -12.16 10.84
O2A HEM E . 29.60 -11.72 11.29
C1B HEM E . 28.17 -17.04 4.27
C2B HEM E . 27.75 -17.25 2.91
C3B HEM E . 28.73 -17.88 2.24
C4B HEM E . 29.83 -18.10 3.18
CMB HEM E . 26.39 -16.80 2.32
CAB HEM E . 28.64 -18.26 0.75
CBB HEM E . 29.65 -18.79 0.06
C1C HEM E . 31.98 -19.17 3.87
C2C HEM E . 33.26 -19.77 3.56
C3C HEM E . 33.88 -20.08 4.72
C4C HEM E . 33.00 -19.69 5.80
CMC HEM E . 33.77 -19.98 2.11
CAC HEM E . 35.27 -20.75 4.94
CBC HEM E . 35.97 -21.35 3.98
C1D HEM E . 32.67 -18.99 8.12
C2D HEM E . 33.17 -18.67 9.45
C3D HEM E . 32.31 -17.83 10.02
C4D HEM E . 31.25 -17.56 9.08
CMD HEM E . 34.46 -19.22 10.10
CAD HEM E . 32.47 -17.21 11.42
CBD HEM E . 33.32 -15.95 11.25
CGD HEM E . 33.10 -14.96 12.38
O1D HEM E . 32.96 -15.39 13.55
O2D HEM E . 33.08 -13.73 12.10
NA HEM E . 29.03 -16.83 7.12
NB HEM E . 29.44 -17.58 4.40
NC HEM E . 31.85 -19.15 5.24
ND HEM E . 31.49 -18.30 7.93
FE HEM E . 30.29 -18.22 6.22
N1 H4B F . 24.92 -13.30 14.59
C2 H4B F . 25.68 -13.01 13.51
N2 H4B F . 25.47 -13.64 12.33
N3 H4B F . 26.66 -12.07 13.60
C4 H4B F . 26.89 -11.42 14.76
O4 H4B F . 27.79 -10.56 14.82
C4A H4B F . 26.11 -11.72 15.87
C8A H4B F . 25.12 -12.67 15.77
N5 H4B F . 26.30 -11.09 17.05
N8 H4B F . 24.35 -12.99 16.84
C6 H4B F . 25.92 -11.81 18.26
C7 H4B F . 24.49 -12.34 18.15
C9 H4B F . 26.14 -10.92 19.49
O9 H4B F . 25.70 -9.59 19.20
C10 H4B F . 25.39 -11.41 20.74
C11 H4B F . 25.71 -10.48 21.90
O10 H4B F . 25.74 -12.76 21.06
C02 K7U G . 30.10 -14.21 4.74
C03 K7U G . 31.06 -15.08 4.22
C04 K7U G . 32.24 -15.25 4.90
C05 K7U G . 32.46 -14.55 6.08
C06 K7U G . 31.50 -13.69 6.56
C07 K7U G . 33.28 -16.19 4.37
C08 K7U G . 31.72 -13.03 7.65
C09 K7U G . 32.01 -12.45 8.64
C10 K7U G . 32.37 -11.87 9.94
C12 K7U G . 33.95 -10.22 9.09
C13 K7U G . 34.74 -9.86 10.33
C14 K7U G . 33.51 -10.17 11.16
F15 K7U G . 35.08 -8.59 10.40
F16 K7U G . 35.77 -10.68 10.52
N01 K7U G . 30.35 -13.53 5.88
N02 K7U G . 28.93 -14.01 4.09
N11 K7U G . 32.76 -10.46 9.92
C1 BTB H . 14.90 14.45 2.09
O1 BTB H . 15.01 14.22 3.50
C2 BTB H . 13.44 14.81 1.81
C3 BTB H . 12.65 14.01 2.87
O3 BTB H . 11.42 14.65 3.30
C4 BTB H . 13.26 16.34 1.89
O4 BTB H . 12.06 16.83 2.54
N BTB H . 13.16 14.33 0.43
C5 BTB H . 13.05 12.85 0.45
C6 BTB H . 11.99 12.33 -0.51
O6 BTB H . 10.72 12.39 0.15
C7 BTB H . 14.24 14.79 -0.49
C8 BTB H . 13.63 15.53 -1.68
O8 BTB H . 12.63 16.46 -1.23
C1 BTB I . 15.47 13.94 18.77
O1 BTB I . 14.76 14.47 17.63
C2 BTB I . 15.96 12.52 18.51
C3 BTB I . 16.55 12.43 17.12
O3 BTB I . 17.36 11.26 17.06
C4 BTB I . 17.06 12.24 19.51
O4 BTB I . 17.96 11.23 19.05
N BTB I . 14.83 11.54 18.60
C5 BTB I . 13.67 12.11 19.31
C6 BTB I . 12.50 12.15 18.34
O6 BTB I . 13.01 12.55 17.06
C7 BTB I . 15.17 10.28 19.28
C8 BTB I . 15.36 9.18 18.23
O8 BTB I . 14.73 9.59 17.02
C1 BTB J . 66.13 -6.64 10.56
O1 BTB J . 65.74 -5.27 10.45
C2 BTB J . 64.98 -7.50 10.04
C3 BTB J . 63.70 -7.31 10.85
O3 BTB J . 63.13 -6.01 10.68
C4 BTB J . 64.77 -7.15 8.56
O4 BTB J . 63.74 -6.17 8.34
N BTB J . 65.31 -8.95 10.12
C5 BTB J . 66.06 -9.24 11.36
C6 BTB J . 65.44 -10.41 12.12
O6 BTB J . 64.01 -10.28 12.16
C7 BTB J . 66.09 -9.39 8.95
C8 BTB J . 65.42 -10.58 8.26
O8 BTB J . 64.23 -10.13 7.59
C1 GOL K . 49.00 -30.08 -6.21
O1 GOL K . 48.13 -29.93 -7.31
C2 GOL K . 49.35 -28.71 -5.69
O2 GOL K . 49.26 -27.77 -6.74
C3 GOL K . 50.75 -28.68 -5.08
O3 GOL K . 51.13 -27.34 -4.81
C1 GOL L . 37.54 21.42 21.77
O1 GOL L . 36.51 21.80 22.66
C2 GOL L . 37.40 19.96 21.38
O2 GOL L . 36.49 19.82 20.32
C3 GOL L . 36.75 19.18 22.50
O3 GOL L . 35.67 18.52 21.89
CL CL M . 31.16 -7.61 6.93
GD GD N . 11.01 15.32 0.71
ZN ZN O . 24.67 -23.31 26.21
CHA HEM P . 7.72 -14.89 28.64
CHB HEM P . 6.95 -10.15 27.94
CHC HEM P . 4.67 -10.02 32.21
CHD HEM P . 6.71 -14.31 33.33
C1A HEM P . 7.59 -13.67 28.02
C2A HEM P . 7.75 -13.40 26.61
C3A HEM P . 7.54 -12.08 26.40
C4A HEM P . 7.23 -11.49 27.68
CMA HEM P . 7.60 -11.33 25.05
CAA HEM P . 8.10 -14.43 25.53
CBA HEM P . 6.83 -15.22 25.29
CGA HEM P . 6.89 -15.93 23.96
O1A HEM P . 7.55 -15.42 23.01
O2A HEM P . 6.24 -17.01 23.89
C1B HEM P . 6.25 -9.67 29.02
C2B HEM P . 5.73 -8.33 29.21
C3B HEM P . 5.10 -8.27 30.39
C4B HEM P . 5.19 -9.59 30.99
CMB HEM P . 5.87 -7.15 28.23
CAB HEM P . 4.42 -6.96 30.89
CBB HEM P . 3.86 -6.77 32.09
C1C HEM P . 5.01 -11.18 32.89
C2C HEM P . 4.52 -11.58 34.20
C3C HEM P . 5.08 -12.78 34.53
C4C HEM P . 5.94 -13.16 33.41
CMC HEM P . 3.52 -10.72 35.00
CAC HEM P . 4.96 -13.69 35.78
CBC HEM P . 4.42 -13.30 36.94
C1D HEM P . 7.09 -14.89 32.14
C2D HEM P . 7.45 -16.28 31.91
C3D HEM P . 7.73 -16.42 30.62
C4D HEM P . 7.53 -15.15 29.97
CMD HEM P . 7.54 -17.41 32.97
CAD HEM P . 8.14 -17.71 29.88
CBD HEM P . 6.80 -18.27 29.40
CGD HEM P . 6.91 -19.33 28.34
O1D HEM P . 7.99 -19.99 28.26
O2D HEM P . 5.94 -19.55 27.57
NA HEM P . 7.28 -12.49 28.64
NB HEM P . 5.91 -10.40 30.12
NC HEM P . 5.86 -12.16 32.44
ND HEM P . 7.15 -14.23 30.93
FE HEM P . 6.84 -12.20 30.60
N1 H4B Q . 11.67 -16.59 21.55
C2 H4B Q . 10.48 -16.21 22.07
N2 H4B Q . 10.36 -15.03 22.72
N3 H4B Q . 9.39 -16.99 21.92
C4 H4B Q . 9.49 -18.17 21.28
O4 H4B Q . 8.45 -18.86 21.15
C4A H4B Q . 10.71 -18.59 20.75
C8A H4B Q . 11.81 -17.78 20.89
N5 H4B Q . 10.82 -19.76 20.09
N8 H4B Q . 13.04 -18.13 20.41
C6 H4B Q . 12.15 -20.35 19.99
C7 H4B Q . 13.24 -19.34 19.61
C9 H4B Q . 12.15 -21.59 19.10
O9 H4B Q . 11.32 -21.39 17.96
C10 H4B Q . 13.55 -22.01 18.63
C11 H4B Q . 13.49 -23.40 18.00
O10 H4B Q . 14.53 -22.01 19.67
C02 K7U R . 3.57 -11.76 27.73
C03 K7U R . 3.23 -11.76 29.09
C04 K7U R . 3.04 -12.99 29.74
C05 K7U R . 3.19 -14.17 29.01
C06 K7U R . 3.52 -14.13 27.65
C07 K7U R . 2.67 -13.06 31.20
C08 K7U R . 3.66 -15.24 26.99
C09 K7U R . 3.79 -16.32 26.50
C10 K7U R . 4.14 -17.67 25.99
C12 K7U R . 1.91 -18.62 26.23
C13 K7U R . 2.02 -20.14 26.09
C14 K7U R . 3.36 -19.91 25.40
F15 K7U R . 1.10 -20.64 25.27
F16 K7U R . 2.04 -20.75 27.27
N01 K7U R . 3.70 -12.92 27.06
N02 K7U R . 3.75 -10.60 27.08
N11 K7U R . 3.08 -18.45 25.37
C1 BTB S . -4.47 8.43 1.71
O1 BTB S . -4.94 9.11 2.90
C2 BTB S . -4.21 6.96 2.08
C3 BTB S . -2.72 6.63 1.94
O3 BTB S . -2.41 5.59 2.86
C4 BTB S . -4.55 6.79 3.55
O4 BTB S . -5.20 5.56 3.84
N BTB S . -5.03 6.05 1.21
C5 BTB S . -4.48 5.86 -0.14
C6 BTB S . -3.76 4.55 -0.48
O6 BTB S . -4.67 3.45 -0.73
C7 BTB S . -6.45 6.42 1.18
C8 BTB S . -7.29 5.30 1.83
O8 BTB S . -7.05 4.04 1.18
C1 BTB T . -18.02 -34.95 44.24
O1 BTB T . -18.44 -33.59 44.11
C2 BTB T . -16.79 -35.19 43.36
C3 BTB T . -17.23 -35.33 41.92
O3 BTB T . -16.70 -36.58 41.44
C4 BTB T . -15.91 -33.96 43.56
O4 BTB T . -15.86 -33.60 44.94
N BTB T . -16.09 -36.46 43.66
C5 BTB T . -16.70 -37.20 44.79
C6 BTB T . -17.46 -38.40 44.21
O6 BTB T . -16.93 -38.69 42.91
C7 BTB T . -14.64 -36.32 43.86
C8 BTB T . -13.93 -37.18 42.83
O8 BTB T . -14.81 -37.37 41.70
C1 GOL U . 7.43 -23.16 20.76
O1 GOL U . 6.62 -22.49 21.72
C2 GOL U . 8.00 -22.19 19.73
O2 GOL U . 8.67 -21.11 20.35
C3 GOL U . 6.85 -21.67 18.88
O3 GOL U . 6.90 -22.26 17.59
CL CL V . 0.42 -15.52 22.87
GD GD W . -4.60 3.61 2.31
CHA HEM X . -26.51 19.54 -6.89
CHB HEM X . -29.29 15.57 -6.80
CHC HEM X . -32.37 18.15 -4.06
CHD HEM X . -30.26 22.29 -5.51
C1A HEM X . -26.92 18.22 -7.00
C2A HEM X . -26.12 17.09 -7.45
C3A HEM X . -26.88 15.99 -7.43
C4A HEM X . -28.20 16.38 -6.97
CMA HEM X . -26.42 14.57 -7.83
CAA HEM X . -24.63 17.12 -7.86
CBA HEM X . -23.91 17.44 -6.56
CGA HEM X . -22.44 17.12 -6.63
O1A HEM X . -22.07 16.23 -7.43
O2A HEM X . -21.67 17.77 -5.87
C1B HEM X . -30.36 15.88 -6.00
C2B HEM X . -31.40 14.99 -5.53
C3B HEM X . -32.27 15.69 -4.79
C4B HEM X . -31.80 17.07 -4.73
CMB HEM X . -31.48 13.48 -5.84
CAB HEM X . -33.51 15.05 -4.11
CBB HEM X . -34.39 15.73 -3.36
C1C HEM X . -32.05 19.50 -4.18
C2C HEM X . -32.68 20.59 -3.46
C3C HEM X . -32.10 21.75 -3.85
C4C HEM X . -31.10 21.43 -4.83
CMC HEM X . -33.82 20.37 -2.42
CAC HEM X . -32.39 23.21 -3.43
CBC HEM X . -33.46 23.58 -2.72
C1D HEM X . -29.01 21.91 -5.92
C2D HEM X . -27.86 22.78 -6.12
C3D HEM X . -26.84 22.01 -6.50
C4D HEM X . -27.29 20.63 -6.54
CMD HEM X . -27.87 24.31 -5.93
CAD HEM X . -25.40 22.47 -6.81
CBD HEM X . -24.57 21.90 -5.66
CGD HEM X . -23.12 22.32 -5.73
O1D HEM X . -22.80 23.14 -6.61
O2D HEM X . -22.29 21.83 -4.91
NA HEM X . -28.18 17.74 -6.72
NB HEM X . -30.64 17.13 -5.49
NC HEM X . -31.10 20.05 -5.01
ND HEM X . -28.62 20.61 -6.18
FE HEM X . -29.84 18.92 -6.18
N1 H4B Y . -20.46 16.54 -11.68
C2 H4B Y . -20.98 16.49 -10.43
N2 H4B Y . -22.24 16.01 -10.26
N3 H4B Y . -20.26 16.91 -9.37
C4 H4B Y . -19.00 17.38 -9.53
O4 H4B Y . -18.33 17.76 -8.54
C4A H4B Y . -18.47 17.45 -10.81
C8A H4B Y . -19.21 17.01 -11.89
N5 H4B Y . -17.23 17.92 -11.02
N8 H4B Y . -18.71 17.08 -13.14
C6 H4B Y . -16.96 18.52 -12.31
C7 H4B Y . -17.39 17.60 -13.44
C9 H4B Y . -15.48 18.91 -12.38
O9 H4B Y . -14.62 17.81 -12.07
C10 H4B Y . -15.14 19.40 -13.76
C11 H4B Y . -13.76 20.03 -13.72
O10 H4B Y . -16.10 20.38 -14.18
C02 K7U Z . -27.82 16.14 -3.36
C03 K7U Z . -28.79 17.01 -2.87
C04 K7U Z . -28.41 18.27 -2.48
C05 K7U Z . -27.09 18.65 -2.59
C06 K7U Z . -26.15 17.78 -3.05
C07 K7U Z . -29.41 19.26 -1.96
C08 K7U Z . -24.94 18.21 -3.17
C09 K7U Z . -23.84 18.65 -3.19
C10 K7U Z . -22.43 19.11 -3.17
C12 K7U Z . -21.87 21.01 -1.70
C13 K7U Z . -20.47 20.74 -1.18
C14 K7U Z . -20.62 19.26 -1.51
F15 K7U Z . -20.37 20.95 0.12
F16 K7U Z . -19.51 21.32 -1.88
N01 K7U Z . -26.52 16.54 -3.44
N02 K7U Z . -28.18 14.87 -3.73
N11 K7U Z . -22.06 19.54 -1.80
C1 BTB AA . -8.79 -8.82 1.57
O1 BTB AA . -8.85 -8.35 2.92
C2 BTB AA . -8.80 -10.33 1.39
C3 BTB AA . -8.89 -10.53 -0.12
O3 BTB AA . -8.33 -11.76 -0.58
C4 BTB AA . -7.45 -10.86 1.87
O4 BTB AA . -7.47 -12.09 2.62
N BTB AA . -9.99 -10.96 2.03
C5 BTB AA . -11.23 -10.42 1.43
C6 BTB AA . -12.04 -11.55 0.79
O6 BTB AA . -11.27 -12.30 -0.15
C7 BTB AA . -10.06 -10.91 3.50
C8 BTB AA . -11.07 -11.91 4.04
O8 BTB AA . -10.96 -13.13 3.30
C1 BTB BA . -1.05 0.12 -8.26
O1 BTB BA . -1.93 0.16 -7.13
C2 BTB BA . 0.37 -0.05 -7.76
C3 BTB BA . 0.73 -1.52 -7.81
O3 BTB BA . -0.45 -2.31 -7.75
C4 BTB BA . 1.34 0.69 -8.70
O4 BTB BA . 0.60 1.51 -9.62
N BTB BA . 0.44 0.50 -6.39
C5 BTB BA . 0.72 1.95 -6.45
C6 BTB BA . -0.52 2.69 -6.01
O6 BTB BA . -1.33 1.73 -5.34
C7 BTB BA . 1.41 -0.23 -5.57
C8 BTB BA . 2.48 0.67 -4.95
O8 BTB BA . 1.95 1.35 -3.81
C1 BTB CA . -22.66 42.31 19.96
O1 BTB CA . -23.66 43.16 20.53
C2 BTB CA . -21.64 41.92 21.03
C3 BTB CA . -21.02 43.19 21.60
O3 BTB CA . -21.95 43.90 22.43
C4 BTB CA . -22.42 41.25 22.16
O4 BTB CA . -23.62 41.97 22.47
N BTB CA . -20.57 41.01 20.52
C5 BTB CA . -20.32 39.87 21.44
C6 BTB CA . -19.58 38.73 20.74
O6 BTB CA . -18.23 38.64 21.17
C7 BTB CA . -19.28 41.70 20.36
C8 BTB CA . -18.88 41.82 18.90
O8 BTB CA . -18.74 40.51 18.36
C1 GOL DA . -46.85 30.03 7.96
O1 GOL DA . -47.53 30.71 6.93
C2 GOL DA . -46.19 31.07 8.88
O2 GOL DA . -46.49 32.36 8.41
C3 GOL DA . -44.67 30.86 8.91
O3 GOL DA . -44.05 32.12 9.03
C1 GOL EA . 8.28 13.10 9.14
O1 GOL EA . 7.12 13.80 9.15
C2 GOL EA . 8.84 13.80 10.32
O2 GOL EA . 7.90 14.84 10.50
C3 GOL EA . 10.25 14.32 10.00
O3 GOL EA . 11.18 13.66 10.83
C1 GOL FA . -39.69 8.88 -22.41
O1 GOL FA . -41.08 8.99 -22.14
C2 GOL FA . -39.49 8.03 -23.64
O2 GOL FA . -38.95 6.76 -23.30
C3 GOL FA . -38.57 8.73 -24.64
O3 GOL FA . -38.37 7.89 -25.76
C1 GOL GA . -22.34 50.25 10.98
O1 GOL GA . -23.26 50.63 9.98
C2 GOL GA . -21.01 49.87 10.33
O2 GOL GA . -21.01 48.50 9.99
C3 GOL GA . -19.84 50.16 11.28
O3 GOL GA . -19.40 48.96 11.88
CL CL HA . -21.89 15.17 -0.54
GD GD IA . -9.10 -13.47 1.03
ZN ZN JA . -19.46 26.89 -23.06
CHA HEM KA . -11.80 11.50 -31.37
CHB HEM KA . -8.84 8.31 -29.16
CHC HEM KA . -5.62 8.88 -32.77
CHD HEM KA . -8.05 12.77 -34.15
C1A HEM KA . -11.34 10.50 -30.52
C2A HEM KA . -12.12 9.81 -29.53
C3A HEM KA . -11.33 8.92 -28.92
C4A HEM KA . -9.99 9.03 -29.49
CMA HEM KA . -11.76 7.96 -27.79
CAA HEM KA . -13.62 10.05 -29.29
CBA HEM KA . -14.33 9.36 -30.45
CGA HEM KA . -15.76 9.12 -30.07
O1A HEM KA . -16.05 9.06 -28.86
O2A HEM KA . -16.61 8.95 -30.97
C1B HEM KA . -7.73 8.15 -29.95
C2B HEM KA . -6.65 7.20 -29.75
C3B HEM KA . -5.74 7.35 -30.75
C4B HEM KA . -6.24 8.40 -31.63
CMB HEM KA . -6.56 6.20 -28.60
CAB HEM KA . -4.44 6.52 -30.90
CBB HEM KA . -3.42 6.88 -31.68
C1C HEM KA . -5.99 9.96 -33.54
C2C HEM KA . -5.39 10.40 -34.78
C3C HEM KA . -6.07 11.49 -35.18
C4C HEM KA . -7.12 11.75 -34.19
CMC HEM KA . -4.20 9.65 -35.43
CAC HEM KA . -5.86 12.38 -36.41
CBC HEM KA . -4.74 12.34 -37.16
C1D HEM KA . -9.30 12.73 -33.59
C2D HEM KA . -10.43 13.56 -33.95
C3D HEM KA . -11.46 13.22 -33.18
C4D HEM KA . -11.04 12.15 -32.30
CMD HEM KA . -10.42 14.66 -35.05
CAD HEM KA . -12.88 13.83 -33.24
CBD HEM KA . -13.56 12.96 -34.32
CGD HEM KA . -15.03 12.73 -34.07
O1D HEM KA . -15.70 13.59 -33.45
O2D HEM KA . -15.54 11.67 -34.55
NA HEM KA . -10.06 10.01 -30.45
NB HEM KA . -7.44 8.88 -31.11
NC HEM KA . -7.00 10.82 -33.23
ND HEM KA . -9.71 11.87 -32.58
FE HEM KA . -8.49 10.65 -31.70
N1 H4B LA . -18.08 11.89 -26.00
C2 H4B LA . -17.48 11.06 -26.87
N2 H4B LA . -16.16 10.79 -26.74
N3 H4B LA . -18.16 10.51 -27.90
C4 H4B LA . -19.46 10.79 -28.08
O4 H4B LA . -20.09 10.28 -29.03
C4A H4B LA . -20.11 11.65 -27.20
C8A H4B LA . -19.39 12.19 -26.15
N5 H4B LA . -21.41 11.94 -27.35
N8 H4B LA . -19.96 13.04 -25.25
C6 H4B LA . -21.84 13.20 -26.77
C7 H4B LA . -21.39 13.32 -25.31
C9 H4B LA . -23.33 13.44 -26.93
O9 H4B LA . -24.04 12.20 -26.75
C10 H4B LA . -23.79 14.51 -25.94
C11 H4B LA . -25.24 14.93 -26.15
O10 H4B LA . -22.96 15.67 -26.02
C02 K7U MA . -10.10 6.55 -32.19
C03 K7U MA . -9.14 7.01 -33.09
C04 K7U MA . -9.53 7.81 -34.17
C05 K7U MA . -10.85 8.13 -34.32
C06 K7U MA . -11.78 7.63 -33.41
C07 K7U MA . -8.51 8.31 -35.15
C08 K7U MA . -13.02 7.92 -33.56
C09 K7U MA . -14.16 8.21 -33.72
C10 K7U MA . -15.58 8.60 -33.74
C12 K7U MA . -16.85 9.08 -35.65
C13 K7U MA . -18.18 8.39 -35.48
C14 K7U MA . -17.50 7.46 -34.51
F15 K7U MA . -18.56 7.89 -36.66
F16 K7U MA . -19.10 9.08 -34.80
N01 K7U MA . -11.40 6.86 -32.37
N02 K7U MA . -9.76 5.79 -31.13
N11 K7U MA . -16.22 8.06 -34.89
C1 BTB NA . -12.97 -21.71 -14.12
O1 BTB NA . -11.61 -21.30 -14.20
C2 BTB NA . -13.83 -20.68 -14.85
C3 BTB NA . -13.90 -19.38 -14.05
O3 BTB NA . -14.55 -18.36 -14.83
C4 BTB NA . -13.17 -20.36 -16.20
O4 BTB NA . -14.18 -19.86 -17.07
N BTB NA . -15.21 -21.22 -15.07
C5 BTB NA . -15.97 -21.24 -13.81
C6 BTB NA . -17.34 -20.56 -13.95
O6 BTB NA . -18.08 -21.14 -15.01
C7 BTB NA . -15.21 -22.56 -15.71
C8 BTB NA . -15.72 -22.49 -17.16
O8 BTB NA . -16.93 -21.74 -17.24
C1 BTB OA . -20.43 10.02 -65.58
O1 BTB OA . -20.74 10.08 -64.18
C2 BTB OA . -19.22 10.89 -65.90
C3 BTB OA . -19.44 11.54 -67.27
O3 BTB OA . -19.43 12.97 -67.13
C4 BTB OA . -19.20 12.02 -64.88
O4 BTB OA . -18.16 12.94 -65.19
N BTB OA . -17.95 10.11 -65.94
C5 BTB OA . -16.90 10.85 -66.68
C6 BTB OA . -15.59 10.09 -66.86
O6 BTB OA . -15.24 9.57 -65.59
C7 BTB OA . -18.16 8.84 -66.67
C8 BTB OA . -17.83 7.64 -65.78
O8 BTB OA . -17.19 6.65 -66.57
C1 GOL PA . -23.29 9.66 -30.07
O1 GOL PA . -24.60 9.14 -29.98
C2 GOL PA . -23.28 10.86 -31.02
O2 GOL PA . -22.13 11.67 -30.81
C3 GOL PA . -23.34 10.40 -32.47
O3 GOL PA . -23.12 11.56 -33.24
CL CL QA . -16.37 3.80 -33.72
GD GD RA . -16.62 -19.16 -16.39
#